data_8XLC
#
_entry.id   8XLC
#
_entity_poly.entity_id   1
_entity_poly.type   'polypeptide(L)'
_entity_poly.pdbx_seq_one_letter_code
;QPKAAPSVTLFPPSSEELQANKATLVCLISDFYPGAVTVAWKADSSPVKAGVETTTPSKQSNNKYAASSYLSLTPEQWKS
HRSYSCQVTHEGSTVEKTVAPTESSENLYFQ
;
_entity_poly.pdbx_strand_id   A
#
# COMPACT_ATOMS: atom_id res chain seq x y z
N GLN A 1 11.49 -21.68 9.71
CA GLN A 1 11.96 -21.31 8.38
C GLN A 1 12.89 -20.10 8.44
N PRO A 2 13.69 -19.92 7.38
CA PRO A 2 14.64 -18.80 7.28
C PRO A 2 13.95 -17.46 7.12
N LYS A 3 14.73 -16.42 6.86
CA LYS A 3 14.19 -15.08 6.67
C LYS A 3 13.72 -14.87 5.23
N ALA A 4 12.61 -14.17 5.07
CA ALA A 4 12.07 -13.90 3.75
C ALA A 4 11.80 -12.41 3.56
N ALA A 5 11.91 -11.94 2.32
CA ALA A 5 11.68 -10.53 2.01
C ALA A 5 10.21 -10.28 1.66
N PRO A 6 9.69 -9.13 2.11
CA PRO A 6 8.30 -8.74 1.85
C PRO A 6 8.04 -8.41 0.39
N SER A 7 6.82 -8.66 -0.07
CA SER A 7 6.45 -8.39 -1.45
C SER A 7 5.68 -7.07 -1.56
N VAL A 8 5.66 -6.50 -2.76
CA VAL A 8 4.96 -5.25 -3.00
C VAL A 8 3.65 -5.48 -3.74
N THR A 9 2.53 -5.21 -3.06
CA THR A 9 1.22 -5.39 -3.66
C THR A 9 0.28 -4.26 -3.27
N LEU A 10 -0.12 -3.46 -4.26
CA LEU A 10 -1.02 -2.34 -4.03
C LEU A 10 -2.34 -2.53 -4.76
N PHE A 11 -3.42 -2.68 -4.00
CA PHE A 11 -4.74 -2.87 -4.58
C PHE A 11 -5.70 -1.78 -4.12
N PRO A 12 -5.67 -0.63 -4.83
CA PRO A 12 -6.53 0.51 -4.53
C PRO A 12 -8.00 0.24 -4.84
N PRO A 13 -8.88 1.12 -4.35
CA PRO A 13 -10.33 1.00 -4.57
C PRO A 13 -10.72 1.25 -6.01
N SER A 14 -12.02 1.23 -6.29
CA SER A 14 -12.53 1.46 -7.64
C SER A 14 -13.14 2.85 -7.76
N SER A 15 -13.63 3.17 -8.95
CA SER A 15 -14.24 4.47 -9.21
C SER A 15 -15.42 4.71 -8.27
N GLU A 16 -16.12 3.63 -7.91
CA GLU A 16 -17.26 3.73 -7.02
C GLU A 16 -16.88 4.39 -5.70
N GLU A 17 -15.64 4.15 -5.26
CA GLU A 17 -15.16 4.73 -4.02
C GLU A 17 -14.90 6.22 -4.17
N LEU A 18 -14.12 6.59 -5.18
CA LEU A 18 -13.79 7.98 -5.44
C LEU A 18 -15.07 8.81 -5.58
N GLN A 19 -16.08 8.24 -6.22
CA GLN A 19 -17.35 8.94 -6.41
C GLN A 19 -18.07 9.12 -5.08
N ALA A 20 -17.76 8.27 -4.11
CA ALA A 20 -18.38 8.35 -2.80
C ALA A 20 -17.56 9.23 -1.86
N ASN A 21 -16.62 9.99 -2.43
CA ASN A 21 -15.77 10.86 -1.64
C ASN A 21 -14.93 10.07 -0.64
N LYS A 22 -14.68 8.81 -0.98
CA LYS A 22 -13.88 7.93 -0.12
C LYS A 22 -12.90 7.11 -0.94
N ALA A 23 -11.78 6.73 -0.33
CA ALA A 23 -10.77 5.93 -1.01
C ALA A 23 -9.58 5.65 -0.09
N THR A 24 -9.38 4.38 0.25
CA THR A 24 -8.29 3.99 1.12
C THR A 24 -7.43 2.90 0.48
N LEU A 25 -6.15 3.16 0.34
CA LEU A 25 -5.23 2.19 -0.26
C LEU A 25 -4.57 1.33 0.82
N VAL A 26 -4.33 0.07 0.49
CA VAL A 26 -3.70 -0.86 1.42
C VAL A 26 -2.67 -1.73 0.73
N CYS A 27 -1.53 -1.94 1.38
CA CYS A 27 -0.45 -2.75 0.82
C CYS A 27 -0.35 -4.09 1.54
N LEU A 28 -0.37 -5.17 0.78
CA LEU A 28 -0.28 -6.51 1.34
C LEU A 28 1.18 -6.92 1.56
N ILE A 29 1.46 -7.51 2.71
CA ILE A 29 2.81 -7.95 3.04
C ILE A 29 2.83 -9.43 3.45
N SER A 30 3.40 -10.26 2.59
CA SER A 30 3.48 -11.69 2.87
C SER A 30 4.93 -12.18 2.79
N ASP A 31 5.22 -13.25 3.53
CA ASP A 31 6.56 -13.81 3.55
C ASP A 31 7.61 -12.73 3.79
N PHE A 32 7.60 -12.17 4.99
CA PHE A 32 8.55 -11.11 5.34
C PHE A 32 9.21 -11.40 6.69
N TYR A 33 9.92 -10.41 7.22
CA TYR A 33 10.60 -10.54 8.51
C TYR A 33 9.72 -11.30 9.50
N PRO A 34 10.35 -11.84 10.55
CA PRO A 34 9.65 -12.59 11.60
C PRO A 34 8.78 -11.69 12.46
N GLY A 35 7.69 -11.20 11.88
CA GLY A 35 6.79 -10.33 12.62
C GLY A 35 7.41 -8.99 12.95
N ALA A 36 8.54 -8.69 12.32
CA ALA A 36 9.24 -7.43 12.56
C ALA A 36 9.22 -6.55 11.32
N VAL A 37 8.39 -5.51 11.34
CA VAL A 37 8.28 -4.60 10.21
C VAL A 37 7.77 -3.24 10.66
N THR A 38 7.71 -2.29 9.73
CA THR A 38 7.25 -0.94 10.03
C THR A 38 6.17 -0.51 9.05
N VAL A 39 5.27 0.37 9.50
CA VAL A 39 4.19 0.87 8.66
C VAL A 39 4.44 2.33 8.27
N ALA A 40 4.67 2.55 6.99
CA ALA A 40 4.92 3.90 6.48
C ALA A 40 4.35 4.07 5.07
N TRP A 41 3.79 5.24 4.81
CA TRP A 41 3.21 5.52 3.49
C TRP A 41 3.69 6.88 2.96
N LYS A 42 3.81 6.99 1.65
CA LYS A 42 4.26 8.22 1.03
C LYS A 42 3.85 8.27 -0.45
N ALA A 43 3.61 9.47 -0.96
CA ALA A 43 3.23 9.64 -2.35
C ALA A 43 4.45 9.70 -3.26
N ASP A 44 4.58 8.71 -4.13
CA ASP A 44 5.71 8.65 -5.06
C ASP A 44 7.02 8.84 -4.32
N SER A 45 7.56 10.06 -4.39
CA SER A 45 8.83 10.37 -3.73
C SER A 45 8.60 11.21 -2.47
N SER A 46 7.57 12.05 -2.52
CA SER A 46 7.24 12.91 -1.39
C SER A 46 6.44 12.16 -0.34
N PRO A 47 6.57 12.56 0.93
CA PRO A 47 5.87 11.94 2.05
C PRO A 47 4.37 12.23 2.02
N VAL A 48 3.58 11.30 2.56
CA VAL A 48 2.14 11.47 2.60
C VAL A 48 1.65 11.71 4.02
N LYS A 49 0.40 12.17 4.15
CA LYS A 49 -0.18 12.44 5.45
C LYS A 49 0.25 11.39 6.47
N ALA A 50 0.26 10.13 6.05
CA ALA A 50 0.65 9.03 6.92
C ALA A 50 -0.39 8.79 8.00
N GLY A 51 -1.66 8.73 7.59
CA GLY A 51 -2.73 8.51 8.53
C GLY A 51 -3.05 7.03 8.72
N VAL A 52 -2.01 6.25 9.02
CA VAL A 52 -2.18 4.81 9.21
C VAL A 52 -2.08 4.45 10.69
N GLU A 53 -2.71 3.34 11.07
CA GLU A 53 -2.69 2.88 12.45
C GLU A 53 -2.89 1.37 12.53
N THR A 54 -1.86 0.62 12.11
CA THR A 54 -1.92 -0.84 12.13
C THR A 54 -1.25 -1.40 13.38
N THR A 55 -1.45 -2.69 13.62
CA THR A 55 -0.86 -3.34 14.79
C THR A 55 0.11 -4.43 14.36
N THR A 56 0.85 -4.97 15.33
CA THR A 56 1.81 -6.03 15.06
C THR A 56 1.20 -7.14 14.22
N PRO A 57 2.01 -7.74 13.34
CA PRO A 57 1.56 -8.83 12.47
C PRO A 57 1.30 -10.11 13.23
N SER A 58 0.94 -11.18 12.51
CA SER A 58 0.65 -12.46 13.12
C SER A 58 1.14 -13.60 12.25
N LYS A 59 1.27 -14.79 12.83
CA LYS A 59 1.73 -15.96 12.11
C LYS A 59 0.57 -16.63 11.36
N GLN A 60 0.87 -17.21 10.21
CA GLN A 60 -0.14 -17.89 9.40
C GLN A 60 0.20 -19.36 9.21
N SER A 61 -0.57 -20.04 8.36
CA SER A 61 -0.34 -21.46 8.10
C SER A 61 0.93 -21.67 7.30
N ASN A 62 1.53 -20.57 6.83
CA ASN A 62 2.76 -20.64 6.06
C ASN A 62 3.98 -20.72 6.97
N ASN A 63 3.73 -20.89 8.27
CA ASN A 63 4.80 -20.98 9.25
C ASN A 63 5.54 -19.65 9.39
N LYS A 64 5.00 -18.62 8.74
CA LYS A 64 5.61 -17.29 8.79
C LYS A 64 4.58 -16.24 9.21
N TYR A 65 5.01 -14.99 9.27
CA TYR A 65 4.13 -13.89 9.65
C TYR A 65 3.83 -12.99 8.46
N ALA A 66 2.83 -12.12 8.63
CA ALA A 66 2.44 -11.20 7.57
C ALA A 66 1.81 -9.93 8.14
N ALA A 67 1.98 -8.82 7.44
CA ALA A 67 1.43 -7.55 7.88
C ALA A 67 0.77 -6.80 6.72
N SER A 68 0.15 -5.67 7.03
CA SER A 68 -0.53 -4.87 6.01
C SER A 68 -0.85 -3.48 6.54
N SER A 69 -0.62 -2.47 5.72
CA SER A 69 -0.88 -1.08 6.11
C SER A 69 -1.97 -0.48 5.23
N TYR A 70 -2.86 0.29 5.85
CA TYR A 70 -3.95 0.93 5.13
C TYR A 70 -4.01 2.43 5.46
N LEU A 71 -3.84 3.26 4.43
CA LEU A 71 -3.89 4.70 4.61
C LEU A 71 -5.24 5.27 4.18
N SER A 72 -6.03 5.69 5.16
CA SER A 72 -7.35 6.25 4.88
C SER A 72 -7.27 7.76 4.65
N LEU A 73 -7.51 8.18 3.41
CA LEU A 73 -7.47 9.58 3.06
C LEU A 73 -8.46 9.90 1.96
N THR A 74 -8.62 11.19 1.64
CA THR A 74 -9.54 11.63 0.61
C THR A 74 -9.18 11.01 -0.74
N PRO A 75 -10.20 10.77 -1.58
CA PRO A 75 -10.01 10.19 -2.91
C PRO A 75 -9.33 11.14 -3.87
N GLU A 76 -9.64 12.43 -3.75
CA GLU A 76 -9.05 13.45 -4.61
C GLU A 76 -7.53 13.37 -4.59
N GLN A 77 -6.99 12.96 -3.44
CA GLN A 77 -5.55 12.85 -3.28
C GLN A 77 -4.98 11.77 -4.18
N TRP A 78 -5.78 10.73 -4.44
CA TRP A 78 -5.36 9.63 -5.29
C TRP A 78 -4.96 10.13 -6.68
N LYS A 79 -5.89 10.80 -7.35
CA LYS A 79 -5.63 11.33 -8.69
C LYS A 79 -4.75 12.57 -8.61
N SER A 80 -4.94 13.37 -7.56
CA SER A 80 -4.16 14.59 -7.37
C SER A 80 -2.68 14.27 -7.23
N HIS A 81 -2.37 13.20 -6.50
CA HIS A 81 -1.00 12.78 -6.28
C HIS A 81 -0.40 12.20 -7.56
N ARG A 82 0.91 11.98 -7.54
CA ARG A 82 1.61 11.43 -8.70
C ARG A 82 1.65 9.90 -8.62
N SER A 83 1.79 9.38 -7.41
CA SER A 83 1.86 7.93 -7.20
C SER A 83 1.87 7.60 -5.71
N TYR A 84 1.78 6.32 -5.40
CA TYR A 84 1.77 5.86 -4.02
C TYR A 84 2.96 4.94 -3.75
N SER A 85 3.35 4.85 -2.48
CA SER A 85 4.47 4.01 -2.09
C SER A 85 4.27 3.47 -0.67
N CYS A 86 4.72 2.24 -0.45
CA CYS A 86 4.59 1.61 0.86
C CYS A 86 5.96 1.29 1.45
N GLN A 87 6.30 1.98 2.53
CA GLN A 87 7.59 1.78 3.19
C GLN A 87 7.49 0.70 4.26
N VAL A 88 8.37 -0.29 4.18
CA VAL A 88 8.38 -1.39 5.14
C VAL A 88 9.80 -1.71 5.59
N THR A 89 9.95 -2.05 6.87
CA THR A 89 11.25 -2.37 7.43
C THR A 89 11.61 -3.83 7.16
N HIS A 90 12.51 -4.04 6.20
CA HIS A 90 12.94 -5.39 5.85
C HIS A 90 14.39 -5.38 5.35
N GLU A 91 15.21 -6.24 5.93
CA GLU A 91 16.61 -6.34 5.55
C GLU A 91 17.28 -4.96 5.60
N GLY A 92 16.77 -4.10 6.48
CA GLY A 92 17.33 -2.76 6.61
C GLY A 92 17.24 -1.97 5.32
N SER A 93 16.26 -2.30 4.49
CA SER A 93 16.07 -1.61 3.21
C SER A 93 14.60 -1.28 2.99
N THR A 94 14.35 -0.22 2.21
CA THR A 94 12.99 0.20 1.92
C THR A 94 12.68 0.06 0.43
N VAL A 95 11.44 -0.31 0.12
CA VAL A 95 11.02 -0.48 -1.26
C VAL A 95 10.14 0.69 -1.72
N GLU A 96 10.17 0.98 -3.00
CA GLU A 96 9.38 2.06 -3.56
C GLU A 96 8.82 1.68 -4.94
N LYS A 97 7.59 2.12 -5.21
CA LYS A 97 6.95 1.84 -6.49
C LYS A 97 6.01 2.98 -6.89
N THR A 98 5.69 3.04 -8.18
CA THR A 98 4.82 4.07 -8.70
C THR A 98 3.46 3.51 -9.09
N VAL A 99 2.40 4.07 -8.52
CA VAL A 99 1.04 3.61 -8.82
C VAL A 99 0.20 4.74 -9.41
N ALA A 100 -0.90 4.37 -10.05
CA ALA A 100 -1.80 5.34 -10.66
C ALA A 100 -3.22 4.79 -10.77
N PRO A 101 -4.20 5.70 -10.76
CA PRO A 101 -5.62 5.33 -10.86
C PRO A 101 -5.99 4.79 -12.24
N THR A 102 -5.54 5.48 -13.28
CA THR A 102 -5.82 5.07 -14.65
C THR A 102 -4.64 4.33 -15.25
N GLU A 103 -4.92 3.44 -16.20
CA GLU A 103 -3.88 2.67 -16.86
C GLU A 103 -4.21 2.45 -18.33
N SER A 104 -4.79 3.47 -18.96
CA SER A 104 -5.15 3.40 -20.37
C SER A 104 -5.66 4.75 -20.87
N SER A 105 -5.25 5.12 -22.07
CA SER A 105 -5.67 6.39 -22.66
C SER A 105 -6.33 6.16 -24.02
N GLU A 106 -5.82 5.19 -24.77
CA GLU A 106 -6.37 4.87 -26.09
C GLU A 106 -7.88 4.67 -26.02
N ASN A 107 -8.34 4.08 -24.91
CA ASN A 107 -9.76 3.82 -24.73
C ASN A 107 -10.17 4.10 -23.29
N LEU A 108 -11.26 4.86 -23.12
CA LEU A 108 -11.76 5.20 -21.80
C LEU A 108 -13.22 4.77 -21.64
N TYR A 109 -13.82 5.15 -20.53
CA TYR A 109 -15.22 4.81 -20.26
C TYR A 109 -16.16 5.73 -21.03
N PHE A 110 -17.32 5.21 -21.37
CA PHE A 110 -18.32 5.97 -22.12
C PHE A 110 -19.51 6.33 -21.23
N GLN A 111 -20.51 6.97 -21.82
CA GLN A 111 -21.71 7.37 -21.08
C GLN A 111 -22.29 6.19 -20.31
N GLN A 1 11.36 -21.35 10.54
CA GLN A 1 11.91 -21.03 9.23
C GLN A 1 12.87 -19.84 9.31
N PRO A 2 13.73 -19.69 8.30
CA PRO A 2 14.70 -18.60 8.24
C PRO A 2 14.05 -17.25 8.00
N LYS A 3 14.87 -16.24 7.76
CA LYS A 3 14.37 -14.89 7.51
C LYS A 3 14.01 -14.70 6.05
N ALA A 4 12.83 -14.14 5.80
CA ALA A 4 12.37 -13.91 4.43
C ALA A 4 12.11 -12.42 4.19
N ALA A 5 12.29 -11.98 2.95
CA ALA A 5 12.07 -10.59 2.59
C ALA A 5 10.63 -10.36 2.15
N PRO A 6 10.07 -9.20 2.54
CA PRO A 6 8.69 -8.84 2.21
C PRO A 6 8.53 -8.52 0.72
N SER A 7 7.31 -8.71 0.23
CA SER A 7 7.01 -8.45 -1.19
C SER A 7 6.21 -7.16 -1.35
N VAL A 8 6.22 -6.62 -2.55
CA VAL A 8 5.50 -5.37 -2.85
C VAL A 8 4.16 -5.67 -3.51
N THR A 9 3.08 -5.36 -2.80
CA THR A 9 1.73 -5.58 -3.31
C THR A 9 0.81 -4.42 -2.96
N LEU A 10 0.22 -3.81 -3.98
CA LEU A 10 -0.68 -2.69 -3.79
C LEU A 10 -2.01 -2.93 -4.52
N PHE A 11 -3.08 -3.06 -3.75
CA PHE A 11 -4.41 -3.30 -4.32
C PHE A 11 -5.36 -2.16 -3.94
N PRO A 12 -5.31 -1.07 -4.72
CA PRO A 12 -6.17 0.10 -4.50
C PRO A 12 -7.63 -0.17 -4.81
N PRO A 13 -8.52 0.74 -4.39
CA PRO A 13 -9.96 0.61 -4.62
C PRO A 13 -10.33 0.79 -6.09
N SER A 14 -11.63 0.74 -6.37
CA SER A 14 -12.11 0.89 -7.74
C SER A 14 -12.75 2.26 -7.95
N SER A 15 -13.22 2.51 -9.16
CA SER A 15 -13.85 3.78 -9.49
C SER A 15 -15.06 4.04 -8.60
N GLU A 16 -15.74 2.97 -8.20
CA GLU A 16 -16.90 3.08 -7.34
C GLU A 16 -16.57 3.81 -6.05
N GLU A 17 -15.35 3.60 -5.56
CA GLU A 17 -14.91 4.26 -4.33
C GLU A 17 -14.66 5.75 -4.56
N LEU A 18 -13.85 6.06 -5.56
CA LEU A 18 -13.53 7.44 -5.89
C LEU A 18 -14.79 8.26 -6.11
N GLN A 19 -15.80 7.63 -6.72
CA GLN A 19 -17.06 8.29 -6.99
C GLN A 19 -17.83 8.57 -5.70
N ALA A 20 -17.54 7.78 -4.67
CA ALA A 20 -18.19 7.94 -3.38
C ALA A 20 -17.39 8.87 -2.47
N ASN A 21 -16.46 9.62 -3.07
CA ASN A 21 -15.63 10.55 -2.31
C ASN A 21 -14.81 9.82 -1.26
N LYS A 22 -14.53 8.55 -1.52
CA LYS A 22 -13.75 7.73 -0.58
C LYS A 22 -12.77 6.84 -1.34
N ALA A 23 -11.65 6.53 -0.69
CA ALA A 23 -10.62 5.69 -1.29
C ALA A 23 -9.51 5.38 -0.31
N THR A 24 -9.39 4.11 0.08
CA THR A 24 -8.37 3.68 1.02
C THR A 24 -7.46 2.63 0.41
N LEU A 25 -6.17 2.94 0.31
CA LEU A 25 -5.21 2.00 -0.25
C LEU A 25 -4.52 1.20 0.84
N VAL A 26 -4.27 -0.08 0.57
CA VAL A 26 -3.62 -0.96 1.54
C VAL A 26 -2.57 -1.83 0.85
N CYS A 27 -1.43 -2.01 1.51
CA CYS A 27 -0.35 -2.82 0.97
C CYS A 27 -0.25 -4.16 1.71
N LEU A 28 -0.19 -5.24 0.95
CA LEU A 28 -0.09 -6.57 1.53
C LEU A 28 1.36 -6.97 1.76
N ILE A 29 1.64 -7.54 2.92
CA ILE A 29 2.99 -7.97 3.27
C ILE A 29 3.01 -9.43 3.70
N SER A 30 3.58 -10.29 2.86
CA SER A 30 3.67 -11.71 3.15
C SER A 30 5.11 -12.20 3.10
N ASP A 31 5.41 -13.27 3.82
CA ASP A 31 6.75 -13.83 3.86
C ASP A 31 7.79 -12.75 4.11
N PHE A 32 7.82 -12.22 5.33
CA PHE A 32 8.77 -11.17 5.68
C PHE A 32 9.38 -11.43 7.05
N TYR A 33 10.07 -10.44 7.58
CA TYR A 33 10.71 -10.57 8.90
C TYR A 33 9.80 -11.30 9.88
N PRO A 34 10.41 -11.82 10.96
CA PRO A 34 9.67 -12.56 11.99
C PRO A 34 8.76 -11.65 12.81
N GLY A 35 7.70 -11.16 12.19
CA GLY A 35 6.76 -10.29 12.88
C GLY A 35 7.37 -8.94 13.21
N ALA A 36 8.52 -8.64 12.60
CA ALA A 36 9.20 -7.38 12.84
C ALA A 36 9.20 -6.50 11.58
N VAL A 37 8.38 -5.46 11.59
CA VAL A 37 8.28 -4.56 10.45
C VAL A 37 7.77 -3.19 10.89
N THR A 38 7.73 -2.26 9.94
CA THR A 38 7.26 -0.90 10.22
C THR A 38 6.22 -0.46 9.20
N VAL A 39 5.26 0.34 9.65
CA VAL A 39 4.20 0.84 8.78
C VAL A 39 4.46 2.28 8.36
N ALA A 40 4.74 2.48 7.08
CA ALA A 40 5.01 3.82 6.56
C ALA A 40 4.48 3.96 5.13
N TRP A 41 3.92 5.13 4.83
CA TRP A 41 3.38 5.39 3.50
C TRP A 41 3.88 6.74 2.97
N LYS A 42 4.06 6.81 1.65
CA LYS A 42 4.53 8.04 1.01
C LYS A 42 4.19 8.04 -0.48
N ALA A 43 3.98 9.24 -1.02
CA ALA A 43 3.64 9.38 -2.44
C ALA A 43 4.90 9.39 -3.30
N ASP A 44 5.00 8.42 -4.20
CA ASP A 44 6.16 8.32 -5.08
C ASP A 44 7.46 8.57 -4.31
N SER A 45 7.96 9.81 -4.40
CA SER A 45 9.20 10.17 -3.71
C SER A 45 8.90 11.06 -2.51
N SER A 46 7.87 11.88 -2.62
CA SER A 46 7.49 12.78 -1.54
C SER A 46 6.67 12.04 -0.48
N PRO A 47 6.79 12.50 0.77
CA PRO A 47 6.07 11.90 1.91
C PRO A 47 4.57 12.17 1.84
N VAL A 48 3.78 11.22 2.34
CA VAL A 48 2.33 11.36 2.34
C VAL A 48 1.80 11.64 3.74
N LYS A 49 0.56 12.08 3.83
CA LYS A 49 -0.07 12.40 5.11
C LYS A 49 0.34 11.38 6.17
N ALA A 50 0.40 10.11 5.77
CA ALA A 50 0.79 9.04 6.70
C ALA A 50 -0.26 8.85 7.78
N GLY A 51 -1.53 8.78 7.37
CA GLY A 51 -2.61 8.60 8.32
C GLY A 51 -2.94 7.13 8.55
N VAL A 52 -1.91 6.33 8.84
CA VAL A 52 -2.10 4.91 9.07
C VAL A 52 -2.00 4.58 10.57
N GLU A 53 -2.61 3.46 10.96
CA GLU A 53 -2.60 3.05 12.35
C GLU A 53 -2.83 1.54 12.47
N THR A 54 -1.83 0.76 12.05
CA THR A 54 -1.94 -0.70 12.10
C THR A 54 -1.25 -1.25 13.34
N THR A 55 -1.48 -2.52 13.62
CA THR A 55 -0.89 -3.17 14.79
C THR A 55 0.09 -4.26 14.37
N THR A 56 0.83 -4.79 15.35
CA THR A 56 1.81 -5.84 15.08
C THR A 56 1.19 -6.95 14.24
N PRO A 57 2.03 -7.59 13.41
CA PRO A 57 1.59 -8.69 12.54
C PRO A 57 1.25 -9.95 13.31
N SER A 58 0.83 -10.99 12.60
CA SER A 58 0.46 -12.25 13.23
C SER A 58 1.02 -13.43 12.44
N LYS A 59 1.11 -14.59 13.09
CA LYS A 59 1.62 -15.79 12.45
C LYS A 59 0.52 -16.50 11.67
N GLN A 60 0.89 -17.09 10.53
CA GLN A 60 -0.07 -17.79 9.69
C GLN A 60 0.33 -19.27 9.54
N SER A 61 -0.46 -20.01 8.77
CA SER A 61 -0.19 -21.42 8.55
C SER A 61 1.11 -21.62 7.78
N ASN A 62 1.64 -20.52 7.24
CA ASN A 62 2.89 -20.57 6.48
C ASN A 62 4.09 -20.65 7.41
N ASN A 63 3.82 -20.77 8.71
CA ASN A 63 4.88 -20.87 9.70
C ASN A 63 5.61 -19.53 9.85
N LYS A 64 5.09 -18.50 9.18
CA LYS A 64 5.68 -17.18 9.25
C LYS A 64 4.63 -16.13 9.61
N TYR A 65 5.05 -14.87 9.65
CA TYR A 65 4.14 -13.77 10.00
C TYR A 65 3.84 -12.91 8.77
N ALA A 66 2.84 -12.04 8.90
CA ALA A 66 2.45 -11.17 7.81
C ALA A 66 1.82 -9.88 8.33
N ALA A 67 2.08 -8.77 7.64
CA ALA A 67 1.53 -7.48 8.04
C ALA A 67 0.90 -6.76 6.86
N SER A 68 0.26 -5.63 7.14
CA SER A 68 -0.40 -4.85 6.09
C SER A 68 -0.76 -3.45 6.59
N SER A 69 -0.48 -2.45 5.77
CA SER A 69 -0.77 -1.07 6.13
C SER A 69 -1.78 -0.45 5.17
N TYR A 70 -2.74 0.28 5.74
CA TYR A 70 -3.78 0.93 4.93
C TYR A 70 -3.86 2.42 5.24
N LEU A 71 -3.66 3.24 4.23
CA LEU A 71 -3.70 4.69 4.39
C LEU A 71 -5.05 5.24 3.92
N SER A 72 -5.88 5.67 4.87
CA SER A 72 -7.19 6.21 4.56
C SER A 72 -7.10 7.71 4.27
N LEU A 73 -7.33 8.08 3.01
CA LEU A 73 -7.27 9.48 2.61
C LEU A 73 -8.27 9.75 1.47
N THR A 74 -8.41 11.03 1.12
CA THR A 74 -9.32 11.43 0.06
C THR A 74 -8.96 10.74 -1.26
N PRO A 75 -9.98 10.47 -2.08
CA PRO A 75 -9.80 9.82 -3.38
C PRO A 75 -9.09 10.72 -4.38
N GLU A 76 -9.41 12.01 -4.35
CA GLU A 76 -8.79 12.97 -5.25
C GLU A 76 -7.27 12.91 -5.18
N GLN A 77 -6.76 12.58 -4.00
CA GLN A 77 -5.32 12.48 -3.80
C GLN A 77 -4.72 11.36 -4.63
N TRP A 78 -5.50 10.31 -4.85
CA TRP A 78 -5.05 9.17 -5.64
C TRP A 78 -4.64 9.59 -7.03
N LYS A 79 -5.56 10.22 -7.76
CA LYS A 79 -5.28 10.69 -9.11
C LYS A 79 -4.41 11.95 -9.09
N SER A 80 -4.61 12.77 -8.07
CA SER A 80 -3.85 14.00 -7.93
C SER A 80 -2.36 13.71 -7.75
N HIS A 81 -2.06 12.71 -6.94
CA HIS A 81 -0.68 12.32 -6.69
C HIS A 81 -0.07 11.65 -7.90
N ARG A 82 1.26 11.44 -7.87
CA ARG A 82 1.95 10.80 -8.98
C ARG A 82 1.96 9.29 -8.83
N SER A 83 2.17 8.83 -7.60
CA SER A 83 2.20 7.40 -7.30
C SER A 83 2.24 7.15 -5.80
N TYR A 84 2.08 5.88 -5.41
CA TYR A 84 2.10 5.51 -4.01
C TYR A 84 3.29 4.61 -3.70
N SER A 85 3.66 4.56 -2.42
CA SER A 85 4.80 3.75 -2.00
C SER A 85 4.59 3.24 -0.57
N CYS A 86 4.94 1.99 -0.33
CA CYS A 86 4.80 1.38 0.98
C CYS A 86 6.16 1.10 1.60
N GLN A 87 6.48 1.82 2.67
CA GLN A 87 7.76 1.65 3.36
C GLN A 87 7.64 0.59 4.46
N VAL A 88 8.55 -0.38 4.43
CA VAL A 88 8.55 -1.45 5.43
C VAL A 88 9.97 -1.73 5.92
N THR A 89 10.08 -2.00 7.22
CA THR A 89 11.39 -2.28 7.83
C THR A 89 11.77 -3.74 7.65
N HIS A 90 12.66 -4.01 6.71
CA HIS A 90 13.11 -5.37 6.44
C HIS A 90 14.58 -5.39 6.04
N GLU A 91 15.40 -6.11 6.80
CA GLU A 91 16.82 -6.22 6.53
C GLU A 91 17.45 -4.83 6.45
N GLY A 92 16.90 -3.89 7.20
CA GLY A 92 17.42 -2.53 7.20
C GLY A 92 17.34 -1.89 5.84
N SER A 93 16.39 -2.32 5.02
CA SER A 93 16.22 -1.78 3.67
C SER A 93 14.75 -1.45 3.41
N THR A 94 14.52 -0.40 2.64
CA THR A 94 13.16 0.03 2.30
C THR A 94 12.88 -0.17 0.83
N VAL A 95 11.63 -0.52 0.52
CA VAL A 95 11.22 -0.74 -0.86
C VAL A 95 10.37 0.42 -1.38
N GLU A 96 10.47 0.69 -2.68
CA GLU A 96 9.71 1.76 -3.29
C GLU A 96 9.19 1.35 -4.67
N LYS A 97 7.96 1.76 -4.97
CA LYS A 97 7.34 1.44 -6.26
C LYS A 97 6.42 2.56 -6.72
N THR A 98 6.12 2.58 -8.02
CA THR A 98 5.25 3.59 -8.58
C THR A 98 3.90 3.00 -8.97
N VAL A 99 2.82 3.54 -8.38
CA VAL A 99 1.48 3.07 -8.67
C VAL A 99 0.65 4.15 -9.35
N ALA A 100 -0.45 3.75 -9.98
CA ALA A 100 -1.33 4.69 -10.66
C ALA A 100 -2.73 4.11 -10.79
N PRO A 101 -3.73 5.01 -10.88
CA PRO A 101 -5.13 4.62 -11.02
C PRO A 101 -5.44 4.00 -12.38
N THR A 102 -4.78 4.50 -13.42
CA THR A 102 -4.97 4.01 -14.77
C THR A 102 -3.91 4.53 -15.71
N GLU A 103 -3.63 3.77 -16.76
CA GLU A 103 -2.62 4.16 -17.74
C GLU A 103 -3.26 4.47 -19.10
N SER A 104 -4.45 5.07 -19.06
CA SER A 104 -5.18 5.40 -20.28
C SER A 104 -6.46 6.15 -19.95
N SER A 105 -6.72 7.21 -20.71
CA SER A 105 -7.91 8.03 -20.51
C SER A 105 -8.56 8.40 -21.84
N GLU A 106 -9.10 7.40 -22.53
CA GLU A 106 -9.74 7.63 -23.82
C GLU A 106 -10.93 6.68 -24.00
N ASN A 107 -11.71 6.93 -25.05
CA ASN A 107 -12.88 6.10 -25.34
C ASN A 107 -13.77 5.96 -24.12
N LEU A 108 -13.96 7.07 -23.40
CA LEU A 108 -14.79 7.08 -22.20
C LEU A 108 -16.26 7.20 -22.56
N TYR A 109 -17.13 7.08 -21.57
CA TYR A 109 -18.57 7.18 -21.78
C TYR A 109 -18.93 8.54 -22.39
N PHE A 110 -19.99 8.54 -23.19
CA PHE A 110 -20.44 9.77 -23.83
C PHE A 110 -21.80 10.21 -23.28
N GLN A 111 -22.54 9.25 -22.74
CA GLN A 111 -23.85 9.54 -22.17
C GLN A 111 -23.75 10.51 -21.00
N GLN A 1 11.59 -21.80 9.20
CA GLN A 1 11.79 -21.51 7.79
C GLN A 1 12.77 -20.36 7.60
N PRO A 2 13.36 -20.26 6.40
CA PRO A 2 14.32 -19.21 6.07
C PRO A 2 13.67 -17.83 5.98
N LYS A 3 14.45 -16.84 5.58
CA LYS A 3 13.95 -15.48 5.44
C LYS A 3 13.29 -15.27 4.09
N ALA A 4 12.22 -14.48 4.07
CA ALA A 4 11.50 -14.20 2.84
C ALA A 4 11.27 -12.71 2.66
N ALA A 5 11.17 -12.27 1.41
CA ALA A 5 10.94 -10.85 1.11
C ALA A 5 9.45 -10.54 1.03
N PRO A 6 9.07 -9.36 1.53
CA PRO A 6 7.67 -8.92 1.53
C PRO A 6 7.17 -8.58 0.13
N SER A 7 5.92 -8.90 -0.14
CA SER A 7 5.31 -8.65 -1.44
C SER A 7 4.55 -7.33 -1.44
N VAL A 8 4.61 -6.62 -2.56
CA VAL A 8 3.91 -5.34 -2.69
C VAL A 8 2.55 -5.51 -3.36
N THR A 9 1.51 -5.23 -2.60
CA THR A 9 0.14 -5.35 -3.12
C THR A 9 -0.73 -4.20 -2.64
N LEU A 10 -1.20 -3.39 -3.59
CA LEU A 10 -2.05 -2.25 -3.27
C LEU A 10 -3.46 -2.44 -3.85
N PHE A 11 -4.45 -2.47 -2.97
CA PHE A 11 -5.83 -2.64 -3.38
C PHE A 11 -6.70 -1.51 -2.87
N PRO A 12 -6.69 -0.38 -3.58
CA PRO A 12 -7.47 0.81 -3.22
C PRO A 12 -8.97 0.59 -3.40
N PRO A 13 -9.78 1.51 -2.83
CA PRO A 13 -11.24 1.44 -2.92
C PRO A 13 -11.75 1.71 -4.34
N SER A 14 -13.07 1.74 -4.50
CA SER A 14 -13.68 1.98 -5.79
C SER A 14 -14.27 3.39 -5.86
N SER A 15 -14.84 3.73 -7.00
CA SER A 15 -15.45 5.05 -7.20
C SER A 15 -16.54 5.30 -6.17
N GLU A 16 -17.24 4.23 -5.77
CA GLU A 16 -18.31 4.34 -4.79
C GLU A 16 -17.81 4.97 -3.50
N GLU A 17 -16.58 4.65 -3.13
CA GLU A 17 -15.98 5.18 -1.91
C GLU A 17 -15.66 6.67 -2.07
N LEU A 18 -14.94 7.00 -3.13
CA LEU A 18 -14.56 8.39 -3.40
C LEU A 18 -15.79 9.28 -3.44
N GLN A 19 -16.88 8.76 -3.98
CA GLN A 19 -18.12 9.51 -4.08
C GLN A 19 -18.72 9.76 -2.70
N ALA A 20 -18.38 8.90 -1.74
CA ALA A 20 -18.88 9.03 -0.38
C ALA A 20 -17.93 9.86 0.47
N ASN A 21 -17.01 10.58 -0.19
CA ASN A 21 -16.05 11.42 0.51
C ASN A 21 -15.17 10.58 1.43
N LYS A 22 -15.00 9.31 1.08
CA LYS A 22 -14.17 8.40 1.86
C LYS A 22 -13.33 7.51 0.95
N ALA A 23 -12.12 7.17 1.40
CA ALA A 23 -11.23 6.32 0.64
C ALA A 23 -9.97 5.99 1.43
N THR A 24 -9.79 4.71 1.72
CA THR A 24 -8.62 4.26 2.48
C THR A 24 -7.84 3.21 1.72
N LEU A 25 -6.52 3.34 1.71
CA LEU A 25 -5.65 2.39 1.01
C LEU A 25 -4.81 1.59 2.00
N VAL A 26 -4.67 0.30 1.73
CA VAL A 26 -3.88 -0.58 2.59
C VAL A 26 -3.02 -1.53 1.76
N CYS A 27 -1.77 -1.70 2.19
CA CYS A 27 -0.84 -2.59 1.50
C CYS A 27 -0.73 -3.93 2.22
N LEU A 28 -0.93 -5.02 1.48
CA LEU A 28 -0.85 -6.36 2.05
C LEU A 28 0.60 -6.84 2.08
N ILE A 29 0.98 -7.44 3.20
CA ILE A 29 2.34 -7.95 3.36
C ILE A 29 2.33 -9.42 3.78
N SER A 30 2.97 -10.27 2.98
CA SER A 30 3.03 -11.70 3.27
C SER A 30 4.42 -12.25 3.00
N ASP A 31 4.78 -13.32 3.70
CA ASP A 31 6.08 -13.94 3.53
C ASP A 31 7.20 -12.89 3.58
N PHE A 32 7.39 -12.29 4.75
CA PHE A 32 8.42 -11.29 4.93
C PHE A 32 9.24 -11.56 6.18
N TYR A 33 10.07 -10.60 6.57
CA TYR A 33 10.91 -10.74 7.75
C TYR A 33 10.16 -11.43 8.89
N PRO A 34 10.92 -11.97 9.85
CA PRO A 34 10.35 -12.67 11.00
C PRO A 34 9.64 -11.72 11.96
N GLY A 35 8.50 -11.18 11.52
CA GLY A 35 7.74 -10.27 12.35
C GLY A 35 8.45 -8.95 12.55
N ALA A 36 9.50 -8.71 11.77
CA ALA A 36 10.27 -7.48 11.87
C ALA A 36 10.11 -6.63 10.61
N VAL A 37 9.34 -5.56 10.72
CA VAL A 37 9.11 -4.66 9.60
C VAL A 37 8.74 -3.26 10.06
N THR A 38 8.61 -2.33 9.12
CA THR A 38 8.26 -0.95 9.44
C THR A 38 7.08 -0.49 8.60
N VAL A 39 6.22 0.34 9.19
CA VAL A 39 5.06 0.88 8.50
C VAL A 39 5.29 2.31 8.05
N ALA A 40 5.35 2.51 6.74
CA ALA A 40 5.57 3.84 6.18
C ALA A 40 4.81 4.01 4.86
N TRP A 41 4.24 5.18 4.66
CA TRP A 41 3.48 5.48 3.45
C TRP A 41 3.91 6.81 2.85
N LYS A 42 3.89 6.89 1.53
CA LYS A 42 4.28 8.11 0.82
C LYS A 42 3.73 8.12 -0.60
N ALA A 43 3.46 9.32 -1.11
CA ALA A 43 2.94 9.47 -2.46
C ALA A 43 4.07 9.51 -3.49
N ASP A 44 4.04 8.57 -4.43
CA ASP A 44 5.06 8.50 -5.47
C ASP A 44 6.45 8.70 -4.88
N SER A 45 6.95 9.92 -4.98
CA SER A 45 8.28 10.25 -4.46
C SER A 45 8.18 11.12 -3.21
N SER A 46 7.15 11.95 -3.16
CA SER A 46 6.93 12.84 -2.02
C SER A 46 6.25 12.09 -0.88
N PRO A 47 6.55 12.52 0.36
CA PRO A 47 5.97 11.91 1.56
C PRO A 47 4.49 12.20 1.71
N VAL A 48 3.77 11.28 2.35
CA VAL A 48 2.34 11.43 2.55
C VAL A 48 2.02 11.73 4.01
N LYS A 49 0.80 12.20 4.27
CA LYS A 49 0.38 12.53 5.63
C LYS A 49 0.93 11.52 6.62
N ALA A 50 0.89 10.24 6.26
CA ALA A 50 1.39 9.18 7.12
C ALA A 50 0.51 9.03 8.36
N GLY A 51 -0.78 8.85 8.15
CA GLY A 51 -1.70 8.69 9.26
C GLY A 51 -2.07 7.23 9.51
N VAL A 52 -1.06 6.39 9.63
CA VAL A 52 -1.28 4.96 9.87
C VAL A 52 -0.84 4.57 11.28
N GLU A 53 -1.65 3.74 11.93
CA GLU A 53 -1.35 3.29 13.28
C GLU A 53 -1.52 1.78 13.41
N THR A 54 -0.58 1.03 12.86
CA THR A 54 -0.64 -0.43 12.90
C THR A 54 0.21 -0.97 14.05
N THR A 55 0.04 -2.25 14.35
CA THR A 55 0.77 -2.90 15.43
C THR A 55 1.64 -4.03 14.89
N THR A 56 2.50 -4.57 15.76
CA THR A 56 3.38 -5.66 15.38
C THR A 56 2.61 -6.78 14.68
N PRO A 57 3.26 -7.43 13.71
CA PRO A 57 2.65 -8.53 12.95
C PRO A 57 2.45 -9.79 13.80
N SER A 58 1.92 -10.84 13.18
CA SER A 58 1.68 -12.09 13.88
C SER A 58 2.01 -13.28 12.99
N LYS A 59 2.19 -14.45 13.61
CA LYS A 59 2.51 -15.66 12.87
C LYS A 59 1.25 -16.33 12.35
N GLN A 60 1.34 -16.92 11.16
CA GLN A 60 0.20 -17.61 10.55
C GLN A 60 0.50 -19.08 10.32
N SER A 61 -0.45 -19.79 9.73
CA SER A 61 -0.29 -21.21 9.46
C SER A 61 0.82 -21.45 8.45
N ASN A 62 1.26 -20.38 7.80
CA ASN A 62 2.32 -20.47 6.80
C ASN A 62 3.69 -20.61 7.47
N ASN A 63 3.69 -20.71 8.79
CA ASN A 63 4.91 -20.85 9.55
C ASN A 63 5.71 -19.55 9.55
N LYS A 64 5.11 -18.51 8.98
CA LYS A 64 5.76 -17.20 8.92
C LYS A 64 4.84 -16.11 9.48
N TYR A 65 5.32 -14.88 9.44
CA TYR A 65 4.54 -13.74 9.94
C TYR A 65 4.08 -12.85 8.79
N ALA A 66 3.14 -11.96 9.09
CA ALA A 66 2.62 -11.04 8.08
C ALA A 66 2.15 -9.74 8.72
N ALA A 67 2.20 -8.65 7.94
CA ALA A 67 1.78 -7.35 8.43
C ALA A 67 0.97 -6.60 7.37
N SER A 68 0.48 -5.42 7.74
CA SER A 68 -0.31 -4.60 6.82
C SER A 68 -0.44 -3.18 7.34
N SER A 69 -0.43 -2.22 6.42
CA SER A 69 -0.54 -0.81 6.78
C SER A 69 -1.70 -0.15 6.04
N TYR A 70 -2.66 0.36 6.80
CA TYR A 70 -3.84 1.01 6.21
C TYR A 70 -3.85 2.50 6.55
N LEU A 71 -3.74 3.33 5.52
CA LEU A 71 -3.74 4.78 5.70
C LEU A 71 -5.12 5.36 5.40
N SER A 72 -5.71 6.01 6.39
CA SER A 72 -7.03 6.62 6.24
C SER A 72 -6.91 8.11 5.93
N LEU A 73 -7.28 8.49 4.72
CA LEU A 73 -7.21 9.88 4.30
C LEU A 73 -8.34 10.21 3.31
N THR A 74 -8.53 11.49 3.05
CA THR A 74 -9.56 11.94 2.13
C THR A 74 -9.38 11.31 0.76
N PRO A 75 -10.50 11.12 0.04
CA PRO A 75 -10.48 10.53 -1.31
C PRO A 75 -9.86 11.46 -2.34
N GLU A 76 -10.13 12.75 -2.22
CA GLU A 76 -9.60 13.73 -3.14
C GLU A 76 -8.08 13.61 -3.26
N GLN A 77 -7.44 13.19 -2.16
CA GLN A 77 -6.00 13.03 -2.13
C GLN A 77 -5.55 11.94 -3.10
N TRP A 78 -6.42 10.96 -3.31
CA TRP A 78 -6.11 9.85 -4.21
C TRP A 78 -5.90 10.35 -5.63
N LYS A 79 -6.92 10.99 -6.19
CA LYS A 79 -6.84 11.53 -7.55
C LYS A 79 -5.86 12.69 -7.62
N SER A 80 -5.87 13.52 -6.59
CA SER A 80 -4.97 14.68 -6.53
C SER A 80 -3.51 14.24 -6.53
N HIS A 81 -3.24 13.16 -5.83
CA HIS A 81 -1.88 12.63 -5.74
C HIS A 81 -1.45 12.00 -7.06
N ARG A 82 -0.14 11.83 -7.24
CA ARG A 82 0.40 11.25 -8.46
C ARG A 82 0.41 9.72 -8.38
N SER A 83 0.75 9.20 -7.21
CA SER A 83 0.81 7.76 -6.99
C SER A 83 1.03 7.44 -5.51
N TYR A 84 0.89 6.16 -5.17
CA TYR A 84 1.08 5.72 -3.80
C TYR A 84 2.29 4.79 -3.68
N SER A 85 2.87 4.73 -2.48
CA SER A 85 4.02 3.87 -2.24
C SER A 85 4.03 3.38 -0.80
N CYS A 86 4.32 2.08 -0.64
CA CYS A 86 4.36 1.48 0.69
C CYS A 86 5.79 1.11 1.07
N GLN A 87 6.35 1.85 2.04
CA GLN A 87 7.71 1.61 2.50
C GLN A 87 7.73 0.59 3.63
N VAL A 88 8.53 -0.46 3.46
CA VAL A 88 8.64 -1.50 4.48
C VAL A 88 10.09 -1.88 4.72
N THR A 89 10.43 -2.16 5.98
CA THR A 89 11.78 -2.54 6.34
C THR A 89 12.03 -4.01 6.08
N HIS A 90 12.74 -4.32 5.00
CA HIS A 90 13.04 -5.70 4.64
C HIS A 90 14.40 -5.79 3.95
N GLU A 91 15.27 -6.66 4.45
CA GLU A 91 16.59 -6.84 3.89
C GLU A 91 17.32 -5.51 3.76
N GLY A 92 16.97 -4.56 4.64
CA GLY A 92 17.61 -3.25 4.61
C GLY A 92 17.37 -2.52 3.30
N SER A 93 16.26 -2.85 2.63
CA SER A 93 15.93 -2.23 1.36
C SER A 93 14.46 -1.80 1.33
N THR A 94 14.16 -0.80 0.50
CA THR A 94 12.80 -0.30 0.39
C THR A 94 12.30 -0.40 -1.05
N VAL A 95 11.01 -0.69 -1.21
CA VAL A 95 10.41 -0.82 -2.54
C VAL A 95 9.49 0.36 -2.82
N GLU A 96 9.34 0.67 -4.11
CA GLU A 96 8.47 1.78 -4.52
C GLU A 96 7.70 1.42 -5.80
N LYS A 97 6.44 1.82 -5.85
CA LYS A 97 5.59 1.55 -7.00
C LYS A 97 4.68 2.73 -7.30
N THR A 98 4.18 2.78 -8.54
CA THR A 98 3.30 3.86 -8.96
C THR A 98 1.88 3.37 -9.15
N VAL A 99 0.94 3.95 -8.39
CA VAL A 99 -0.46 3.57 -8.48
C VAL A 99 -1.32 4.73 -8.97
N ALA A 100 -2.51 4.41 -9.47
CA ALA A 100 -3.42 5.42 -9.97
C ALA A 100 -4.86 4.92 -9.96
N PRO A 101 -5.81 5.84 -9.77
CA PRO A 101 -7.24 5.52 -9.73
C PRO A 101 -7.78 5.11 -11.10
N THR A 102 -7.41 5.87 -12.12
CA THR A 102 -7.86 5.58 -13.48
C THR A 102 -6.88 6.14 -14.51
N GLU A 103 -6.33 5.26 -15.35
CA GLU A 103 -5.38 5.66 -16.38
C GLU A 103 -6.02 6.65 -17.34
N SER A 104 -5.30 6.98 -18.41
CA SER A 104 -5.78 7.92 -19.40
C SER A 104 -6.46 7.19 -20.56
N SER A 105 -7.16 6.12 -20.24
CA SER A 105 -7.86 5.32 -21.26
C SER A 105 -6.91 4.94 -22.39
N GLU A 106 -5.72 4.47 -22.03
CA GLU A 106 -4.73 4.08 -23.02
C GLU A 106 -5.08 2.73 -23.63
N ASN A 107 -4.81 2.59 -24.93
CA ASN A 107 -5.11 1.36 -25.64
C ASN A 107 -6.61 1.07 -25.65
N LEU A 108 -7.38 1.98 -26.22
CA LEU A 108 -8.82 1.83 -26.30
C LEU A 108 -9.36 2.34 -27.63
N TYR A 109 -10.60 1.97 -27.93
CA TYR A 109 -11.24 2.39 -29.18
C TYR A 109 -11.94 3.74 -29.01
N PHE A 110 -12.19 4.41 -30.13
CA PHE A 110 -12.86 5.70 -30.12
C PHE A 110 -14.27 5.60 -30.69
N GLN A 111 -14.97 6.73 -30.75
CA GLN A 111 -16.33 6.76 -31.27
C GLN A 111 -16.55 8.02 -32.11
N GLN A 1 12.25 -21.64 10.05
CA GLN A 1 12.68 -21.26 8.71
C GLN A 1 13.50 -19.98 8.74
N PRO A 2 14.27 -19.74 7.66
CA PRO A 2 15.13 -18.56 7.54
C PRO A 2 14.32 -17.28 7.36
N LYS A 3 15.02 -16.17 7.14
CA LYS A 3 14.37 -14.88 6.95
C LYS A 3 13.89 -14.72 5.51
N ALA A 4 12.88 -13.89 5.31
CA ALA A 4 12.35 -13.63 3.99
C ALA A 4 12.05 -12.15 3.77
N ALA A 5 11.99 -11.74 2.52
CA ALA A 5 11.72 -10.35 2.18
C ALA A 5 10.22 -10.11 2.01
N PRO A 6 9.74 -8.98 2.53
CA PRO A 6 8.32 -8.61 2.45
C PRO A 6 7.91 -8.24 1.02
N SER A 7 7.03 -9.06 0.44
CA SER A 7 6.55 -8.82 -0.91
C SER A 7 5.77 -7.52 -1.00
N VAL A 8 6.04 -6.74 -2.05
CA VAL A 8 5.36 -5.47 -2.25
C VAL A 8 4.15 -5.62 -3.18
N THR A 9 2.96 -5.40 -2.64
CA THR A 9 1.74 -5.52 -3.42
C THR A 9 0.76 -4.41 -3.07
N LEU A 10 0.25 -3.73 -4.09
CA LEU A 10 -0.70 -2.63 -3.89
C LEU A 10 -2.00 -2.91 -4.65
N PHE A 11 -3.09 -3.04 -3.89
CA PHE A 11 -4.40 -3.30 -4.49
C PHE A 11 -5.38 -2.19 -4.13
N PRO A 12 -5.31 -1.07 -4.87
CA PRO A 12 -6.18 0.08 -4.64
C PRO A 12 -7.63 -0.20 -5.05
N PRO A 13 -8.55 0.67 -4.63
CA PRO A 13 -9.98 0.54 -4.93
C PRO A 13 -10.28 0.78 -6.40
N SER A 14 -11.56 0.70 -6.76
CA SER A 14 -11.98 0.92 -8.14
C SER A 14 -12.66 2.27 -8.29
N SER A 15 -13.09 2.58 -9.52
CA SER A 15 -13.75 3.84 -9.81
C SER A 15 -14.99 4.02 -8.92
N GLU A 16 -15.63 2.90 -8.60
CA GLU A 16 -16.83 2.93 -7.77
C GLU A 16 -16.56 3.63 -6.44
N GLU A 17 -15.34 3.46 -5.92
CA GLU A 17 -14.96 4.08 -4.66
C GLU A 17 -14.72 5.57 -4.84
N LEU A 18 -13.88 5.93 -5.81
CA LEU A 18 -13.57 7.32 -6.07
C LEU A 18 -14.84 8.13 -6.33
N GLN A 19 -15.80 7.50 -7.01
CA GLN A 19 -17.06 8.15 -7.33
C GLN A 19 -17.87 8.42 -6.07
N ALA A 20 -17.60 7.64 -5.02
CA ALA A 20 -18.30 7.80 -3.75
C ALA A 20 -17.51 8.69 -2.80
N ASN A 21 -16.56 9.44 -3.35
CA ASN A 21 -15.73 10.34 -2.55
C ASN A 21 -14.94 9.56 -1.50
N LYS A 22 -14.67 8.29 -1.79
CA LYS A 22 -13.92 7.44 -0.88
C LYS A 22 -12.86 6.63 -1.63
N ALA A 23 -11.77 6.31 -0.95
CA ALA A 23 -10.70 5.53 -1.55
C ALA A 23 -9.61 5.22 -0.53
N THR A 24 -9.43 3.93 -0.24
CA THR A 24 -8.42 3.50 0.72
C THR A 24 -7.47 2.48 0.10
N LEU A 25 -6.17 2.75 0.21
CA LEU A 25 -5.16 1.85 -0.34
C LEU A 25 -4.48 1.05 0.76
N VAL A 26 -4.21 -0.22 0.48
CA VAL A 26 -3.57 -1.10 1.45
C VAL A 26 -2.50 -1.96 0.78
N CYS A 27 -1.37 -2.12 1.46
CA CYS A 27 -0.27 -2.93 0.93
C CYS A 27 -0.15 -4.24 1.68
N LEU A 28 -0.09 -5.34 0.93
CA LEU A 28 0.03 -6.67 1.53
C LEU A 28 1.49 -7.02 1.80
N ILE A 29 1.75 -7.57 2.98
CA ILE A 29 3.10 -7.95 3.37
C ILE A 29 3.15 -9.40 3.84
N SER A 30 3.75 -10.26 3.03
CA SER A 30 3.86 -11.68 3.35
C SER A 30 5.31 -12.13 3.33
N ASP A 31 5.61 -13.19 4.08
CA ASP A 31 6.97 -13.72 4.15
C ASP A 31 7.98 -12.60 4.39
N PHE A 32 8.04 -12.11 5.61
CA PHE A 32 8.95 -11.04 5.97
C PHE A 32 9.56 -11.28 7.36
N TYR A 33 10.23 -10.26 7.89
CA TYR A 33 10.85 -10.35 9.20
C TYR A 33 9.93 -11.08 10.19
N PRO A 34 10.53 -11.58 11.28
CA PRO A 34 9.79 -12.30 12.32
C PRO A 34 8.86 -11.38 13.12
N GLY A 35 7.81 -10.91 12.46
CA GLY A 35 6.86 -10.02 13.13
C GLY A 35 7.45 -8.67 13.43
N ALA A 36 8.59 -8.36 12.82
CA ALA A 36 9.26 -7.09 13.03
C ALA A 36 9.26 -6.24 11.76
N VAL A 37 8.41 -5.23 11.73
CA VAL A 37 8.31 -4.34 10.57
C VAL A 37 7.75 -2.98 10.97
N THR A 38 7.71 -2.06 10.00
CA THR A 38 7.20 -0.72 10.25
C THR A 38 6.15 -0.34 9.22
N VAL A 39 5.17 0.46 9.64
CA VAL A 39 4.12 0.91 8.75
C VAL A 39 4.32 2.35 8.32
N ALA A 40 4.61 2.55 7.05
CA ALA A 40 4.84 3.89 6.51
C ALA A 40 4.32 4.00 5.08
N TRP A 41 3.75 5.15 4.74
CA TRP A 41 3.23 5.38 3.40
C TRP A 41 3.68 6.73 2.86
N LYS A 42 3.82 6.81 1.54
CA LYS A 42 4.26 8.04 0.89
C LYS A 42 3.89 8.04 -0.59
N ALA A 43 3.68 9.22 -1.14
CA ALA A 43 3.32 9.35 -2.55
C ALA A 43 4.57 9.43 -3.43
N ASP A 44 4.76 8.43 -4.28
CA ASP A 44 5.91 8.38 -5.16
C ASP A 44 7.21 8.62 -4.39
N SER A 45 7.70 9.85 -4.46
CA SER A 45 8.94 10.22 -3.78
C SER A 45 8.64 11.09 -2.55
N SER A 46 7.59 11.91 -2.65
CA SER A 46 7.21 12.78 -1.56
C SER A 46 6.38 12.02 -0.52
N PRO A 47 6.46 12.47 0.74
CA PRO A 47 5.74 11.85 1.85
C PRO A 47 4.23 12.10 1.77
N VAL A 48 3.45 11.17 2.30
CA VAL A 48 2.00 11.28 2.27
C VAL A 48 1.45 11.55 3.68
N LYS A 49 0.20 11.98 3.74
CA LYS A 49 -0.44 12.28 5.01
C LYS A 49 -0.04 11.26 6.08
N ALA A 50 0.04 9.99 5.68
CA ALA A 50 0.44 8.93 6.60
C ALA A 50 -0.64 8.70 7.66
N GLY A 51 -1.89 8.64 7.21
CA GLY A 51 -2.99 8.42 8.14
C GLY A 51 -3.29 6.95 8.35
N VAL A 52 -2.26 6.19 8.70
CA VAL A 52 -2.41 4.75 8.93
C VAL A 52 -2.35 4.43 10.42
N GLU A 53 -2.99 3.34 10.81
CA GLU A 53 -3.01 2.92 12.21
C GLU A 53 -3.16 1.40 12.32
N THR A 54 -2.09 0.68 12.00
CA THR A 54 -2.11 -0.77 12.07
C THR A 54 -1.46 -1.28 13.35
N THR A 55 -1.62 -2.57 13.62
CA THR A 55 -1.05 -3.17 14.83
C THR A 55 -0.03 -4.25 14.47
N THR A 56 0.69 -4.73 15.47
CA THR A 56 1.70 -5.76 15.26
C THR A 56 1.15 -6.91 14.42
N PRO A 57 2.01 -7.51 13.59
CA PRO A 57 1.63 -8.63 12.72
C PRO A 57 1.35 -9.91 13.51
N SER A 58 0.97 -10.97 12.80
CA SER A 58 0.68 -12.24 13.44
C SER A 58 1.22 -13.41 12.61
N LYS A 59 1.31 -14.57 13.23
CA LYS A 59 1.82 -15.76 12.55
C LYS A 59 0.71 -16.46 11.78
N GLN A 60 1.06 -17.05 10.65
CA GLN A 60 0.10 -17.76 9.81
C GLN A 60 0.47 -19.23 9.66
N SER A 61 -0.27 -19.95 8.82
CA SER A 61 -0.01 -21.36 8.59
C SER A 61 1.29 -21.56 7.84
N ASN A 62 1.87 -20.46 7.36
CA ASN A 62 3.13 -20.52 6.62
C ASN A 62 4.32 -20.60 7.58
N ASN A 63 4.02 -20.75 8.87
CA ASN A 63 5.07 -20.83 9.88
C ASN A 63 5.79 -19.49 10.04
N LYS A 64 5.27 -18.48 9.36
CA LYS A 64 5.87 -17.14 9.43
C LYS A 64 4.81 -16.09 9.77
N TYR A 65 5.23 -14.84 9.84
CA TYR A 65 4.32 -13.74 10.15
C TYR A 65 4.05 -12.88 8.93
N ALA A 66 3.06 -12.00 9.04
CA ALA A 66 2.70 -11.12 7.94
C ALA A 66 2.01 -9.85 8.45
N ALA A 67 2.22 -8.74 7.75
CA ALA A 67 1.62 -7.47 8.14
C ALA A 67 0.93 -6.81 6.95
N SER A 68 0.28 -5.68 7.20
CA SER A 68 -0.43 -4.95 6.15
C SER A 68 -0.80 -3.54 6.63
N SER A 69 -0.53 -2.56 5.78
CA SER A 69 -0.82 -1.17 6.11
C SER A 69 -1.85 -0.59 5.14
N TYR A 70 -2.85 0.09 5.69
CA TYR A 70 -3.90 0.70 4.88
C TYR A 70 -4.04 2.18 5.18
N LEU A 71 -3.88 3.01 4.15
CA LEU A 71 -3.99 4.45 4.30
C LEU A 71 -5.33 4.96 3.78
N SER A 72 -6.15 5.50 4.68
CA SER A 72 -7.46 6.01 4.32
C SER A 72 -7.39 7.50 4.05
N LEU A 73 -7.59 7.87 2.79
CA LEU A 73 -7.56 9.28 2.39
C LEU A 73 -8.52 9.54 1.24
N THR A 74 -8.69 10.82 0.89
CA THR A 74 -9.58 11.21 -0.19
C THR A 74 -9.18 10.55 -1.50
N PRO A 75 -10.17 10.27 -2.37
CA PRO A 75 -9.93 9.64 -3.67
C PRO A 75 -9.22 10.56 -4.64
N GLU A 76 -9.59 11.85 -4.61
CA GLU A 76 -8.98 12.84 -5.49
C GLU A 76 -7.45 12.81 -5.37
N GLN A 77 -6.97 12.46 -4.18
CA GLN A 77 -5.53 12.40 -3.93
C GLN A 77 -4.89 11.31 -4.77
N TRP A 78 -5.64 10.26 -5.05
CA TRP A 78 -5.13 9.14 -5.85
C TRP A 78 -4.74 9.61 -7.25
N LYS A 79 -5.71 10.15 -7.98
CA LYS A 79 -5.46 10.63 -9.33
C LYS A 79 -4.54 11.85 -9.32
N SER A 80 -4.75 12.73 -8.35
CA SER A 80 -3.94 13.94 -8.22
C SER A 80 -2.48 13.59 -7.98
N HIS A 81 -2.24 12.55 -7.17
CA HIS A 81 -0.89 12.11 -6.85
C HIS A 81 -0.24 11.44 -8.07
N ARG A 82 1.08 11.35 -8.05
CA ARG A 82 1.82 10.73 -9.14
C ARG A 82 1.88 9.22 -8.97
N SER A 83 2.02 8.77 -7.73
CA SER A 83 2.09 7.34 -7.44
C SER A 83 2.10 7.10 -5.94
N TYR A 84 2.02 5.83 -5.55
CA TYR A 84 2.02 5.45 -4.14
C TYR A 84 3.23 4.59 -3.81
N SER A 85 3.60 4.57 -2.53
CA SER A 85 4.75 3.78 -2.08
C SER A 85 4.53 3.28 -0.65
N CYS A 86 4.91 2.03 -0.41
CA CYS A 86 4.76 1.43 0.91
C CYS A 86 6.13 1.16 1.55
N GLN A 87 6.43 1.89 2.62
CA GLN A 87 7.69 1.73 3.32
C GLN A 87 7.59 0.66 4.41
N VAL A 88 8.53 -0.27 4.41
CA VAL A 88 8.54 -1.34 5.39
C VAL A 88 9.95 -1.58 5.94
N THR A 89 10.05 -1.81 7.25
CA THR A 89 11.33 -2.03 7.88
C THR A 89 11.76 -3.50 7.75
N HIS A 90 12.70 -3.75 6.85
CA HIS A 90 13.20 -5.10 6.62
C HIS A 90 14.68 -5.08 6.24
N GLU A 91 15.51 -5.63 7.12
CA GLU A 91 16.95 -5.68 6.88
C GLU A 91 17.52 -4.26 6.71
N GLY A 92 16.91 -3.30 7.39
CA GLY A 92 17.37 -1.92 7.30
C GLY A 92 17.27 -1.38 5.89
N SER A 93 16.35 -1.92 5.11
CA SER A 93 16.16 -1.48 3.73
C SER A 93 14.69 -1.15 3.47
N THR A 94 14.46 -0.17 2.60
CA THR A 94 13.11 0.25 2.26
C THR A 94 12.83 0.04 0.78
N VAL A 95 11.59 -0.32 0.46
CA VAL A 95 11.19 -0.56 -0.93
C VAL A 95 10.33 0.59 -1.45
N GLU A 96 10.37 0.80 -2.76
CA GLU A 96 9.60 1.86 -3.39
C GLU A 96 9.10 1.43 -4.76
N LYS A 97 7.87 1.80 -5.08
CA LYS A 97 7.26 1.45 -6.36
C LYS A 97 6.36 2.57 -6.85
N THR A 98 6.07 2.57 -8.16
CA THR A 98 5.21 3.58 -8.75
C THR A 98 3.87 3.00 -9.16
N VAL A 99 2.79 3.53 -8.58
CA VAL A 99 1.45 3.05 -8.88
C VAL A 99 0.62 4.14 -9.55
N ALA A 100 -0.50 3.74 -10.15
CA ALA A 100 -1.38 4.68 -10.83
C ALA A 100 -2.76 4.08 -11.05
N PRO A 101 -3.78 4.94 -11.10
CA PRO A 101 -5.17 4.52 -11.31
C PRO A 101 -5.42 4.00 -12.72
N THR A 102 -4.76 4.62 -13.70
CA THR A 102 -4.91 4.22 -15.09
C THR A 102 -3.83 4.85 -15.96
N GLU A 103 -3.44 4.14 -17.01
CA GLU A 103 -2.41 4.62 -17.92
C GLU A 103 -2.99 4.86 -19.32
N SER A 104 -4.21 5.37 -19.37
CA SER A 104 -4.87 5.63 -20.64
C SER A 104 -6.24 6.28 -20.42
N SER A 105 -6.73 6.96 -21.44
CA SER A 105 -8.03 7.63 -21.36
C SER A 105 -8.82 7.45 -22.65
N GLU A 106 -8.74 6.24 -23.22
CA GLU A 106 -9.46 5.94 -24.45
C GLU A 106 -10.71 5.11 -24.16
N ASN A 107 -11.37 5.41 -23.06
CA ASN A 107 -12.58 4.70 -22.66
C ASN A 107 -13.19 5.31 -21.40
N LEU A 108 -14.29 6.04 -21.58
CA LEU A 108 -14.96 6.67 -20.45
C LEU A 108 -16.48 6.63 -20.64
N TYR A 109 -17.21 7.00 -19.59
CA TYR A 109 -18.67 7.00 -19.64
C TYR A 109 -19.18 7.99 -20.69
N PHE A 110 -20.48 7.96 -20.94
CA PHE A 110 -21.09 8.85 -21.92
C PHE A 110 -21.95 9.90 -21.23
N GLN A 111 -22.43 10.86 -22.01
CA GLN A 111 -23.26 11.94 -21.48
C GLN A 111 -24.75 11.57 -21.55
N GLN A 1 11.16 -21.80 8.82
CA GLN A 1 11.52 -21.44 7.46
C GLN A 1 12.49 -20.27 7.44
N PRO A 2 13.20 -20.10 6.31
CA PRO A 2 14.18 -19.01 6.14
C PRO A 2 13.51 -17.64 6.04
N LYS A 3 14.32 -16.62 5.81
CA LYS A 3 13.81 -15.26 5.69
C LYS A 3 13.31 -14.98 4.28
N ALA A 4 12.23 -14.20 4.18
CA ALA A 4 11.65 -13.86 2.89
C ALA A 4 11.44 -12.35 2.76
N ALA A 5 11.36 -11.87 1.52
CA ALA A 5 11.16 -10.46 1.27
C ALA A 5 9.67 -10.12 1.15
N PRO A 6 9.27 -9.00 1.76
CA PRO A 6 7.87 -8.54 1.73
C PRO A 6 7.44 -8.08 0.35
N SER A 7 6.47 -8.78 -0.23
CA SER A 7 5.96 -8.44 -1.55
C SER A 7 5.24 -7.10 -1.53
N VAL A 8 5.44 -6.30 -2.57
CA VAL A 8 4.80 -4.99 -2.67
C VAL A 8 3.54 -5.06 -3.52
N THR A 9 2.39 -4.81 -2.88
CA THR A 9 1.12 -4.85 -3.57
C THR A 9 0.21 -3.71 -3.12
N LEU A 10 -0.25 -2.91 -4.07
CA LEU A 10 -1.12 -1.78 -3.76
C LEU A 10 -2.46 -1.91 -4.48
N PHE A 11 -3.53 -2.06 -3.71
CA PHE A 11 -4.87 -2.20 -4.28
C PHE A 11 -5.78 -1.08 -3.80
N PRO A 12 -5.68 0.09 -4.46
CA PRO A 12 -6.49 1.26 -4.13
C PRO A 12 -7.96 1.07 -4.47
N PRO A 13 -8.82 1.97 -3.96
CA PRO A 13 -10.26 1.92 -4.19
C PRO A 13 -10.62 2.27 -5.63
N SER A 14 -11.92 2.24 -5.93
CA SER A 14 -12.39 2.55 -7.27
C SER A 14 -13.04 3.94 -7.33
N SER A 15 -13.50 4.33 -8.51
CA SER A 15 -14.13 5.64 -8.68
C SER A 15 -15.33 5.79 -7.74
N GLU A 16 -15.99 4.68 -7.46
CA GLU A 16 -17.16 4.69 -6.58
C GLU A 16 -16.80 5.30 -5.23
N GLU A 17 -15.58 5.06 -4.77
CA GLU A 17 -15.12 5.57 -3.49
C GLU A 17 -14.81 7.07 -3.59
N LEU A 18 -14.00 7.44 -4.57
CA LEU A 18 -13.63 8.84 -4.76
C LEU A 18 -14.87 9.71 -4.92
N GLN A 19 -15.88 9.16 -5.58
CA GLN A 19 -17.13 9.90 -5.81
C GLN A 19 -17.86 10.12 -4.49
N ALA A 20 -17.60 9.25 -3.52
CA ALA A 20 -18.24 9.35 -2.21
C ALA A 20 -17.38 10.15 -1.23
N ASN A 21 -16.41 10.88 -1.77
CA ASN A 21 -15.52 11.69 -0.95
C ASN A 21 -14.71 10.80 0.00
N LYS A 22 -14.52 9.55 -0.39
CA LYS A 22 -13.77 8.61 0.43
C LYS A 22 -12.78 7.81 -0.43
N ALA A 23 -11.71 7.35 0.20
CA ALA A 23 -10.69 6.57 -0.50
C ALA A 23 -9.55 6.18 0.43
N THR A 24 -9.40 4.88 0.66
CA THR A 24 -8.35 4.38 1.54
C THR A 24 -7.46 3.37 0.81
N LEU A 25 -6.16 3.57 0.91
CA LEU A 25 -5.20 2.68 0.26
C LEU A 25 -4.49 1.81 1.28
N VAL A 26 -4.28 0.54 0.94
CA VAL A 26 -3.62 -0.40 1.83
C VAL A 26 -2.64 -1.28 1.07
N CYS A 27 -1.47 -1.50 1.66
CA CYS A 27 -0.44 -2.32 1.03
C CYS A 27 -0.36 -3.70 1.69
N LEU A 28 -0.39 -4.75 0.87
CA LEU A 28 -0.33 -6.11 1.37
C LEU A 28 1.12 -6.55 1.58
N ILE A 29 1.38 -7.19 2.72
CA ILE A 29 2.71 -7.66 3.04
C ILE A 29 2.71 -9.14 3.42
N SER A 30 3.24 -9.97 2.53
CA SER A 30 3.29 -11.41 2.76
C SER A 30 4.72 -11.93 2.63
N ASP A 31 5.00 -13.04 3.31
CA ASP A 31 6.32 -13.64 3.27
C ASP A 31 7.40 -12.60 3.53
N PHE A 32 7.51 -12.16 4.79
CA PHE A 32 8.50 -11.16 5.17
C PHE A 32 9.16 -11.52 6.50
N TYR A 33 9.91 -10.58 7.06
CA TYR A 33 10.59 -10.80 8.33
C TYR A 33 9.70 -11.54 9.31
N PRO A 34 10.31 -12.15 10.34
CA PRO A 34 9.59 -12.90 11.36
C PRO A 34 8.75 -11.99 12.26
N GLY A 35 7.69 -11.43 11.71
CA GLY A 35 6.82 -10.55 12.48
C GLY A 35 7.50 -9.24 12.84
N ALA A 36 8.63 -8.96 12.19
CA ALA A 36 9.38 -7.74 12.46
C ALA A 36 9.38 -6.83 11.23
N VAL A 37 8.59 -5.77 11.29
CA VAL A 37 8.49 -4.82 10.18
C VAL A 37 8.04 -3.45 10.67
N THR A 38 8.02 -2.48 9.77
CA THR A 38 7.59 -1.12 10.10
C THR A 38 6.53 -0.62 9.15
N VAL A 39 5.61 0.19 9.64
CA VAL A 39 4.54 0.74 8.83
C VAL A 39 4.81 2.20 8.48
N ALA A 40 5.04 2.46 7.19
CA ALA A 40 5.30 3.81 6.72
C ALA A 40 4.73 4.04 5.33
N TRP A 41 4.15 5.22 5.11
CA TRP A 41 3.57 5.56 3.83
C TRP A 41 4.04 6.92 3.35
N LYS A 42 4.18 7.07 2.03
CA LYS A 42 4.63 8.33 1.45
C LYS A 42 4.24 8.42 -0.02
N ALA A 43 4.01 9.63 -0.50
CA ALA A 43 3.64 9.84 -1.90
C ALA A 43 4.87 9.96 -2.78
N ASP A 44 4.99 9.05 -3.74
CA ASP A 44 6.13 9.06 -4.66
C ASP A 44 7.44 9.30 -3.90
N SER A 45 7.90 10.55 -3.91
CA SER A 45 9.13 10.91 -3.24
C SER A 45 8.84 11.72 -1.98
N SER A 46 7.78 12.51 -2.02
CA SER A 46 7.39 13.34 -0.88
C SER A 46 6.62 12.52 0.15
N PRO A 47 6.81 12.85 1.43
CA PRO A 47 6.14 12.17 2.54
C PRO A 47 4.65 12.44 2.58
N VAL A 48 3.87 11.46 3.02
CA VAL A 48 2.43 11.60 3.12
C VAL A 48 1.98 11.81 4.56
N LYS A 49 0.75 12.26 4.73
CA LYS A 49 0.19 12.50 6.05
C LYS A 49 0.67 11.44 7.05
N ALA A 50 0.68 10.19 6.60
CA ALA A 50 1.11 9.08 7.44
C ALA A 50 0.13 8.86 8.59
N GLY A 51 -1.15 8.81 8.26
CA GLY A 51 -2.17 8.59 9.29
C GLY A 51 -2.58 7.14 9.39
N VAL A 52 -1.61 6.25 9.54
CA VAL A 52 -1.88 4.83 9.66
C VAL A 52 -1.62 4.33 11.08
N GLU A 53 -2.51 3.47 11.56
CA GLU A 53 -2.39 2.92 12.91
C GLU A 53 -2.61 1.41 12.91
N THR A 54 -1.59 0.67 12.46
CA THR A 54 -1.68 -0.78 12.41
C THR A 54 -1.02 -1.42 13.62
N THR A 55 -1.26 -2.72 13.81
CA THR A 55 -0.69 -3.44 14.93
C THR A 55 0.28 -4.53 14.45
N THR A 56 0.99 -5.13 15.39
CA THR A 56 1.94 -6.19 15.07
C THR A 56 1.31 -7.25 14.17
N PRO A 57 2.11 -7.83 13.27
CA PRO A 57 1.64 -8.87 12.34
C PRO A 57 1.33 -10.18 13.06
N SER A 58 0.86 -11.16 12.29
CA SER A 58 0.52 -12.46 12.84
C SER A 58 0.94 -13.59 11.90
N LYS A 59 0.99 -14.80 12.42
CA LYS A 59 1.37 -15.96 11.63
C LYS A 59 0.19 -16.50 10.83
N GLN A 60 0.47 -17.06 9.67
CA GLN A 60 -0.58 -17.61 8.81
C GLN A 60 -0.34 -19.10 8.56
N SER A 61 -1.13 -19.67 7.65
CA SER A 61 -1.01 -21.09 7.32
C SER A 61 0.26 -21.35 6.51
N ASN A 62 0.95 -20.28 6.14
CA ASN A 62 2.18 -20.40 5.37
C ASN A 62 3.38 -20.61 6.28
N ASN A 63 3.11 -20.83 7.56
CA ASN A 63 4.17 -21.05 8.54
C ASN A 63 4.99 -19.78 8.75
N LYS A 64 4.52 -18.67 8.18
CA LYS A 64 5.20 -17.39 8.30
C LYS A 64 4.24 -16.30 8.78
N TYR A 65 4.76 -15.09 8.91
CA TYR A 65 3.95 -13.96 9.36
C TYR A 65 3.68 -12.98 8.21
N ALA A 66 2.73 -12.08 8.42
CA ALA A 66 2.39 -11.09 7.42
C ALA A 66 1.79 -9.84 8.05
N ALA A 67 1.97 -8.70 7.40
CA ALA A 67 1.45 -7.43 7.89
C ALA A 67 0.74 -6.65 6.80
N SER A 68 0.18 -5.50 7.16
CA SER A 68 -0.53 -4.66 6.20
C SER A 68 -0.77 -3.27 6.77
N SER A 69 -0.58 -2.26 5.94
CA SER A 69 -0.78 -0.87 6.35
C SER A 69 -1.83 -0.17 5.50
N TYR A 70 -2.87 0.33 6.14
CA TYR A 70 -3.95 1.01 5.43
C TYR A 70 -4.02 2.48 5.83
N LEU A 71 -3.83 3.37 4.86
CA LEU A 71 -3.88 4.80 5.11
C LEU A 71 -5.22 5.39 4.66
N SER A 72 -5.97 5.94 5.60
CA SER A 72 -7.27 6.54 5.31
C SER A 72 -7.14 8.06 5.13
N LEU A 73 -7.34 8.52 3.90
CA LEU A 73 -7.25 9.93 3.58
C LEU A 73 -8.24 10.32 2.49
N THR A 74 -8.37 11.62 2.24
CA THR A 74 -9.27 12.12 1.23
C THR A 74 -8.94 11.53 -0.14
N PRO A 75 -9.96 11.37 -0.99
CA PRO A 75 -9.81 10.82 -2.33
C PRO A 75 -9.07 11.78 -3.27
N GLU A 76 -9.36 13.07 -3.13
CA GLU A 76 -8.72 14.08 -3.97
C GLU A 76 -7.20 13.97 -3.90
N GLN A 77 -6.70 13.51 -2.75
CA GLN A 77 -5.26 13.35 -2.55
C GLN A 77 -4.69 12.30 -3.50
N TRP A 78 -5.52 11.33 -3.86
CA TRP A 78 -5.10 10.26 -4.75
C TRP A 78 -4.73 10.82 -6.12
N LYS A 79 -5.70 11.44 -6.78
CA LYS A 79 -5.48 12.02 -8.10
C LYS A 79 -4.50 13.19 -8.03
N SER A 80 -4.63 13.99 -6.97
CA SER A 80 -3.75 15.14 -6.79
C SER A 80 -2.30 14.70 -6.62
N HIS A 81 -2.10 13.58 -5.94
CA HIS A 81 -0.75 13.06 -5.72
C HIS A 81 -0.17 12.50 -7.01
N ARG A 82 1.15 12.30 -7.02
CA ARG A 82 1.83 11.77 -8.20
C ARG A 82 1.88 10.25 -8.15
N SER A 83 2.06 9.70 -6.96
CA SER A 83 2.14 8.25 -6.79
C SER A 83 2.18 7.88 -5.31
N TYR A 84 2.03 6.59 -5.02
CA TYR A 84 2.05 6.12 -3.64
C TYR A 84 3.24 5.19 -3.42
N SER A 85 3.67 5.07 -2.16
CA SER A 85 4.79 4.22 -1.81
C SER A 85 4.63 3.65 -0.41
N CYS A 86 4.96 2.38 -0.26
CA CYS A 86 4.85 1.70 1.03
C CYS A 86 6.22 1.32 1.57
N GLN A 87 6.63 1.98 2.65
CA GLN A 87 7.93 1.71 3.27
C GLN A 87 7.82 0.62 4.32
N VAL A 88 8.70 -0.37 4.23
CA VAL A 88 8.69 -1.49 5.17
C VAL A 88 10.11 -1.82 5.63
N THR A 89 10.25 -2.14 6.92
CA THR A 89 11.55 -2.46 7.49
C THR A 89 11.89 -3.93 7.25
N HIS A 90 12.78 -4.18 6.28
CA HIS A 90 13.20 -5.53 5.95
C HIS A 90 14.64 -5.56 5.49
N GLU A 91 15.51 -6.15 6.31
CA GLU A 91 16.93 -6.24 5.99
C GLU A 91 17.55 -4.85 5.88
N GLY A 92 17.00 -3.89 6.62
CA GLY A 92 17.50 -2.54 6.58
C GLY A 92 17.38 -1.90 5.21
N SER A 93 16.41 -2.38 4.43
CA SER A 93 16.20 -1.87 3.08
C SER A 93 14.75 -1.40 2.90
N THR A 94 14.54 -0.48 1.97
CA THR A 94 13.20 0.04 1.70
C THR A 94 12.88 -0.03 0.22
N VAL A 95 11.60 -0.29 -0.08
CA VAL A 95 11.16 -0.39 -1.46
C VAL A 95 10.28 0.80 -1.85
N GLU A 96 10.28 1.15 -3.12
CA GLU A 96 9.49 2.27 -3.62
C GLU A 96 8.88 1.94 -4.98
N LYS A 97 7.65 2.37 -5.19
CA LYS A 97 6.94 2.14 -6.45
C LYS A 97 6.06 3.33 -6.81
N THR A 98 5.71 3.42 -8.09
CA THR A 98 4.86 4.51 -8.56
C THR A 98 3.47 4.01 -8.94
N VAL A 99 2.45 4.56 -8.30
CA VAL A 99 1.07 4.17 -8.57
C VAL A 99 0.26 5.34 -9.12
N ALA A 100 -0.88 5.03 -9.72
CA ALA A 100 -1.75 6.05 -10.29
C ALA A 100 -3.17 5.53 -10.48
N PRO A 101 -4.15 6.44 -10.38
CA PRO A 101 -5.57 6.09 -10.54
C PRO A 101 -5.92 5.71 -11.98
N THR A 102 -5.46 6.53 -12.93
CA THR A 102 -5.73 6.27 -14.34
C THR A 102 -4.56 5.55 -14.99
N GLU A 103 -4.85 4.83 -16.08
CA GLU A 103 -3.81 4.10 -16.80
C GLU A 103 -4.12 4.07 -18.29
N SER A 104 -3.32 3.30 -19.04
CA SER A 104 -3.50 3.19 -20.48
C SER A 104 -4.93 2.84 -20.82
N SER A 105 -5.63 3.77 -21.47
CA SER A 105 -7.02 3.56 -21.86
C SER A 105 -7.27 4.07 -23.27
N GLU A 106 -6.78 3.34 -24.26
CA GLU A 106 -6.95 3.72 -25.65
C GLU A 106 -8.43 3.92 -25.99
N ASN A 107 -9.17 2.83 -26.04
CA ASN A 107 -10.59 2.87 -26.35
C ASN A 107 -11.38 1.91 -25.47
N LEU A 108 -12.39 2.42 -24.79
CA LEU A 108 -13.23 1.60 -23.91
C LEU A 108 -14.67 1.57 -24.40
N TYR A 109 -15.45 0.64 -23.86
CA TYR A 109 -16.85 0.51 -24.24
C TYR A 109 -17.67 1.70 -23.73
N PHE A 110 -18.78 1.97 -24.40
CA PHE A 110 -19.66 3.08 -24.02
C PHE A 110 -21.07 2.58 -23.73
N GLN A 111 -21.16 1.39 -23.15
CA GLN A 111 -22.46 0.80 -22.82
C GLN A 111 -22.56 0.51 -21.33
N GLN A 1 11.65 -21.74 9.73
CA GLN A 1 11.91 -21.44 8.32
C GLN A 1 12.84 -20.25 8.18
N PRO A 2 13.47 -20.13 6.99
CA PRO A 2 14.40 -19.04 6.69
C PRO A 2 13.69 -17.68 6.59
N LYS A 3 14.45 -16.66 6.24
CA LYS A 3 13.91 -15.30 6.10
C LYS A 3 13.40 -15.07 4.68
N ALA A 4 12.31 -14.32 4.57
CA ALA A 4 11.73 -14.01 3.27
C ALA A 4 11.48 -12.51 3.11
N ALA A 5 11.48 -12.05 1.86
CA ALA A 5 11.26 -10.64 1.58
C ALA A 5 9.78 -10.34 1.38
N PRO A 6 9.33 -9.19 1.90
CA PRO A 6 7.93 -8.76 1.79
C PRO A 6 7.56 -8.38 0.36
N SER A 7 6.34 -8.72 -0.04
CA SER A 7 5.86 -8.42 -1.38
C SER A 7 5.15 -7.06 -1.41
N VAL A 8 5.13 -6.45 -2.58
CA VAL A 8 4.49 -5.14 -2.74
C VAL A 8 3.21 -5.26 -3.55
N THR A 9 2.07 -4.99 -2.89
CA THR A 9 0.77 -5.06 -3.54
C THR A 9 -0.13 -3.92 -3.09
N LEU A 10 -0.46 -3.02 -4.03
CA LEU A 10 -1.31 -1.89 -3.73
C LEU A 10 -2.67 -2.03 -4.42
N PHE A 11 -3.72 -2.19 -3.63
CA PHE A 11 -5.07 -2.32 -4.16
C PHE A 11 -5.97 -1.19 -3.69
N PRO A 12 -5.91 -0.05 -4.38
CA PRO A 12 -6.71 1.12 -4.04
C PRO A 12 -8.20 0.92 -4.33
N PRO A 13 -9.03 1.81 -3.77
CA PRO A 13 -10.48 1.74 -3.96
C PRO A 13 -10.91 2.09 -5.38
N SER A 14 -12.21 2.08 -5.63
CA SER A 14 -12.75 2.39 -6.95
C SER A 14 -13.38 3.77 -6.97
N SER A 15 -13.89 4.17 -8.14
CA SER A 15 -14.52 5.47 -8.29
C SER A 15 -15.68 5.64 -7.33
N GLU A 16 -16.38 4.53 -7.05
CA GLU A 16 -17.52 4.56 -6.14
C GLU A 16 -17.11 5.12 -4.78
N GLU A 17 -15.88 4.83 -4.36
CA GLU A 17 -15.37 5.30 -3.08
C GLU A 17 -15.09 6.79 -3.13
N LEU A 18 -14.30 7.21 -4.12
CA LEU A 18 -13.95 8.62 -4.27
C LEU A 18 -15.21 9.49 -4.35
N GLN A 19 -16.25 8.96 -4.98
CA GLN A 19 -17.50 9.68 -5.13
C GLN A 19 -18.18 9.88 -3.77
N ALA A 20 -17.84 9.03 -2.81
CA ALA A 20 -18.41 9.10 -1.47
C ALA A 20 -17.51 9.92 -0.55
N ASN A 21 -16.58 10.67 -1.14
CA ASN A 21 -15.66 11.50 -0.37
C ASN A 21 -14.80 10.64 0.54
N LYS A 22 -14.58 9.39 0.14
CA LYS A 22 -13.76 8.47 0.93
C LYS A 22 -12.91 7.60 0.01
N ALA A 23 -11.68 7.31 0.45
CA ALA A 23 -10.76 6.49 -0.32
C ALA A 23 -9.47 6.25 0.45
N THR A 24 -9.21 4.99 0.79
CA THR A 24 -8.00 4.64 1.52
C THR A 24 -7.26 3.50 0.84
N LEU A 25 -5.94 3.60 0.78
CA LEU A 25 -5.11 2.58 0.15
C LEU A 25 -4.51 1.65 1.19
N VAL A 26 -4.31 0.39 0.83
CA VAL A 26 -3.73 -0.59 1.73
C VAL A 26 -2.72 -1.48 1.00
N CYS A 27 -1.58 -1.72 1.65
CA CYS A 27 -0.53 -2.53 1.08
C CYS A 27 -0.46 -3.89 1.77
N LEU A 28 -0.54 -4.96 0.99
CA LEU A 28 -0.49 -6.32 1.51
C LEU A 28 0.95 -6.77 1.70
N ILE A 29 1.24 -7.40 2.84
CA ILE A 29 2.57 -7.89 3.12
C ILE A 29 2.55 -9.36 3.50
N SER A 30 3.17 -10.20 2.67
CA SER A 30 3.22 -11.63 2.92
C SER A 30 4.64 -12.16 2.79
N ASP A 31 4.93 -13.25 3.48
CA ASP A 31 6.26 -13.86 3.44
C ASP A 31 7.35 -12.81 3.66
N PHE A 32 7.42 -12.27 4.86
CA PHE A 32 8.40 -11.26 5.19
C PHE A 32 9.10 -11.59 6.51
N TYR A 33 9.86 -10.62 7.04
CA TYR A 33 10.58 -10.81 8.29
C TYR A 33 9.71 -11.54 9.31
N PRO A 34 10.37 -12.12 10.33
CA PRO A 34 9.67 -12.86 11.39
C PRO A 34 8.86 -11.95 12.29
N GLY A 35 7.77 -11.41 11.76
CA GLY A 35 6.91 -10.53 12.53
C GLY A 35 7.59 -9.22 12.87
N ALA A 36 8.71 -8.95 12.21
CA ALA A 36 9.45 -7.71 12.43
C ALA A 36 9.43 -6.82 11.20
N VAL A 37 8.64 -5.75 11.26
CA VAL A 37 8.53 -4.82 10.15
C VAL A 37 8.10 -3.44 10.63
N THR A 38 8.08 -2.48 9.71
CA THR A 38 7.67 -1.11 10.05
C THR A 38 6.61 -0.61 9.08
N VAL A 39 5.68 0.20 9.60
CA VAL A 39 4.60 0.75 8.79
C VAL A 39 4.89 2.20 8.42
N ALA A 40 5.10 2.45 7.13
CA ALA A 40 5.39 3.79 6.65
C ALA A 40 4.80 4.00 5.25
N TRP A 41 4.25 5.19 5.02
CA TRP A 41 3.65 5.52 3.74
C TRP A 41 4.14 6.87 3.25
N LYS A 42 4.19 7.04 1.92
CA LYS A 42 4.64 8.29 1.32
C LYS A 42 4.17 8.40 -0.13
N ALA A 43 4.01 9.63 -0.61
CA ALA A 43 3.57 9.86 -1.97
C ALA A 43 4.75 9.93 -2.92
N ASP A 44 4.77 9.02 -3.89
CA ASP A 44 5.85 8.98 -4.87
C ASP A 44 7.21 9.14 -4.20
N SER A 45 7.73 10.36 -4.18
CA SER A 45 9.01 10.66 -3.58
C SER A 45 8.84 11.43 -2.27
N SER A 46 7.81 12.28 -2.22
CA SER A 46 7.54 13.08 -1.05
C SER A 46 6.76 12.26 0.00
N PRO A 47 6.96 12.62 1.28
CA PRO A 47 6.28 11.94 2.39
C PRO A 47 4.78 12.23 2.42
N VAL A 48 4.02 11.31 3.01
CA VAL A 48 2.57 11.45 3.11
C VAL A 48 2.14 11.68 4.56
N LYS A 49 0.91 12.13 4.73
CA LYS A 49 0.37 12.39 6.07
C LYS A 49 0.82 11.31 7.05
N ALA A 50 0.76 10.05 6.61
CA ALA A 50 1.16 8.94 7.46
C ALA A 50 0.23 8.79 8.65
N GLY A 51 -1.07 8.76 8.38
CA GLY A 51 -2.05 8.61 9.45
C GLY A 51 -2.47 7.17 9.66
N VAL A 52 -1.53 6.25 9.51
CA VAL A 52 -1.80 4.83 9.69
C VAL A 52 -1.76 4.44 11.16
N GLU A 53 -2.41 3.33 11.50
CA GLU A 53 -2.44 2.85 12.87
C GLU A 53 -2.59 1.34 12.92
N THR A 54 -1.56 0.63 12.46
CA THR A 54 -1.59 -0.82 12.45
C THR A 54 -0.89 -1.40 13.67
N THR A 55 -1.06 -2.70 13.90
CA THR A 55 -0.45 -3.37 15.03
C THR A 55 0.48 -4.49 14.59
N THR A 56 1.24 -5.04 15.53
CA THR A 56 2.16 -6.12 15.23
C THR A 56 1.49 -7.21 14.41
N PRO A 57 2.26 -7.81 13.49
CA PRO A 57 1.76 -8.88 12.60
C PRO A 57 1.50 -10.17 13.37
N SER A 58 1.01 -11.19 12.65
CA SER A 58 0.71 -12.48 13.26
C SER A 58 1.17 -13.63 12.36
N LYS A 59 1.29 -14.81 12.95
CA LYS A 59 1.72 -15.99 12.20
C LYS A 59 0.53 -16.66 11.51
N GLN A 60 0.79 -17.23 10.34
CA GLN A 60 -0.26 -17.91 9.58
C GLN A 60 0.08 -19.38 9.37
N SER A 61 -0.75 -20.08 8.60
CA SER A 61 -0.54 -21.49 8.33
C SER A 61 0.70 -21.69 7.45
N ASN A 62 1.24 -20.60 6.94
CA ASN A 62 2.42 -20.65 6.09
C ASN A 62 3.69 -20.77 6.94
N ASN A 63 3.51 -20.93 8.24
CA ASN A 63 4.64 -21.06 9.15
C ASN A 63 5.40 -19.73 9.27
N LYS A 64 4.85 -18.69 8.66
CA LYS A 64 5.46 -17.37 8.70
C LYS A 64 4.46 -16.32 9.16
N TYR A 65 4.90 -15.07 9.20
CA TYR A 65 4.05 -13.97 9.64
C TYR A 65 3.71 -13.04 8.46
N ALA A 66 2.76 -12.15 8.68
CA ALA A 66 2.35 -11.21 7.65
C ALA A 66 1.75 -9.95 8.25
N ALA A 67 1.93 -8.82 7.58
CA ALA A 67 1.40 -7.54 8.05
C ALA A 67 0.69 -6.79 6.93
N SER A 68 0.10 -5.65 7.28
CA SER A 68 -0.62 -4.84 6.30
C SER A 68 -0.87 -3.43 6.85
N SER A 69 -0.66 -2.43 5.99
CA SER A 69 -0.87 -1.04 6.39
C SER A 69 -1.88 -0.36 5.48
N TYR A 70 -2.67 0.54 6.05
CA TYR A 70 -3.68 1.26 5.28
C TYR A 70 -3.60 2.76 5.55
N LEU A 71 -3.47 3.54 4.48
CA LEU A 71 -3.38 4.99 4.61
C LEU A 71 -4.75 5.64 4.48
N SER A 72 -5.34 5.99 5.62
CA SER A 72 -6.66 6.61 5.64
C SER A 72 -6.56 8.11 5.40
N LEU A 73 -6.99 8.55 4.22
CA LEU A 73 -6.95 9.96 3.86
C LEU A 73 -8.04 10.30 2.86
N THR A 74 -8.15 11.59 2.52
CA THR A 74 -9.16 12.05 1.58
C THR A 74 -8.94 11.44 0.20
N PRO A 75 -10.03 11.29 -0.56
CA PRO A 75 -9.98 10.72 -1.91
C PRO A 75 -9.29 11.66 -2.90
N GLU A 76 -9.59 12.95 -2.80
CA GLU A 76 -9.00 13.94 -3.70
C GLU A 76 -7.48 13.84 -3.68
N GLN A 77 -6.93 13.39 -2.57
CA GLN A 77 -5.48 13.25 -2.43
C GLN A 77 -4.94 12.19 -3.39
N TRP A 78 -5.75 11.17 -3.65
CA TRP A 78 -5.35 10.09 -4.54
C TRP A 78 -5.03 10.63 -5.94
N LYS A 79 -6.00 11.31 -6.55
CA LYS A 79 -5.82 11.87 -7.88
C LYS A 79 -4.91 13.11 -7.82
N SER A 80 -4.99 13.84 -6.72
CA SER A 80 -4.18 15.04 -6.54
C SER A 80 -2.69 14.69 -6.46
N HIS A 81 -2.38 13.60 -5.76
CA HIS A 81 -1.00 13.15 -5.62
C HIS A 81 -0.48 12.57 -6.92
N ARG A 82 0.83 12.33 -6.98
CA ARG A 82 1.45 11.78 -8.17
C ARG A 82 1.49 10.25 -8.11
N SER A 83 1.71 9.72 -6.92
CA SER A 83 1.78 8.27 -6.73
C SER A 83 1.89 7.93 -5.25
N TYR A 84 1.74 6.64 -4.94
CA TYR A 84 1.83 6.17 -3.56
C TYR A 84 2.98 5.19 -3.38
N SER A 85 3.43 5.03 -2.15
CA SER A 85 4.53 4.11 -1.85
C SER A 85 4.37 3.52 -0.45
N CYS A 86 4.75 2.26 -0.30
CA CYS A 86 4.67 1.57 0.99
C CYS A 86 6.05 1.22 1.52
N GLN A 87 6.48 1.92 2.56
CA GLN A 87 7.78 1.68 3.17
C GLN A 87 7.70 0.61 4.25
N VAL A 88 8.53 -0.42 4.12
CA VAL A 88 8.55 -1.51 5.09
C VAL A 88 9.97 -1.89 5.46
N THR A 89 10.18 -2.22 6.73
CA THR A 89 11.50 -2.61 7.22
C THR A 89 11.78 -4.08 6.93
N HIS A 90 12.59 -4.33 5.90
CA HIS A 90 12.94 -5.70 5.52
C HIS A 90 14.36 -5.74 4.94
N GLU A 91 15.18 -6.64 5.49
CA GLU A 91 16.55 -6.79 5.02
C GLU A 91 17.28 -5.44 5.02
N GLY A 92 16.85 -4.55 5.91
CA GLY A 92 17.47 -3.24 6.00
C GLY A 92 17.34 -2.45 4.71
N SER A 93 16.30 -2.74 3.94
CA SER A 93 16.07 -2.06 2.67
C SER A 93 14.61 -1.65 2.54
N THR A 94 14.36 -0.63 1.73
CA THR A 94 13.01 -0.13 1.50
C THR A 94 12.64 -0.19 0.03
N VAL A 95 11.37 -0.48 -0.25
CA VAL A 95 10.89 -0.57 -1.62
C VAL A 95 10.03 0.64 -1.97
N GLU A 96 10.01 0.98 -3.26
CA GLU A 96 9.23 2.12 -3.74
C GLU A 96 8.58 1.81 -5.09
N LYS A 97 7.36 2.31 -5.28
CA LYS A 97 6.64 2.10 -6.53
C LYS A 97 5.73 3.28 -6.84
N THR A 98 5.32 3.40 -8.09
CA THR A 98 4.45 4.48 -8.52
C THR A 98 3.04 3.96 -8.83
N VAL A 99 2.05 4.53 -8.16
CA VAL A 99 0.66 4.13 -8.36
C VAL A 99 -0.16 5.27 -8.95
N ALA A 100 -1.23 4.92 -9.64
CA ALA A 100 -2.11 5.90 -10.27
C ALA A 100 -3.54 5.38 -10.39
N PRO A 101 -4.51 6.30 -10.28
CA PRO A 101 -5.93 5.95 -10.37
C PRO A 101 -6.33 5.55 -11.79
N THR A 102 -5.91 6.34 -12.77
CA THR A 102 -6.24 6.05 -14.17
C THR A 102 -5.04 5.44 -14.88
N GLU A 103 -5.31 4.80 -16.02
CA GLU A 103 -4.25 4.17 -16.81
C GLU A 103 -4.51 4.36 -18.31
N SER A 104 -3.64 3.77 -19.13
CA SER A 104 -3.77 3.87 -20.57
C SER A 104 -5.18 3.49 -21.02
N SER A 105 -5.96 4.50 -21.42
CA SER A 105 -7.33 4.27 -21.87
C SER A 105 -7.60 5.01 -23.18
N GLU A 106 -7.09 4.47 -24.28
CA GLU A 106 -7.28 5.08 -25.59
C GLU A 106 -8.76 5.20 -25.93
N ASN A 107 -9.05 5.62 -27.15
CA ASN A 107 -10.43 5.77 -27.60
C ASN A 107 -11.10 4.41 -27.78
N LEU A 108 -11.58 3.85 -26.69
CA LEU A 108 -12.25 2.55 -26.73
C LEU A 108 -13.76 2.70 -26.82
N TYR A 109 -14.44 1.70 -27.36
CA TYR A 109 -15.89 1.74 -27.50
C TYR A 109 -16.56 1.47 -26.16
N PHE A 110 -17.86 1.78 -26.09
CA PHE A 110 -18.62 1.58 -24.87
C PHE A 110 -19.81 0.66 -25.12
N GLN A 111 -20.62 0.46 -24.08
CA GLN A 111 -21.80 -0.40 -24.20
C GLN A 111 -22.99 0.38 -24.74
N GLN A 1 11.28 -21.73 9.20
CA GLN A 1 11.72 -21.37 7.85
C GLN A 1 12.70 -20.21 7.91
N PRO A 2 13.47 -20.04 6.82
CA PRO A 2 14.47 -18.98 6.71
C PRO A 2 13.83 -17.59 6.60
N LYS A 3 14.66 -16.59 6.32
CA LYS A 3 14.18 -15.22 6.18
C LYS A 3 13.70 -14.95 4.76
N ALA A 4 12.52 -14.33 4.64
CA ALA A 4 11.95 -14.02 3.35
C ALA A 4 11.71 -12.52 3.21
N ALA A 5 11.81 -12.03 1.97
CA ALA A 5 11.60 -10.60 1.70
C ALA A 5 10.13 -10.32 1.40
N PRO A 6 9.64 -9.16 1.86
CA PRO A 6 8.26 -8.74 1.65
C PRO A 6 7.98 -8.38 0.19
N SER A 7 6.73 -8.56 -0.22
CA SER A 7 6.33 -8.26 -1.60
C SER A 7 5.54 -6.96 -1.66
N VAL A 8 5.47 -6.37 -2.85
CA VAL A 8 4.75 -5.12 -3.05
C VAL A 8 3.33 -5.38 -3.57
N THR A 9 2.34 -5.05 -2.75
CA THR A 9 0.95 -5.24 -3.12
C THR A 9 0.09 -4.06 -2.68
N LEU A 10 -0.49 -3.36 -3.65
CA LEU A 10 -1.34 -2.22 -3.35
C LEU A 10 -2.72 -2.40 -3.97
N PHE A 11 -3.74 -2.52 -3.12
CA PHE A 11 -5.11 -2.68 -3.58
C PHE A 11 -5.99 -1.53 -3.10
N PRO A 12 -5.97 -0.42 -3.87
CA PRO A 12 -6.76 0.77 -3.55
C PRO A 12 -8.26 0.54 -3.74
N PRO A 13 -9.07 1.49 -3.25
CA PRO A 13 -10.52 1.41 -3.36
C PRO A 13 -11.01 1.61 -4.78
N SER A 14 -12.33 1.58 -4.98
CA SER A 14 -12.92 1.75 -6.29
C SER A 14 -13.55 3.13 -6.43
N SER A 15 -14.11 3.41 -7.60
CA SER A 15 -14.75 4.69 -7.87
C SER A 15 -15.86 4.95 -6.87
N GLU A 16 -16.53 3.88 -6.44
CA GLU A 16 -17.63 4.00 -5.49
C GLU A 16 -17.18 4.71 -4.23
N GLU A 17 -15.93 4.48 -3.83
CA GLU A 17 -15.38 5.11 -2.64
C GLU A 17 -15.12 6.59 -2.87
N LEU A 18 -14.38 6.90 -3.93
CA LEU A 18 -14.06 8.28 -4.26
C LEU A 18 -15.33 9.12 -4.38
N GLN A 19 -16.40 8.51 -4.88
CA GLN A 19 -17.67 9.20 -5.04
C GLN A 19 -18.32 9.47 -3.68
N ALA A 20 -17.96 8.66 -2.69
CA ALA A 20 -18.50 8.81 -1.34
C ALA A 20 -17.62 9.73 -0.50
N ASN A 21 -16.73 10.47 -1.16
CA ASN A 21 -15.83 11.38 -0.46
C ASN A 21 -14.93 10.61 0.51
N LYS A 22 -14.68 9.35 0.20
CA LYS A 22 -13.84 8.51 1.04
C LYS A 22 -12.95 7.61 0.20
N ALA A 23 -11.78 7.25 0.73
CA ALA A 23 -10.84 6.40 0.02
C ALA A 23 -9.65 6.04 0.90
N THR A 24 -9.54 4.76 1.27
CA THR A 24 -8.45 4.30 2.11
C THR A 24 -7.60 3.26 1.38
N LEU A 25 -6.31 3.55 1.23
CA LEU A 25 -5.40 2.63 0.55
C LEU A 25 -4.64 1.78 1.57
N VAL A 26 -4.63 0.48 1.34
CA VAL A 26 -3.93 -0.45 2.23
C VAL A 26 -2.93 -1.31 1.46
N CYS A 27 -1.76 -1.51 2.04
CA CYS A 27 -0.72 -2.31 1.41
C CYS A 27 -0.58 -3.66 2.11
N LEU A 28 -0.69 -4.73 1.34
CA LEU A 28 -0.57 -6.08 1.88
C LEU A 28 0.88 -6.50 1.99
N ILE A 29 1.24 -7.10 3.11
CA ILE A 29 2.60 -7.56 3.34
C ILE A 29 2.63 -9.04 3.73
N SER A 30 3.03 -9.88 2.79
CA SER A 30 3.11 -11.32 3.04
C SER A 30 4.53 -11.84 2.82
N ASP A 31 4.85 -12.97 3.44
CA ASP A 31 6.17 -13.57 3.30
C ASP A 31 7.26 -12.53 3.50
N PHE A 32 7.52 -12.17 4.75
CA PHE A 32 8.54 -11.17 5.07
C PHE A 32 9.25 -11.52 6.38
N TYR A 33 10.02 -10.57 6.90
CA TYR A 33 10.76 -10.78 8.14
C TYR A 33 9.90 -11.51 9.16
N PRO A 34 10.55 -12.10 10.17
CA PRO A 34 9.87 -12.83 11.24
C PRO A 34 9.07 -11.92 12.16
N GLY A 35 7.98 -11.37 11.63
CA GLY A 35 7.15 -10.47 12.42
C GLY A 35 7.83 -9.15 12.73
N ALA A 36 8.92 -8.88 12.01
CA ALA A 36 9.67 -7.64 12.22
C ALA A 36 9.58 -6.73 10.98
N VAL A 37 8.79 -5.66 11.11
CA VAL A 37 8.62 -4.73 10.00
C VAL A 37 8.19 -3.35 10.53
N THR A 38 8.09 -2.39 9.61
CA THR A 38 7.70 -1.04 9.98
C THR A 38 6.57 -0.53 9.07
N VAL A 39 5.72 0.33 9.62
CA VAL A 39 4.60 0.88 8.86
C VAL A 39 4.90 2.32 8.43
N ALA A 40 5.06 2.52 7.12
CA ALA A 40 5.34 3.84 6.58
C ALA A 40 4.70 4.03 5.21
N TRP A 41 4.19 5.23 4.96
CA TRP A 41 3.55 5.53 3.69
C TRP A 41 4.06 6.85 3.12
N LYS A 42 4.13 6.94 1.80
CA LYS A 42 4.60 8.14 1.12
C LYS A 42 4.12 8.17 -0.32
N ALA A 43 3.86 9.38 -0.82
CA ALA A 43 3.39 9.55 -2.20
C ALA A 43 4.58 9.65 -3.16
N ASP A 44 4.69 8.66 -4.04
CA ASP A 44 5.77 8.63 -5.02
C ASP A 44 7.13 8.77 -4.33
N SER A 45 7.65 9.98 -4.32
CA SER A 45 8.95 10.24 -3.70
C SER A 45 8.78 11.05 -2.42
N SER A 46 7.79 11.94 -2.40
CA SER A 46 7.53 12.77 -1.24
C SER A 46 6.71 12.01 -0.20
N PRO A 47 6.94 12.33 1.08
CA PRO A 47 6.24 11.68 2.20
C PRO A 47 4.76 12.08 2.27
N VAL A 48 3.94 11.23 2.87
CA VAL A 48 2.51 11.49 3.00
C VAL A 48 2.14 11.75 4.46
N LYS A 49 0.94 12.28 4.66
CA LYS A 49 0.45 12.58 6.00
C LYS A 49 0.93 11.53 7.00
N ALA A 50 0.85 10.26 6.61
CA ALA A 50 1.28 9.17 7.47
C ALA A 50 0.35 9.02 8.67
N GLY A 51 -0.95 8.98 8.40
CA GLY A 51 -1.92 8.84 9.47
C GLY A 51 -2.34 7.40 9.68
N VAL A 52 -1.36 6.51 9.80
CA VAL A 52 -1.63 5.09 10.00
C VAL A 52 -1.31 4.67 11.43
N GLU A 53 -2.04 3.68 11.93
CA GLU A 53 -1.83 3.18 13.28
C GLU A 53 -2.06 1.67 13.35
N THR A 54 -1.12 0.90 12.80
CA THR A 54 -1.23 -0.55 12.79
C THR A 54 -0.45 -1.16 13.95
N THR A 55 -0.68 -2.45 14.19
CA THR A 55 0.01 -3.15 15.28
C THR A 55 0.89 -4.26 14.73
N THR A 56 1.70 -4.85 15.61
CA THR A 56 2.60 -5.94 15.21
C THR A 56 1.87 -6.99 14.40
N PRO A 57 2.58 -7.64 13.47
CA PRO A 57 2.02 -8.68 12.60
C PRO A 57 1.70 -9.95 13.38
N SER A 58 1.27 -10.98 12.65
CA SER A 58 0.92 -12.26 13.26
C SER A 58 1.33 -13.42 12.37
N LYS A 59 1.46 -14.60 12.96
CA LYS A 59 1.83 -15.80 12.21
C LYS A 59 0.61 -16.41 11.53
N GLN A 60 0.83 -16.96 10.33
CA GLN A 60 -0.26 -17.58 9.58
C GLN A 60 0.04 -19.06 9.31
N SER A 61 -0.84 -19.71 8.56
CA SER A 61 -0.67 -21.13 8.24
C SER A 61 0.54 -21.33 7.32
N ASN A 62 1.08 -20.23 6.82
CA ASN A 62 2.24 -20.30 5.93
C ASN A 62 3.53 -20.49 6.72
N ASN A 63 3.39 -20.67 8.03
CA ASN A 63 4.54 -20.87 8.90
C ASN A 63 5.33 -19.58 9.06
N LYS A 64 4.81 -18.50 8.49
CA LYS A 64 5.46 -17.19 8.56
C LYS A 64 4.49 -16.14 9.07
N TYR A 65 4.97 -14.89 9.15
CA TYR A 65 4.15 -13.79 9.63
C TYR A 65 3.76 -12.87 8.48
N ALA A 66 2.83 -11.95 8.74
CA ALA A 66 2.38 -11.02 7.72
C ALA A 66 1.83 -9.75 8.37
N ALA A 67 2.02 -8.62 7.68
CA ALA A 67 1.54 -7.34 8.19
C ALA A 67 0.76 -6.58 7.11
N SER A 68 0.15 -5.46 7.50
CA SER A 68 -0.62 -4.66 6.58
C SER A 68 -0.88 -3.26 7.15
N SER A 69 -0.73 -2.25 6.31
CA SER A 69 -0.95 -0.86 6.73
C SER A 69 -2.00 -0.18 5.86
N TYR A 70 -2.92 0.53 6.52
CA TYR A 70 -3.98 1.22 5.81
C TYR A 70 -4.06 2.69 6.23
N LEU A 71 -3.89 3.59 5.27
CA LEU A 71 -3.94 5.02 5.54
C LEU A 71 -5.29 5.61 5.12
N SER A 72 -6.07 6.02 6.12
CA SER A 72 -7.38 6.61 5.86
C SER A 72 -7.27 8.11 5.63
N LEU A 73 -7.52 8.54 4.40
CA LEU A 73 -7.45 9.95 4.05
C LEU A 73 -8.46 10.29 2.96
N THR A 74 -8.58 11.58 2.65
CA THR A 74 -9.52 12.04 1.62
C THR A 74 -9.23 11.37 0.28
N PRO A 75 -10.28 11.20 -0.53
CA PRO A 75 -10.15 10.57 -1.86
C PRO A 75 -9.41 11.46 -2.84
N GLU A 76 -9.65 12.76 -2.77
CA GLU A 76 -9.00 13.71 -3.67
C GLU A 76 -7.48 13.55 -3.62
N GLN A 77 -6.97 13.13 -2.47
CA GLN A 77 -5.55 12.94 -2.30
C GLN A 77 -5.02 11.84 -3.22
N TRP A 78 -5.88 10.87 -3.51
CA TRP A 78 -5.51 9.76 -4.38
C TRP A 78 -5.10 10.27 -5.76
N LYS A 79 -6.01 10.97 -6.43
CA LYS A 79 -5.74 11.51 -7.75
C LYS A 79 -4.83 12.73 -7.67
N SER A 80 -4.89 13.42 -6.53
CA SER A 80 -4.07 14.62 -6.33
C SER A 80 -2.59 14.28 -6.47
N HIS A 81 -2.16 13.18 -5.86
CA HIS A 81 -0.77 12.75 -5.92
C HIS A 81 -0.48 12.04 -7.23
N ARG A 82 0.80 11.80 -7.50
CA ARG A 82 1.22 11.12 -8.72
C ARG A 82 1.18 9.60 -8.53
N SER A 83 1.66 9.13 -7.39
CA SER A 83 1.70 7.71 -7.10
C SER A 83 1.86 7.47 -5.59
N TYR A 84 1.73 6.21 -5.19
CA TYR A 84 1.86 5.85 -3.78
C TYR A 84 3.03 4.90 -3.56
N SER A 85 3.49 4.82 -2.33
CA SER A 85 4.61 3.96 -1.98
C SER A 85 4.51 3.47 -0.54
N CYS A 86 4.74 2.18 -0.34
CA CYS A 86 4.67 1.58 0.99
C CYS A 86 6.06 1.21 1.49
N GLN A 87 6.52 1.93 2.51
CA GLN A 87 7.84 1.67 3.08
C GLN A 87 7.76 0.64 4.20
N VAL A 88 8.60 -0.39 4.12
CA VAL A 88 8.62 -1.45 5.11
C VAL A 88 10.05 -1.81 5.50
N THR A 89 10.26 -2.10 6.78
CA THR A 89 11.58 -2.45 7.28
C THR A 89 11.88 -3.93 7.03
N HIS A 90 12.74 -4.19 6.06
CA HIS A 90 13.11 -5.57 5.73
C HIS A 90 14.53 -5.63 5.18
N GLU A 91 15.36 -6.48 5.78
CA GLU A 91 16.75 -6.63 5.35
C GLU A 91 17.45 -5.27 5.30
N GLY A 92 17.00 -4.35 6.14
CA GLY A 92 17.60 -3.03 6.18
C GLY A 92 17.46 -2.29 4.85
N SER A 93 16.44 -2.65 4.10
CA SER A 93 16.20 -2.02 2.80
C SER A 93 14.72 -1.68 2.62
N THR A 94 14.45 -0.63 1.85
CA THR A 94 13.08 -0.19 1.61
C THR A 94 12.72 -0.34 0.13
N VAL A 95 11.46 -0.69 -0.13
CA VAL A 95 10.99 -0.85 -1.51
C VAL A 95 10.09 0.31 -1.92
N GLU A 96 10.09 0.61 -3.22
CA GLU A 96 9.28 1.70 -3.74
C GLU A 96 8.60 1.30 -5.05
N LYS A 97 7.36 1.73 -5.22
CA LYS A 97 6.61 1.41 -6.43
C LYS A 97 5.72 2.58 -6.84
N THR A 98 5.32 2.60 -8.10
CA THR A 98 4.48 3.66 -8.64
C THR A 98 3.06 3.16 -8.90
N VAL A 99 2.08 3.81 -8.28
CA VAL A 99 0.68 3.43 -8.46
C VAL A 99 -0.14 4.60 -8.99
N ALA A 100 -1.36 4.30 -9.44
CA ALA A 100 -2.24 5.32 -9.98
C ALA A 100 -3.68 4.85 -9.99
N PRO A 101 -4.63 5.80 -9.93
CA PRO A 101 -6.06 5.50 -9.93
C PRO A 101 -6.54 4.97 -11.28
N THR A 102 -6.01 5.54 -12.35
CA THR A 102 -6.39 5.13 -13.71
C THR A 102 -5.32 5.51 -14.72
N GLU A 103 -5.28 4.79 -15.84
CA GLU A 103 -4.30 5.05 -16.88
C GLU A 103 -4.96 5.73 -18.09
N SER A 104 -4.13 6.23 -19.00
CA SER A 104 -4.63 6.90 -20.18
C SER A 104 -5.62 6.01 -20.94
N SER A 105 -6.34 6.61 -21.88
CA SER A 105 -7.33 5.87 -22.67
C SER A 105 -7.33 6.35 -24.11
N GLU A 106 -6.50 5.71 -24.94
CA GLU A 106 -6.41 6.07 -26.36
C GLU A 106 -7.78 6.08 -27.01
N ASN A 107 -8.34 4.88 -27.21
CA ASN A 107 -9.66 4.75 -27.83
C ASN A 107 -10.52 3.74 -27.06
N LEU A 108 -11.63 4.22 -26.53
CA LEU A 108 -12.54 3.37 -25.77
C LEU A 108 -13.90 3.29 -26.44
N TYR A 109 -14.73 2.36 -26.00
CA TYR A 109 -16.07 2.18 -26.56
C TYR A 109 -17.04 3.20 -25.98
N PHE A 110 -17.78 3.86 -26.85
CA PHE A 110 -18.76 4.87 -26.42
C PHE A 110 -20.18 4.37 -26.63
N GLN A 111 -20.37 3.55 -27.67
CA GLN A 111 -21.69 3.00 -27.99
C GLN A 111 -21.59 1.51 -28.30
N GLN A 1 10.71 -21.95 8.60
CA GLN A 1 11.16 -21.58 7.26
C GLN A 1 12.18 -20.46 7.31
N PRO A 2 12.95 -20.30 6.22
CA PRO A 2 13.98 -19.26 6.12
C PRO A 2 13.38 -17.86 6.03
N LYS A 3 14.23 -16.88 5.74
CA LYS A 3 13.78 -15.50 5.63
C LYS A 3 13.27 -15.21 4.22
N ALA A 4 12.20 -14.43 4.13
CA ALA A 4 11.62 -14.07 2.85
C ALA A 4 11.39 -12.57 2.73
N ALA A 5 11.49 -12.05 1.51
CA ALA A 5 11.30 -10.63 1.29
C ALA A 5 9.84 -10.31 0.98
N PRO A 6 9.37 -9.15 1.49
CA PRO A 6 7.99 -8.71 1.29
C PRO A 6 7.71 -8.32 -0.15
N SER A 7 6.45 -8.46 -0.57
CA SER A 7 6.05 -8.12 -1.93
C SER A 7 5.26 -6.81 -1.96
N VAL A 8 5.20 -6.20 -3.13
CA VAL A 8 4.48 -4.94 -3.29
C VAL A 8 3.10 -5.15 -3.89
N THR A 9 2.08 -4.86 -3.11
CA THR A 9 0.70 -5.03 -3.56
C THR A 9 -0.18 -3.87 -3.10
N LEU A 10 -0.68 -3.09 -4.06
CA LEU A 10 -1.53 -1.95 -3.76
C LEU A 10 -2.89 -2.09 -4.43
N PHE A 11 -3.94 -2.22 -3.62
CA PHE A 11 -5.29 -2.37 -4.14
C PHE A 11 -6.19 -1.26 -3.62
N PRO A 12 -6.20 -0.11 -4.32
CA PRO A 12 -7.01 1.05 -3.95
C PRO A 12 -8.50 0.80 -4.15
N PRO A 13 -9.33 1.69 -3.59
CA PRO A 13 -10.79 1.59 -3.70
C PRO A 13 -11.28 1.88 -5.11
N SER A 14 -12.60 1.91 -5.28
CA SER A 14 -13.20 2.18 -6.59
C SER A 14 -13.78 3.58 -6.64
N SER A 15 -14.35 3.94 -7.79
CA SER A 15 -14.94 5.26 -7.97
C SER A 15 -16.04 5.52 -6.94
N GLU A 16 -16.71 4.45 -6.53
CA GLU A 16 -17.78 4.56 -5.55
C GLU A 16 -17.29 5.22 -4.27
N GLU A 17 -16.04 4.95 -3.92
CA GLU A 17 -15.45 5.51 -2.71
C GLU A 17 -15.20 7.01 -2.88
N LEU A 18 -14.49 7.37 -3.95
CA LEU A 18 -14.18 8.77 -4.23
C LEU A 18 -15.45 9.60 -4.29
N GLN A 19 -16.53 9.01 -4.78
CA GLN A 19 -17.80 9.70 -4.89
C GLN A 19 -18.43 9.92 -3.52
N ALA A 20 -18.04 9.08 -2.56
CA ALA A 20 -18.55 9.19 -1.20
C ALA A 20 -17.65 10.06 -0.33
N ASN A 21 -16.76 10.81 -0.99
CA ASN A 21 -15.83 11.68 -0.28
C ASN A 21 -14.92 10.88 0.64
N LYS A 22 -14.70 9.62 0.29
CA LYS A 22 -13.84 8.74 1.08
C LYS A 22 -12.97 7.87 0.18
N ALA A 23 -11.82 7.46 0.71
CA ALA A 23 -10.90 6.62 -0.05
C ALA A 23 -9.64 6.32 0.76
N THR A 24 -9.47 5.06 1.14
CA THR A 24 -8.31 4.65 1.92
C THR A 24 -7.57 3.50 1.23
N LEU A 25 -6.30 3.72 0.93
CA LEU A 25 -5.48 2.71 0.27
C LEU A 25 -4.79 1.81 1.30
N VAL A 26 -4.60 0.55 0.95
CA VAL A 26 -3.95 -0.41 1.83
C VAL A 26 -2.95 -1.27 1.07
N CYS A 27 -1.78 -1.49 1.68
CA CYS A 27 -0.74 -2.29 1.05
C CYS A 27 -0.64 -3.66 1.74
N LEU A 28 -0.80 -4.71 0.94
CA LEU A 28 -0.72 -6.07 1.46
C LEU A 28 0.72 -6.55 1.57
N ILE A 29 1.05 -7.18 2.68
CA ILE A 29 2.40 -7.68 2.91
C ILE A 29 2.39 -9.17 3.26
N SER A 30 2.94 -9.99 2.37
CA SER A 30 2.98 -11.43 2.59
C SER A 30 4.39 -11.97 2.39
N ASP A 31 4.69 -13.08 3.04
CA ASP A 31 6.01 -13.70 2.93
C ASP A 31 7.11 -12.66 3.12
N PHE A 32 7.27 -12.19 4.36
CA PHE A 32 8.28 -11.19 4.67
C PHE A 32 9.00 -11.55 5.97
N TYR A 33 9.79 -10.61 6.48
CA TYR A 33 10.54 -10.81 7.72
C TYR A 33 9.70 -11.55 8.74
N PRO A 34 10.36 -12.16 9.74
CA PRO A 34 9.70 -12.90 10.80
C PRO A 34 8.91 -12.00 11.75
N GLY A 35 7.82 -11.43 11.24
CA GLY A 35 6.99 -10.55 12.05
C GLY A 35 7.69 -9.24 12.38
N ALA A 36 8.78 -8.96 11.67
CA ALA A 36 9.54 -7.75 11.88
C ALA A 36 9.46 -6.83 10.66
N VAL A 37 8.67 -5.75 10.79
CA VAL A 37 8.51 -4.80 9.70
C VAL A 37 8.10 -3.43 10.22
N THR A 38 8.02 -2.45 9.32
CA THR A 38 7.63 -1.10 9.69
C THR A 38 6.52 -0.58 8.80
N VAL A 39 5.67 0.28 9.34
CA VAL A 39 4.57 0.86 8.59
C VAL A 39 4.86 2.31 8.20
N ALA A 40 5.03 2.54 6.91
CA ALA A 40 5.31 3.88 6.41
C ALA A 40 4.67 4.10 5.04
N TRP A 41 4.12 5.30 4.83
CA TRP A 41 3.48 5.63 3.57
C TRP A 41 3.98 6.98 3.05
N LYS A 42 4.04 7.10 1.73
CA LYS A 42 4.50 8.34 1.11
C LYS A 42 4.05 8.41 -0.36
N ALA A 43 3.82 9.63 -0.83
CA ALA A 43 3.38 9.84 -2.21
C ALA A 43 4.57 9.92 -3.15
N ASP A 44 4.64 9.02 -4.12
CA ASP A 44 5.73 8.99 -5.09
C ASP A 44 7.07 9.22 -4.39
N SER A 45 7.54 10.46 -4.43
CA SER A 45 8.82 10.82 -3.81
C SER A 45 8.60 11.62 -2.54
N SER A 46 7.54 12.43 -2.54
CA SER A 46 7.22 13.27 -1.38
C SER A 46 6.49 12.46 -0.31
N PRO A 47 6.75 12.79 0.95
CA PRO A 47 6.13 12.11 2.10
C PRO A 47 4.64 12.43 2.22
N VAL A 48 3.88 11.47 2.75
CA VAL A 48 2.44 11.66 2.92
C VAL A 48 2.09 11.83 4.39
N LYS A 49 0.88 12.31 4.65
CA LYS A 49 0.41 12.52 6.01
C LYS A 49 0.89 11.40 6.93
N ALA A 50 0.81 10.16 6.44
CA ALA A 50 1.25 9.01 7.22
C ALA A 50 0.34 8.79 8.43
N GLY A 51 -0.95 8.95 8.22
CA GLY A 51 -1.91 8.76 9.31
C GLY A 51 -2.32 7.32 9.48
N VAL A 52 -1.32 6.44 9.61
CA VAL A 52 -1.59 5.01 9.77
C VAL A 52 -1.25 4.56 11.19
N GLU A 53 -2.05 3.63 11.71
CA GLU A 53 -1.83 3.12 13.06
C GLU A 53 -2.09 1.62 13.12
N THR A 54 -1.16 0.85 12.57
CA THR A 54 -1.29 -0.61 12.56
C THR A 54 -0.53 -1.25 13.72
N THR A 55 -0.76 -2.53 13.94
CA THR A 55 -0.10 -3.26 15.02
C THR A 55 0.78 -4.37 14.46
N THR A 56 1.58 -4.98 15.34
CA THR A 56 2.47 -6.06 14.95
C THR A 56 1.72 -7.11 14.12
N PRO A 57 2.44 -7.73 13.17
CA PRO A 57 1.86 -8.76 12.30
C PRO A 57 1.57 -10.06 13.06
N SER A 58 1.15 -11.09 12.33
CA SER A 58 0.82 -12.37 12.93
C SER A 58 1.21 -13.52 12.00
N LYS A 59 1.31 -14.71 12.56
CA LYS A 59 1.67 -15.89 11.78
C LYS A 59 0.44 -16.50 11.10
N GLN A 60 0.63 -17.04 9.91
CA GLN A 60 -0.46 -17.65 9.16
C GLN A 60 -0.19 -19.13 8.89
N SER A 61 -1.06 -19.75 8.11
CA SER A 61 -0.90 -21.17 7.78
C SER A 61 0.28 -21.39 6.86
N ASN A 62 0.86 -20.30 6.38
CA ASN A 62 2.01 -20.37 5.48
C ASN A 62 3.30 -20.58 6.27
N ASN A 63 3.17 -20.78 7.58
CA ASN A 63 4.32 -20.99 8.44
C ASN A 63 5.12 -19.70 8.59
N LYS A 64 4.60 -18.61 8.04
CA LYS A 64 5.26 -17.32 8.11
C LYS A 64 4.30 -16.25 8.64
N TYR A 65 4.79 -15.01 8.72
CA TYR A 65 3.98 -13.91 9.21
C TYR A 65 3.62 -12.95 8.08
N ALA A 66 2.67 -12.07 8.33
CA ALA A 66 2.23 -11.10 7.34
C ALA A 66 1.70 -9.83 8.00
N ALA A 67 1.89 -8.69 7.33
CA ALA A 67 1.43 -7.42 7.85
C ALA A 67 0.67 -6.62 6.79
N SER A 68 0.11 -5.50 7.19
CA SER A 68 -0.65 -4.66 6.27
C SER A 68 -0.89 -3.27 6.88
N SER A 69 -0.85 -2.25 6.03
CA SER A 69 -1.06 -0.88 6.47
C SER A 69 -2.15 -0.19 5.66
N TYR A 70 -3.01 0.55 6.34
CA TYR A 70 -4.10 1.25 5.68
C TYR A 70 -4.16 2.71 6.11
N LEU A 71 -3.93 3.61 5.16
CA LEU A 71 -3.95 5.05 5.43
C LEU A 71 -5.30 5.65 5.08
N SER A 72 -5.97 6.23 6.07
CA SER A 72 -7.28 6.84 5.85
C SER A 72 -7.13 8.34 5.64
N LEU A 73 -7.42 8.78 4.41
CA LEU A 73 -7.33 10.20 4.08
C LEU A 73 -8.36 10.57 3.01
N THR A 74 -8.45 11.86 2.70
CA THR A 74 -9.39 12.35 1.71
C THR A 74 -9.15 11.69 0.35
N PRO A 75 -10.22 11.54 -0.44
CA PRO A 75 -10.15 10.92 -1.76
C PRO A 75 -9.41 11.80 -2.77
N GLU A 76 -9.63 13.11 -2.67
CA GLU A 76 -8.98 14.06 -3.58
C GLU A 76 -7.47 13.84 -3.58
N GLN A 77 -6.92 13.41 -2.45
CA GLN A 77 -5.49 13.17 -2.33
C GLN A 77 -5.03 12.10 -3.31
N TRP A 78 -5.93 11.17 -3.61
CA TRP A 78 -5.61 10.08 -4.54
C TRP A 78 -5.21 10.62 -5.91
N LYS A 79 -6.12 11.37 -6.52
CA LYS A 79 -5.87 11.95 -7.84
C LYS A 79 -4.94 13.16 -7.73
N SER A 80 -4.93 13.78 -6.56
CA SER A 80 -4.09 14.95 -6.32
C SER A 80 -2.62 14.59 -6.41
N HIS A 81 -2.25 13.47 -5.79
CA HIS A 81 -0.86 13.02 -5.80
C HIS A 81 -0.50 12.40 -7.14
N ARG A 82 0.78 12.12 -7.34
CA ARG A 82 1.25 11.53 -8.58
C ARG A 82 1.26 10.00 -8.49
N SER A 83 1.59 9.49 -7.31
CA SER A 83 1.64 8.05 -7.09
C SER A 83 1.78 7.74 -5.60
N TYR A 84 1.60 6.47 -5.25
CA TYR A 84 1.69 6.04 -3.87
C TYR A 84 2.89 5.12 -3.66
N SER A 85 3.36 5.02 -2.42
CA SER A 85 4.49 4.18 -2.10
C SER A 85 4.38 3.64 -0.67
N CYS A 86 4.63 2.35 -0.51
CA CYS A 86 4.56 1.71 0.80
C CYS A 86 5.95 1.35 1.30
N GLN A 87 6.38 2.02 2.37
CA GLN A 87 7.69 1.79 2.95
C GLN A 87 7.62 0.70 4.02
N VAL A 88 8.46 -0.33 3.88
CA VAL A 88 8.49 -1.42 4.83
C VAL A 88 9.92 -1.81 5.18
N THR A 89 10.14 -2.15 6.45
CA THR A 89 11.47 -2.53 6.91
C THR A 89 11.76 -4.00 6.61
N HIS A 90 12.55 -4.24 5.58
CA HIS A 90 12.90 -5.60 5.19
C HIS A 90 14.32 -5.65 4.63
N GLU A 91 15.14 -6.53 5.19
CA GLU A 91 16.53 -6.68 4.74
C GLU A 91 17.24 -5.34 4.73
N GLY A 92 16.81 -4.43 5.61
CA GLY A 92 17.42 -3.12 5.69
C GLY A 92 17.27 -2.34 4.40
N SER A 93 16.24 -2.66 3.63
CA SER A 93 15.99 -1.99 2.35
C SER A 93 14.52 -1.60 2.21
N THR A 94 14.28 -0.48 1.53
CA THR A 94 12.91 0.00 1.33
C THR A 94 12.49 -0.14 -0.13
N VAL A 95 11.21 -0.43 -0.34
CA VAL A 95 10.67 -0.60 -1.69
C VAL A 95 9.84 0.60 -2.10
N GLU A 96 9.81 0.89 -3.40
CA GLU A 96 9.05 2.01 -3.92
C GLU A 96 8.40 1.66 -5.25
N LYS A 97 7.16 2.11 -5.44
CA LYS A 97 6.43 1.83 -6.67
C LYS A 97 5.57 3.04 -7.07
N THR A 98 5.18 3.09 -8.33
CA THR A 98 4.34 4.18 -8.83
C THR A 98 2.94 3.69 -9.16
N VAL A 99 1.95 4.28 -8.49
CA VAL A 99 0.55 3.92 -8.72
C VAL A 99 -0.25 5.10 -9.23
N ALA A 100 -1.45 4.83 -9.73
CA ALA A 100 -2.32 5.86 -10.26
C ALA A 100 -3.77 5.39 -10.32
N PRO A 101 -4.71 6.34 -10.25
CA PRO A 101 -6.15 6.05 -10.30
C PRO A 101 -6.59 5.57 -11.67
N THR A 102 -6.09 6.22 -12.71
CA THR A 102 -6.43 5.85 -14.08
C THR A 102 -5.33 6.26 -15.05
N GLU A 103 -4.75 5.27 -15.72
CA GLU A 103 -3.68 5.53 -16.68
C GLU A 103 -4.16 6.46 -17.79
N SER A 104 -3.29 6.70 -18.77
CA SER A 104 -3.61 7.58 -19.88
C SER A 104 -4.50 6.88 -20.90
N SER A 105 -5.66 6.42 -20.44
CA SER A 105 -6.61 5.73 -21.31
C SER A 105 -5.91 4.59 -22.06
N GLU A 106 -4.93 3.97 -21.41
CA GLU A 106 -4.19 2.87 -22.01
C GLU A 106 -5.13 1.81 -22.54
N ASN A 107 -6.25 1.59 -21.83
CA ASN A 107 -7.23 0.60 -22.24
C ASN A 107 -8.65 1.11 -22.01
N LEU A 108 -9.44 1.13 -23.08
CA LEU A 108 -10.82 1.60 -22.99
C LEU A 108 -11.77 0.65 -23.73
N TYR A 109 -13.03 0.67 -23.35
CA TYR A 109 -14.04 -0.18 -23.97
C TYR A 109 -14.67 0.51 -25.18
N PHE A 110 -15.72 -0.10 -25.71
CA PHE A 110 -16.41 0.44 -26.87
C PHE A 110 -17.86 0.78 -26.53
N GLN A 111 -18.57 1.37 -27.49
CA GLN A 111 -19.96 1.73 -27.29
C GLN A 111 -20.86 1.02 -28.28
N GLN A 1 11.39 -21.91 9.64
CA GLN A 1 11.72 -21.60 8.25
C GLN A 1 12.70 -20.44 8.17
N PRO A 2 13.37 -20.31 7.01
CA PRO A 2 14.36 -19.25 6.79
C PRO A 2 13.71 -17.87 6.68
N LYS A 3 14.50 -16.88 6.29
CA LYS A 3 14.01 -15.51 6.15
C LYS A 3 13.45 -15.29 4.75
N ALA A 4 12.46 -14.41 4.65
CA ALA A 4 11.83 -14.11 3.37
C ALA A 4 11.63 -12.60 3.21
N ALA A 5 11.64 -12.13 1.97
CA ALA A 5 11.45 -10.72 1.68
C ALA A 5 9.98 -10.39 1.46
N PRO A 6 9.55 -9.22 1.97
CA PRO A 6 8.17 -8.76 1.85
C PRO A 6 7.80 -8.40 0.41
N SER A 7 6.63 -8.86 -0.02
CA SER A 7 6.15 -8.57 -1.38
C SER A 7 5.38 -7.26 -1.43
N VAL A 8 5.35 -6.64 -2.59
CA VAL A 8 4.64 -5.38 -2.78
C VAL A 8 3.26 -5.62 -3.39
N THR A 9 2.22 -5.32 -2.62
CA THR A 9 0.85 -5.50 -3.09
C THR A 9 -0.04 -4.33 -2.66
N LEU A 10 -0.51 -3.56 -3.63
CA LEU A 10 -1.36 -2.42 -3.36
C LEU A 10 -2.73 -2.58 -4.01
N PHE A 11 -3.76 -2.72 -3.20
CA PHE A 11 -5.12 -2.88 -3.71
C PHE A 11 -6.03 -1.77 -3.21
N PRO A 12 -6.06 -0.65 -3.95
CA PRO A 12 -6.87 0.52 -3.60
C PRO A 12 -8.37 0.25 -3.78
N PRO A 13 -9.20 1.16 -3.25
CA PRO A 13 -10.66 1.04 -3.34
C PRO A 13 -11.17 1.26 -4.76
N SER A 14 -12.49 1.24 -4.92
CA SER A 14 -13.11 1.43 -6.23
C SER A 14 -13.74 2.81 -6.33
N SER A 15 -14.31 3.11 -7.49
CA SER A 15 -14.94 4.40 -7.73
C SER A 15 -16.04 4.66 -6.70
N GLU A 16 -16.68 3.60 -6.24
CA GLU A 16 -17.75 3.71 -5.25
C GLU A 16 -17.26 4.43 -4.00
N GLU A 17 -15.99 4.25 -3.69
CA GLU A 17 -15.39 4.89 -2.52
C GLU A 17 -15.15 6.38 -2.78
N LEU A 18 -14.46 6.68 -3.86
CA LEU A 18 -14.17 8.07 -4.21
C LEU A 18 -15.45 8.90 -4.30
N GLN A 19 -16.52 8.27 -4.80
CA GLN A 19 -17.79 8.95 -4.93
C GLN A 19 -18.41 9.22 -3.56
N ALA A 20 -18.03 8.42 -2.57
CA ALA A 20 -18.54 8.57 -1.22
C ALA A 20 -17.65 9.49 -0.39
N ASN A 21 -16.77 10.23 -1.08
CA ASN A 21 -15.87 11.15 -0.41
C ASN A 21 -14.94 10.41 0.56
N LYS A 22 -14.70 9.14 0.26
CA LYS A 22 -13.83 8.32 1.10
C LYS A 22 -12.92 7.44 0.25
N ALA A 23 -11.78 7.06 0.79
CA ALA A 23 -10.82 6.21 0.08
C ALA A 23 -9.59 5.94 0.93
N THR A 24 -9.37 4.68 1.27
CA THR A 24 -8.22 4.29 2.08
C THR A 24 -7.45 3.15 1.42
N LEU A 25 -6.17 3.39 1.15
CA LEU A 25 -5.31 2.39 0.52
C LEU A 25 -4.60 1.56 1.57
N VAL A 26 -4.37 0.28 1.27
CA VAL A 26 -3.68 -0.62 2.18
C VAL A 26 -2.69 -1.50 1.44
N CYS A 27 -1.51 -1.70 2.04
CA CYS A 27 -0.47 -2.52 1.44
C CYS A 27 -0.37 -3.86 2.16
N LEU A 28 -0.50 -4.95 1.40
CA LEU A 28 -0.41 -6.29 1.96
C LEU A 28 1.05 -6.73 2.09
N ILE A 29 1.38 -7.32 3.23
CA ILE A 29 2.74 -7.79 3.49
C ILE A 29 2.74 -9.26 3.90
N SER A 30 3.27 -10.11 3.03
CA SER A 30 3.34 -11.54 3.30
C SER A 30 4.76 -12.06 3.12
N ASP A 31 5.08 -13.14 3.81
CA ASP A 31 6.41 -13.75 3.73
C ASP A 31 7.50 -12.69 3.86
N PHE A 32 7.65 -12.16 5.08
CA PHE A 32 8.65 -11.14 5.35
C PHE A 32 9.41 -11.44 6.64
N TYR A 33 10.19 -10.47 7.10
CA TYR A 33 10.95 -10.62 8.33
C TYR A 33 10.14 -11.34 9.40
N PRO A 34 10.84 -11.88 10.41
CA PRO A 34 10.20 -12.60 11.52
C PRO A 34 9.41 -11.67 12.44
N GLY A 35 8.30 -11.13 11.92
CA GLY A 35 7.48 -10.24 12.70
C GLY A 35 8.16 -8.90 12.96
N ALA A 36 9.24 -8.64 12.24
CA ALA A 36 9.98 -7.40 12.40
C ALA A 36 9.87 -6.53 11.15
N VAL A 37 9.08 -5.47 11.23
CA VAL A 37 8.90 -4.56 10.10
C VAL A 37 8.46 -3.18 10.58
N THR A 38 8.35 -2.25 9.63
CA THR A 38 7.94 -0.89 9.95
C THR A 38 6.81 -0.42 9.04
N VAL A 39 5.95 0.44 9.56
CA VAL A 39 4.82 0.95 8.80
C VAL A 39 5.06 2.39 8.36
N ALA A 40 5.25 2.59 7.06
CA ALA A 40 5.48 3.92 6.51
C ALA A 40 4.85 4.08 5.14
N TRP A 41 4.30 5.26 4.87
CA TRP A 41 3.66 5.54 3.59
C TRP A 41 4.14 6.87 3.02
N LYS A 42 4.17 6.96 1.70
CA LYS A 42 4.62 8.18 1.02
C LYS A 42 4.12 8.21 -0.42
N ALA A 43 3.84 9.41 -0.92
CA ALA A 43 3.36 9.57 -2.29
C ALA A 43 4.54 9.68 -3.27
N ASP A 44 4.66 8.69 -4.15
CA ASP A 44 5.73 8.67 -5.13
C ASP A 44 7.09 8.84 -4.46
N SER A 45 7.61 10.06 -4.49
CA SER A 45 8.92 10.35 -3.88
C SER A 45 8.75 11.16 -2.60
N SER A 46 7.73 12.02 -2.58
CA SER A 46 7.46 12.86 -1.42
C SER A 46 6.68 12.09 -0.36
N PRO A 47 6.89 12.44 0.92
CA PRO A 47 6.22 11.80 2.05
C PRO A 47 4.73 12.14 2.10
N VAL A 48 3.95 11.26 2.71
CA VAL A 48 2.51 11.47 2.84
C VAL A 48 2.11 11.72 4.29
N LYS A 49 0.89 12.20 4.48
CA LYS A 49 0.39 12.48 5.82
C LYS A 49 0.89 11.45 6.82
N ALA A 50 0.85 10.18 6.44
CA ALA A 50 1.30 9.10 7.30
C ALA A 50 0.38 8.93 8.50
N GLY A 51 -0.93 8.92 8.25
CA GLY A 51 -1.88 8.77 9.32
C GLY A 51 -2.27 7.33 9.54
N VAL A 52 -1.28 6.46 9.69
CA VAL A 52 -1.53 5.04 9.91
C VAL A 52 -1.23 4.63 11.34
N GLU A 53 -2.00 3.68 11.87
CA GLU A 53 -1.82 3.21 13.23
C GLU A 53 -2.01 1.70 13.31
N THR A 54 -1.03 0.96 12.81
CA THR A 54 -1.09 -0.50 12.83
C THR A 54 -0.33 -1.07 14.02
N THR A 55 -0.50 -2.36 14.26
CA THR A 55 0.16 -3.03 15.37
C THR A 55 1.09 -4.14 14.88
N THR A 56 1.88 -4.69 15.79
CA THR A 56 2.81 -5.76 15.45
C THR A 56 2.11 -6.87 14.68
N PRO A 57 2.85 -7.50 13.75
CA PRO A 57 2.32 -8.59 12.92
C PRO A 57 2.06 -9.86 13.73
N SER A 58 1.55 -10.89 13.06
CA SER A 58 1.26 -12.16 13.72
C SER A 58 1.66 -13.34 12.83
N LYS A 59 1.77 -14.51 13.43
CA LYS A 59 2.14 -15.72 12.69
C LYS A 59 0.91 -16.35 12.04
N GLN A 60 1.10 -16.93 10.86
CA GLN A 60 0.01 -17.56 10.14
C GLN A 60 0.30 -19.04 9.90
N SER A 61 -0.61 -19.72 9.23
CA SER A 61 -0.45 -21.15 8.95
C SER A 61 0.74 -21.39 8.02
N ASN A 62 1.25 -20.31 7.44
CA ASN A 62 2.39 -20.40 6.54
C ASN A 62 3.69 -20.58 7.32
N ASN A 63 3.57 -20.70 8.64
CA ASN A 63 4.73 -20.87 9.50
C ASN A 63 5.54 -19.58 9.59
N LYS A 64 5.02 -18.51 8.99
CA LYS A 64 5.68 -17.22 9.01
C LYS A 64 4.75 -16.12 9.51
N TYR A 65 5.25 -14.90 9.54
CA TYR A 65 4.44 -13.76 9.99
C TYR A 65 4.07 -12.85 8.82
N ALA A 66 3.11 -11.96 9.06
CA ALA A 66 2.66 -11.03 8.03
C ALA A 66 2.10 -9.77 8.64
N ALA A 67 2.23 -8.65 7.93
CA ALA A 67 1.74 -7.37 8.41
C ALA A 67 0.93 -6.66 7.32
N SER A 68 0.35 -5.51 7.68
CA SER A 68 -0.44 -4.73 6.74
C SER A 68 -0.69 -3.33 7.27
N SER A 69 -0.58 -2.34 6.38
CA SER A 69 -0.79 -0.95 6.77
C SER A 69 -1.83 -0.29 5.87
N TYR A 70 -2.74 0.46 6.49
CA TYR A 70 -3.81 1.14 5.75
C TYR A 70 -3.90 2.60 6.16
N LEU A 71 -3.70 3.49 5.19
CA LEU A 71 -3.76 4.92 5.44
C LEU A 71 -5.12 5.49 5.06
N SER A 72 -5.83 6.02 6.04
CA SER A 72 -7.16 6.59 5.80
C SER A 72 -7.06 8.10 5.57
N LEU A 73 -7.34 8.51 4.34
CA LEU A 73 -7.28 9.93 3.97
C LEU A 73 -8.33 10.25 2.91
N THR A 74 -8.43 11.53 2.56
CA THR A 74 -9.38 11.98 1.56
C THR A 74 -9.16 11.27 0.23
N PRO A 75 -10.24 11.09 -0.55
CA PRO A 75 -10.17 10.43 -1.85
C PRO A 75 -9.45 11.27 -2.89
N GLU A 76 -9.69 12.57 -2.87
CA GLU A 76 -9.06 13.49 -3.81
C GLU A 76 -7.55 13.31 -3.82
N GLN A 77 -7.00 12.93 -2.66
CA GLN A 77 -5.55 12.72 -2.54
C GLN A 77 -5.08 11.61 -3.47
N TRP A 78 -5.96 10.66 -3.75
CA TRP A 78 -5.64 9.54 -4.62
C TRP A 78 -5.25 10.03 -6.01
N LYS A 79 -6.17 10.73 -6.67
CA LYS A 79 -5.93 11.26 -8.00
C LYS A 79 -5.03 12.49 -7.94
N SER A 80 -5.00 13.15 -6.78
CA SER A 80 -4.19 14.34 -6.59
C SER A 80 -2.70 14.00 -6.65
N HIS A 81 -2.32 12.92 -5.98
CA HIS A 81 -0.92 12.49 -5.96
C HIS A 81 -0.54 11.83 -7.28
N ARG A 82 0.75 11.58 -7.46
CA ARG A 82 1.24 10.96 -8.68
C ARG A 82 1.28 9.44 -8.55
N SER A 83 1.57 8.96 -7.34
CA SER A 83 1.65 7.53 -7.07
C SER A 83 1.79 7.26 -5.58
N TYR A 84 1.63 6.01 -5.19
CA TYR A 84 1.73 5.61 -3.79
C TYR A 84 2.95 4.71 -3.57
N SER A 85 3.43 4.67 -2.33
CA SER A 85 4.59 3.86 -1.98
C SER A 85 4.50 3.37 -0.54
N CYS A 86 4.82 2.09 -0.33
CA CYS A 86 4.78 1.50 1.00
C CYS A 86 6.18 1.19 1.50
N GLN A 87 6.61 1.92 2.53
CA GLN A 87 7.94 1.71 3.10
C GLN A 87 7.90 0.66 4.21
N VAL A 88 8.79 -0.32 4.13
CA VAL A 88 8.85 -1.38 5.12
C VAL A 88 10.30 -1.68 5.52
N THR A 89 10.51 -1.93 6.81
CA THR A 89 11.84 -2.22 7.32
C THR A 89 12.20 -3.70 7.13
N HIS A 90 13.03 -3.97 6.13
CA HIS A 90 13.45 -5.34 5.85
C HIS A 90 14.89 -5.37 5.34
N GLU A 91 15.75 -6.03 6.09
CA GLU A 91 17.17 -6.15 5.72
C GLU A 91 17.78 -4.76 5.54
N GLY A 92 17.28 -3.79 6.30
CA GLY A 92 17.80 -2.44 6.20
C GLY A 92 17.58 -1.83 4.83
N SER A 93 16.56 -2.31 4.12
CA SER A 93 16.25 -1.81 2.79
C SER A 93 14.78 -1.43 2.68
N THR A 94 14.49 -0.51 1.76
CA THR A 94 13.12 -0.05 1.56
C THR A 94 12.67 -0.27 0.12
N VAL A 95 11.39 -0.58 -0.06
CA VAL A 95 10.84 -0.82 -1.40
C VAL A 95 9.99 0.37 -1.86
N GLU A 96 9.94 0.57 -3.17
CA GLU A 96 9.16 1.67 -3.74
C GLU A 96 8.51 1.25 -5.05
N LYS A 97 7.28 1.73 -5.27
CA LYS A 97 6.55 1.40 -6.48
C LYS A 97 5.65 2.55 -6.90
N THR A 98 5.24 2.56 -8.17
CA THR A 98 4.38 3.61 -8.69
C THR A 98 2.98 3.08 -8.98
N VAL A 99 1.99 3.70 -8.35
CA VAL A 99 0.59 3.29 -8.55
C VAL A 99 -0.24 4.44 -9.10
N ALA A 100 -1.43 4.12 -9.58
CA ALA A 100 -2.33 5.12 -10.14
C ALA A 100 -3.78 4.63 -10.13
N PRO A 101 -4.73 5.58 -10.12
CA PRO A 101 -6.15 5.27 -10.10
C PRO A 101 -6.63 4.68 -11.44
N THR A 102 -6.09 5.19 -12.54
CA THR A 102 -6.46 4.72 -13.86
C THR A 102 -5.40 5.09 -14.89
N GLU A 103 -5.28 4.27 -15.94
CA GLU A 103 -4.32 4.52 -17.00
C GLU A 103 -5.00 5.07 -18.25
N SER A 104 -4.20 5.39 -19.25
CA SER A 104 -4.73 5.94 -20.50
C SER A 104 -5.77 5.00 -21.10
N SER A 105 -7.04 5.37 -20.97
CA SER A 105 -8.13 4.56 -21.50
C SER A 105 -9.26 5.44 -22.03
N GLU A 106 -8.88 6.56 -22.63
CA GLU A 106 -9.86 7.50 -23.18
C GLU A 106 -9.93 7.38 -24.70
N ASN A 107 -10.76 8.21 -25.32
CA ASN A 107 -10.92 8.21 -26.77
C ASN A 107 -11.25 6.81 -27.27
N LEU A 108 -12.04 6.07 -26.49
CA LEU A 108 -12.42 4.72 -26.86
C LEU A 108 -13.70 4.71 -27.69
N TYR A 109 -14.06 3.55 -28.22
CA TYR A 109 -15.25 3.41 -29.04
C TYR A 109 -16.51 3.70 -28.22
N PHE A 110 -17.41 4.48 -28.80
CA PHE A 110 -18.66 4.83 -28.13
C PHE A 110 -19.85 4.14 -28.80
N GLN A 111 -19.76 3.94 -30.11
CA GLN A 111 -20.82 3.30 -30.86
C GLN A 111 -20.30 2.07 -31.61
N GLN A 1 12.00 -21.85 9.31
CA GLN A 1 12.35 -21.46 7.95
C GLN A 1 13.22 -20.20 7.95
N PRO A 2 13.93 -19.98 6.83
CA PRO A 2 14.82 -18.81 6.67
C PRO A 2 14.04 -17.51 6.57
N LYS A 3 14.74 -16.44 6.23
CA LYS A 3 14.12 -15.13 6.09
C LYS A 3 13.49 -14.97 4.71
N ALA A 4 12.44 -14.15 4.64
CA ALA A 4 11.75 -13.91 3.37
C ALA A 4 11.47 -12.42 3.17
N ALA A 5 11.48 -11.99 1.91
CA ALA A 5 11.22 -10.59 1.59
C ALA A 5 9.74 -10.34 1.36
N PRO A 6 9.26 -9.17 1.81
CA PRO A 6 7.84 -8.78 1.67
C PRO A 6 7.47 -8.50 0.23
N SER A 7 6.19 -8.65 -0.10
CA SER A 7 5.70 -8.41 -1.45
C SER A 7 4.96 -7.07 -1.52
N VAL A 8 4.97 -6.48 -2.71
CA VAL A 8 4.30 -5.20 -2.93
C VAL A 8 2.94 -5.38 -3.57
N THR A 9 1.88 -5.06 -2.82
CA THR A 9 0.52 -5.20 -3.32
C THR A 9 -0.35 -4.02 -2.86
N LEU A 10 -0.77 -3.21 -3.82
CA LEU A 10 -1.62 -2.06 -3.52
C LEU A 10 -2.98 -2.19 -4.18
N PHE A 11 -4.03 -2.20 -3.36
CA PHE A 11 -5.39 -2.32 -3.86
C PHE A 11 -6.27 -1.18 -3.36
N PRO A 12 -6.21 -0.04 -4.06
CA PRO A 12 -7.00 1.15 -3.70
C PRO A 12 -8.49 0.95 -3.93
N PRO A 13 -9.30 1.84 -3.34
CA PRO A 13 -10.76 1.79 -3.47
C PRO A 13 -11.23 2.15 -4.88
N SER A 14 -12.54 2.19 -5.07
CA SER A 14 -13.12 2.52 -6.37
C SER A 14 -13.69 3.93 -6.36
N SER A 15 -14.24 4.34 -7.50
CA SER A 15 -14.83 5.67 -7.64
C SER A 15 -15.91 5.89 -6.59
N GLU A 16 -16.59 4.81 -6.21
CA GLU A 16 -17.65 4.89 -5.22
C GLU A 16 -17.14 5.52 -3.92
N GLU A 17 -15.88 5.25 -3.59
CA GLU A 17 -15.27 5.79 -2.39
C GLU A 17 -14.99 7.28 -2.53
N LEU A 18 -14.28 7.64 -3.59
CA LEU A 18 -13.94 9.04 -3.85
C LEU A 18 -15.20 9.90 -3.88
N GLN A 19 -16.28 9.35 -4.41
CA GLN A 19 -17.55 10.07 -4.51
C GLN A 19 -18.16 10.28 -3.12
N ALA A 20 -17.78 9.41 -2.18
CA ALA A 20 -18.29 9.51 -0.82
C ALA A 20 -17.36 10.34 0.06
N ASN A 21 -16.45 11.08 -0.58
CA ASN A 21 -15.50 11.92 0.14
C ASN A 21 -14.61 11.06 1.04
N LYS A 22 -14.42 9.81 0.66
CA LYS A 22 -13.59 8.89 1.44
C LYS A 22 -12.72 8.04 0.52
N ALA A 23 -11.59 7.58 1.03
CA ALA A 23 -10.67 6.75 0.26
C ALA A 23 -9.40 6.45 1.04
N THR A 24 -9.20 5.18 1.38
CA THR A 24 -8.03 4.76 2.14
C THR A 24 -7.33 3.59 1.46
N LEU A 25 -6.07 3.79 1.10
CA LEU A 25 -5.28 2.75 0.43
C LEU A 25 -4.64 1.82 1.46
N VAL A 26 -4.49 0.56 1.09
CA VAL A 26 -3.89 -0.43 1.97
C VAL A 26 -2.92 -1.33 1.21
N CYS A 27 -1.78 -1.63 1.83
CA CYS A 27 -0.78 -2.49 1.22
C CYS A 27 -0.72 -3.85 1.90
N LEU A 28 -0.88 -4.90 1.11
CA LEU A 28 -0.86 -6.27 1.63
C LEU A 28 0.57 -6.78 1.71
N ILE A 29 0.90 -7.44 2.82
CA ILE A 29 2.23 -8.00 3.02
C ILE A 29 2.16 -9.47 3.42
N SER A 30 3.12 -10.25 2.92
CA SER A 30 3.17 -11.68 3.22
C SER A 30 4.55 -12.25 2.91
N ASP A 31 4.85 -13.41 3.50
CA ASP A 31 6.14 -14.06 3.30
C ASP A 31 7.28 -13.07 3.50
N PHE A 32 7.22 -12.32 4.60
CA PHE A 32 8.25 -11.34 4.90
C PHE A 32 8.91 -11.66 6.24
N TYR A 33 9.68 -10.70 6.75
CA TYR A 33 10.37 -10.87 8.03
C TYR A 33 9.49 -11.61 9.02
N PRO A 34 10.13 -12.19 10.06
CA PRO A 34 9.42 -12.93 11.11
C PRO A 34 8.59 -12.02 12.00
N GLY A 35 7.51 -11.48 11.44
CA GLY A 35 6.65 -10.59 12.20
C GLY A 35 7.33 -9.29 12.57
N ALA A 36 8.50 -9.05 12.00
CA ALA A 36 9.26 -7.83 12.27
C ALA A 36 9.27 -6.91 11.06
N VAL A 37 8.50 -5.82 11.13
CA VAL A 37 8.42 -4.86 10.04
C VAL A 37 8.00 -3.49 10.54
N THR A 38 8.01 -2.51 9.64
CA THR A 38 7.62 -1.15 10.00
C THR A 38 6.54 -0.62 9.07
N VAL A 39 5.61 0.14 9.62
CA VAL A 39 4.51 0.71 8.84
C VAL A 39 4.81 2.16 8.46
N ALA A 40 5.02 2.39 7.16
CA ALA A 40 5.30 3.73 6.66
C ALA A 40 4.68 3.94 5.28
N TRP A 41 4.19 5.15 5.05
CA TRP A 41 3.56 5.49 3.77
C TRP A 41 4.10 6.81 3.24
N LYS A 42 4.13 6.94 1.92
CA LYS A 42 4.61 8.16 1.28
C LYS A 42 4.10 8.26 -0.16
N ALA A 43 3.88 9.49 -0.61
CA ALA A 43 3.39 9.72 -1.97
C ALA A 43 4.55 9.77 -2.96
N ASP A 44 4.50 8.88 -3.95
CA ASP A 44 5.56 8.82 -4.96
C ASP A 44 6.94 8.93 -4.33
N SER A 45 7.50 10.13 -4.37
CA SER A 45 8.81 10.37 -3.80
C SER A 45 8.72 11.18 -2.51
N SER A 46 7.73 12.06 -2.44
CA SER A 46 7.52 12.90 -1.26
C SER A 46 6.77 12.13 -0.18
N PRO A 47 7.03 12.48 1.08
CA PRO A 47 6.38 11.84 2.24
C PRO A 47 4.90 12.19 2.34
N VAL A 48 4.13 11.27 2.91
CA VAL A 48 2.69 11.48 3.07
C VAL A 48 2.34 11.75 4.54
N LYS A 49 1.14 12.27 4.75
CA LYS A 49 0.67 12.57 6.10
C LYS A 49 1.11 11.49 7.09
N ALA A 50 1.08 10.25 6.64
CA ALA A 50 1.49 9.12 7.47
C ALA A 50 0.46 8.88 8.58
N GLY A 51 -0.81 8.91 8.23
CA GLY A 51 -1.87 8.69 9.20
C GLY A 51 -2.21 7.22 9.36
N VAL A 52 -1.19 6.40 9.62
CA VAL A 52 -1.38 4.97 9.80
C VAL A 52 -1.21 4.57 11.25
N GLU A 53 -1.90 3.51 11.67
CA GLU A 53 -1.82 3.02 13.03
C GLU A 53 -2.14 1.54 13.10
N THR A 54 -1.23 0.72 12.60
CA THR A 54 -1.40 -0.72 12.60
C THR A 54 -0.69 -1.36 13.78
N THR A 55 -0.98 -2.65 14.02
CA THR A 55 -0.36 -3.37 15.12
C THR A 55 0.51 -4.52 14.60
N THR A 56 1.26 -5.14 15.50
CA THR A 56 2.13 -6.24 15.15
C THR A 56 1.39 -7.28 14.31
N PRO A 57 2.10 -7.85 13.32
CA PRO A 57 1.52 -8.87 12.43
C PRO A 57 1.26 -10.18 13.14
N SER A 58 0.84 -11.19 12.39
CA SER A 58 0.55 -12.51 12.95
C SER A 58 1.05 -13.61 12.03
N LYS A 59 1.24 -14.81 12.59
CA LYS A 59 1.71 -15.95 11.82
C LYS A 59 0.56 -16.61 11.06
N GLN A 60 0.87 -17.16 9.89
CA GLN A 60 -0.14 -17.82 9.08
C GLN A 60 0.23 -19.28 8.85
N SER A 61 -0.54 -19.95 7.97
CA SER A 61 -0.30 -21.35 7.67
C SER A 61 0.94 -21.52 6.78
N ASN A 62 1.49 -20.39 6.34
CA ASN A 62 2.67 -20.41 5.49
C ASN A 62 3.95 -20.45 6.33
N ASN A 63 3.79 -20.67 7.63
CA ASN A 63 4.92 -20.74 8.54
C ASN A 63 5.59 -19.38 8.68
N LYS A 64 4.97 -18.35 8.10
CA LYS A 64 5.50 -16.99 8.17
C LYS A 64 4.45 -16.02 8.68
N TYR A 65 4.85 -14.77 8.89
CA TYR A 65 3.95 -13.75 9.38
C TYR A 65 3.50 -12.83 8.25
N ALA A 66 2.44 -12.06 8.50
CA ALA A 66 1.91 -11.14 7.49
C ALA A 66 1.45 -9.84 8.14
N ALA A 67 1.73 -8.73 7.49
CA ALA A 67 1.35 -7.42 7.99
C ALA A 67 0.66 -6.59 6.91
N SER A 68 0.16 -5.41 7.30
CA SER A 68 -0.52 -4.53 6.36
C SER A 68 -0.68 -3.13 6.96
N SER A 69 -0.74 -2.13 6.08
CA SER A 69 -0.89 -0.74 6.52
C SER A 69 -1.94 -0.03 5.68
N TYR A 70 -2.70 0.85 6.33
CA TYR A 70 -3.75 1.60 5.65
C TYR A 70 -3.60 3.10 5.92
N LEU A 71 -3.49 3.88 4.85
CA LEU A 71 -3.35 5.32 4.97
C LEU A 71 -4.70 6.01 4.86
N SER A 72 -5.26 6.39 6.02
CA SER A 72 -6.55 7.05 6.05
C SER A 72 -6.40 8.55 5.76
N LEU A 73 -6.86 8.95 4.58
CA LEU A 73 -6.78 10.36 4.17
C LEU A 73 -7.88 10.70 3.18
N THR A 74 -7.95 11.97 2.80
CA THR A 74 -8.97 12.43 1.86
C THR A 74 -8.78 11.78 0.49
N PRO A 75 -9.89 11.62 -0.24
CA PRO A 75 -9.87 11.02 -1.58
C PRO A 75 -9.19 11.90 -2.62
N GLU A 76 -9.43 13.21 -2.51
CA GLU A 76 -8.84 14.16 -3.45
C GLU A 76 -7.32 14.01 -3.50
N GLN A 77 -6.74 13.56 -2.40
CA GLN A 77 -5.29 13.37 -2.32
C GLN A 77 -4.84 12.27 -3.28
N TRP A 78 -5.70 11.28 -3.48
CA TRP A 78 -5.38 10.17 -4.37
C TRP A 78 -5.08 10.67 -5.77
N LYS A 79 -6.03 11.38 -6.37
CA LYS A 79 -5.85 11.92 -7.71
C LYS A 79 -4.91 13.12 -7.70
N SER A 80 -4.95 13.89 -6.61
CA SER A 80 -4.10 15.06 -6.48
C SER A 80 -2.62 14.66 -6.46
N HIS A 81 -2.31 13.59 -5.74
CA HIS A 81 -0.93 13.12 -5.64
C HIS A 81 -0.50 12.46 -6.96
N ARG A 82 0.79 12.18 -7.07
CA ARG A 82 1.34 11.56 -8.27
C ARG A 82 1.26 10.04 -8.18
N SER A 83 1.55 9.51 -7.00
CA SER A 83 1.50 8.06 -6.79
C SER A 83 1.63 7.73 -5.30
N TYR A 84 1.52 6.45 -4.98
CA TYR A 84 1.63 6.00 -3.60
C TYR A 84 2.78 5.01 -3.42
N SER A 85 3.25 4.87 -2.19
CA SER A 85 4.35 3.97 -1.89
C SER A 85 4.23 3.41 -0.47
N CYS A 86 4.60 2.15 -0.30
CA CYS A 86 4.54 1.50 0.99
C CYS A 86 5.93 1.12 1.49
N GLN A 87 6.39 1.82 2.53
CA GLN A 87 7.70 1.55 3.10
C GLN A 87 7.63 0.49 4.18
N VAL A 88 8.48 -0.54 4.07
CA VAL A 88 8.51 -1.62 5.04
C VAL A 88 9.94 -1.98 5.43
N THR A 89 10.14 -2.29 6.69
CA THR A 89 11.47 -2.65 7.19
C THR A 89 11.76 -4.13 6.95
N HIS A 90 12.57 -4.41 5.92
CA HIS A 90 12.93 -5.78 5.58
C HIS A 90 14.35 -5.84 5.03
N GLU A 91 15.21 -6.58 5.72
CA GLU A 91 16.60 -6.73 5.29
C GLU A 91 17.28 -5.36 5.18
N GLY A 92 16.84 -4.42 6.01
CA GLY A 92 17.41 -3.09 5.98
C GLY A 92 17.24 -2.41 4.64
N SER A 93 16.19 -2.80 3.91
CA SER A 93 15.92 -2.23 2.61
C SER A 93 14.46 -1.79 2.50
N THR A 94 14.19 -0.84 1.61
CA THR A 94 12.83 -0.34 1.42
C THR A 94 12.42 -0.43 -0.05
N VAL A 95 11.15 -0.73 -0.29
CA VAL A 95 10.63 -0.85 -1.64
C VAL A 95 9.79 0.37 -2.02
N GLU A 96 9.75 0.68 -3.31
CA GLU A 96 8.99 1.82 -3.79
C GLU A 96 8.31 1.49 -5.12
N LYS A 97 7.10 1.99 -5.30
CA LYS A 97 6.34 1.76 -6.53
C LYS A 97 5.46 2.96 -6.86
N THR A 98 5.06 3.06 -8.13
CA THR A 98 4.22 4.16 -8.58
C THR A 98 2.80 3.68 -8.88
N VAL A 99 1.84 4.25 -8.18
CA VAL A 99 0.44 3.87 -8.38
C VAL A 99 -0.36 5.05 -8.92
N ALA A 100 -1.56 4.75 -9.44
CA ALA A 100 -2.43 5.77 -10.00
C ALA A 100 -3.87 5.30 -10.07
N PRO A 101 -4.81 6.25 -9.97
CA PRO A 101 -6.25 5.94 -10.01
C PRO A 101 -6.71 5.48 -11.40
N THR A 102 -6.06 6.01 -12.43
CA THR A 102 -6.40 5.67 -13.80
C THR A 102 -5.16 5.21 -14.58
N GLU A 103 -5.38 4.72 -15.79
CA GLU A 103 -4.28 4.26 -16.63
C GLU A 103 -4.52 4.62 -18.10
N SER A 104 -3.60 4.21 -18.97
CA SER A 104 -3.70 4.50 -20.39
C SER A 104 -5.07 4.07 -20.92
N SER A 105 -5.90 5.05 -21.26
CA SER A 105 -7.24 4.78 -21.79
C SER A 105 -7.42 5.41 -23.16
N GLU A 106 -6.80 4.81 -24.17
CA GLU A 106 -6.89 5.31 -25.53
C GLU A 106 -8.34 5.31 -26.01
N ASN A 107 -8.52 5.59 -27.30
CA ASN A 107 -9.86 5.62 -27.88
C ASN A 107 -10.41 4.22 -28.08
N LEU A 108 -10.76 3.56 -26.98
CA LEU A 108 -11.30 2.21 -27.03
C LEU A 108 -12.76 2.21 -27.48
N TYR A 109 -13.18 1.13 -28.11
CA TYR A 109 -14.55 1.01 -28.59
C TYR A 109 -15.46 0.43 -27.50
N PHE A 110 -16.70 0.91 -27.47
CA PHE A 110 -17.67 0.44 -26.48
C PHE A 110 -17.94 -1.05 -26.65
N GLN A 111 -18.91 -1.56 -25.91
CA GLN A 111 -19.27 -2.98 -25.96
C GLN A 111 -20.42 -3.20 -26.93
N GLN A 1 11.56 -21.89 8.60
CA GLN A 1 11.99 -21.44 7.27
C GLN A 1 12.89 -20.22 7.37
N PRO A 2 13.65 -19.96 6.30
CA PRO A 2 14.57 -18.82 6.24
C PRO A 2 13.83 -17.48 6.16
N LYS A 3 14.58 -16.41 5.94
CA LYS A 3 14.00 -15.08 5.83
C LYS A 3 13.47 -14.82 4.42
N ALA A 4 12.36 -14.09 4.33
CA ALA A 4 11.76 -13.78 3.04
C ALA A 4 11.51 -12.28 2.91
N ALA A 5 11.45 -11.80 1.67
CA ALA A 5 11.21 -10.39 1.41
C ALA A 5 9.71 -10.10 1.26
N PRO A 6 9.27 -8.96 1.81
CA PRO A 6 7.86 -8.55 1.75
C PRO A 6 7.46 -8.13 0.35
N SER A 7 6.50 -8.86 -0.22
CA SER A 7 6.00 -8.57 -1.56
C SER A 7 5.25 -7.25 -1.58
N VAL A 8 5.31 -6.55 -2.72
CA VAL A 8 4.64 -5.28 -2.87
C VAL A 8 3.29 -5.45 -3.56
N THR A 9 2.21 -5.16 -2.85
CA THR A 9 0.87 -5.29 -3.39
C THR A 9 -0.01 -4.12 -2.97
N LEU A 10 -0.42 -3.31 -3.93
CA LEU A 10 -1.26 -2.15 -3.66
C LEU A 10 -2.62 -2.29 -4.34
N PHE A 11 -3.68 -2.38 -3.54
CA PHE A 11 -5.03 -2.52 -4.08
C PHE A 11 -5.94 -1.41 -3.57
N PRO A 12 -5.93 -0.28 -4.29
CA PRO A 12 -6.76 0.89 -3.93
C PRO A 12 -8.24 0.64 -4.13
N PRO A 13 -9.07 1.55 -3.59
CA PRO A 13 -10.53 1.46 -3.71
C PRO A 13 -11.02 1.69 -5.13
N SER A 14 -12.34 1.69 -5.31
CA SER A 14 -12.93 1.90 -6.63
C SER A 14 -13.55 3.30 -6.72
N SER A 15 -14.08 3.62 -7.89
CA SER A 15 -14.70 4.92 -8.12
C SER A 15 -15.81 5.18 -7.12
N GLU A 16 -16.44 4.11 -6.65
CA GLU A 16 -17.54 4.22 -5.70
C GLU A 16 -17.08 4.96 -4.44
N GLU A 17 -15.83 4.73 -4.04
CA GLU A 17 -15.27 5.36 -2.85
C GLU A 17 -15.01 6.85 -3.11
N LEU A 18 -14.28 7.14 -4.19
CA LEU A 18 -13.95 8.51 -4.55
C LEU A 18 -15.22 9.35 -4.68
N GLN A 19 -16.30 8.72 -5.12
CA GLN A 19 -17.58 9.41 -5.30
C GLN A 19 -18.21 9.71 -3.94
N ALA A 20 -17.85 8.92 -2.94
CA ALA A 20 -18.39 9.11 -1.60
C ALA A 20 -17.48 10.00 -0.75
N ASN A 21 -16.59 10.72 -1.43
CA ASN A 21 -15.67 11.62 -0.75
C ASN A 21 -14.78 10.84 0.22
N LYS A 22 -14.55 9.57 -0.08
CA LYS A 22 -13.71 8.72 0.75
C LYS A 22 -12.81 7.82 -0.10
N ALA A 23 -11.70 7.39 0.47
CA ALA A 23 -10.76 6.53 -0.24
C ALA A 23 -9.54 6.23 0.62
N THR A 24 -9.35 4.95 0.95
CA THR A 24 -8.21 4.54 1.77
C THR A 24 -7.45 3.41 1.09
N LEU A 25 -6.16 3.64 0.86
CA LEU A 25 -5.31 2.63 0.22
C LEU A 25 -4.65 1.74 1.27
N VAL A 26 -4.45 0.47 0.91
CA VAL A 26 -3.82 -0.49 1.81
C VAL A 26 -2.81 -1.35 1.07
N CYS A 27 -1.66 -1.60 1.71
CA CYS A 27 -0.61 -2.42 1.12
C CYS A 27 -0.51 -3.76 1.83
N LEU A 28 -0.54 -4.83 1.04
CA LEU A 28 -0.45 -6.19 1.59
C LEU A 28 1.00 -6.61 1.74
N ILE A 29 1.32 -7.23 2.88
CA ILE A 29 2.67 -7.69 3.14
C ILE A 29 2.69 -9.17 3.53
N SER A 30 3.26 -10.00 2.65
CA SER A 30 3.33 -11.43 2.89
C SER A 30 4.76 -11.94 2.77
N ASP A 31 5.06 -13.05 3.43
CA ASP A 31 6.39 -13.63 3.39
C ASP A 31 7.46 -12.57 3.63
N PHE A 32 7.54 -12.11 4.87
CA PHE A 32 8.52 -11.09 5.24
C PHE A 32 9.18 -11.42 6.58
N TYR A 33 9.91 -10.46 7.12
CA TYR A 33 10.60 -10.66 8.40
C TYR A 33 9.70 -11.40 9.39
N PRO A 34 10.33 -11.98 10.43
CA PRO A 34 9.61 -12.72 11.47
C PRO A 34 8.76 -11.81 12.36
N GLY A 35 7.69 -11.28 11.79
CA GLY A 35 6.81 -10.40 12.55
C GLY A 35 7.48 -9.08 12.88
N ALA A 36 8.59 -8.78 12.22
CA ALA A 36 9.32 -7.55 12.45
C ALA A 36 9.28 -6.65 11.22
N VAL A 37 8.48 -5.60 11.29
CA VAL A 37 8.35 -4.65 10.18
C VAL A 37 7.88 -3.29 10.66
N THR A 38 7.83 -2.33 9.75
CA THR A 38 7.40 -0.97 10.08
C THR A 38 6.31 -0.49 9.12
N VAL A 39 5.41 0.33 9.62
CA VAL A 39 4.32 0.88 8.80
C VAL A 39 4.60 2.32 8.41
N ALA A 40 4.84 2.53 7.12
CA ALA A 40 5.12 3.86 6.59
C ALA A 40 4.55 4.05 5.19
N TRP A 41 4.01 5.23 4.93
CA TRP A 41 3.43 5.53 3.62
C TRP A 41 3.94 6.86 3.10
N LYS A 42 4.08 6.95 1.78
CA LYS A 42 4.55 8.17 1.14
C LYS A 42 4.17 8.20 -0.34
N ALA A 43 3.94 9.40 -0.86
CA ALA A 43 3.58 9.57 -2.26
C ALA A 43 4.81 9.64 -3.15
N ASP A 44 4.91 8.70 -4.07
CA ASP A 44 6.04 8.65 -4.99
C ASP A 44 7.35 8.90 -4.25
N SER A 45 7.83 10.14 -4.32
CA SER A 45 9.08 10.52 -3.67
C SER A 45 8.80 11.37 -2.43
N SER A 46 7.74 12.17 -2.50
CA SER A 46 7.37 13.05 -1.39
C SER A 46 6.62 12.27 -0.32
N PRO A 47 6.84 12.63 0.96
CA PRO A 47 6.19 11.99 2.10
C PRO A 47 4.69 12.31 2.17
N VAL A 48 3.92 11.35 2.67
CA VAL A 48 2.48 11.53 2.79
C VAL A 48 2.07 11.77 4.25
N LYS A 49 0.84 12.24 4.45
CA LYS A 49 0.34 12.51 5.80
C LYS A 49 0.81 11.44 6.77
N ALA A 50 0.76 10.18 6.32
CA ALA A 50 1.18 9.07 7.16
C ALA A 50 0.21 8.84 8.32
N GLY A 51 -1.09 8.95 8.02
CA GLY A 51 -2.10 8.77 9.04
C GLY A 51 -2.47 7.31 9.22
N VAL A 52 -1.46 6.47 9.45
CA VAL A 52 -1.68 5.04 9.64
C VAL A 52 -1.44 4.65 11.10
N GLU A 53 -2.17 3.63 11.55
CA GLU A 53 -2.05 3.15 12.92
C GLU A 53 -2.35 1.66 13.01
N THR A 54 -1.43 0.85 12.49
CA THR A 54 -1.60 -0.61 12.51
C THR A 54 -0.88 -1.23 13.70
N THR A 55 -1.16 -2.50 13.96
CA THR A 55 -0.54 -3.21 15.07
C THR A 55 0.39 -4.30 14.56
N THR A 56 1.16 -4.89 15.47
CA THR A 56 2.09 -5.96 15.13
C THR A 56 1.40 -7.03 14.28
N PRO A 57 2.17 -7.65 13.37
CA PRO A 57 1.66 -8.70 12.49
C PRO A 57 1.34 -9.98 13.24
N SER A 58 1.01 -11.04 12.50
CA SER A 58 0.69 -12.32 13.10
C SER A 58 1.12 -13.47 12.19
N LYS A 59 1.20 -14.67 12.75
CA LYS A 59 1.59 -15.85 12.00
C LYS A 59 0.40 -16.46 11.27
N GLN A 60 0.65 -17.00 10.08
CA GLN A 60 -0.41 -17.62 9.29
C GLN A 60 -0.11 -19.10 9.04
N SER A 61 -0.94 -19.72 8.22
CA SER A 61 -0.78 -21.15 7.91
C SER A 61 0.46 -21.36 7.03
N ASN A 62 1.05 -20.26 6.58
CA ASN A 62 2.25 -20.33 5.74
C ASN A 62 3.50 -20.53 6.58
N ASN A 63 3.30 -20.75 7.88
CA ASN A 63 4.42 -20.95 8.80
C ASN A 63 5.21 -19.66 9.00
N LYS A 64 4.71 -18.57 8.41
CA LYS A 64 5.37 -17.27 8.52
C LYS A 64 4.38 -16.21 8.99
N TYR A 65 4.86 -14.98 9.10
CA TYR A 65 4.01 -13.86 9.54
C TYR A 65 3.70 -12.94 8.37
N ALA A 66 2.75 -12.03 8.59
CA ALA A 66 2.36 -11.08 7.56
C ALA A 66 1.76 -9.81 8.19
N ALA A 67 1.95 -8.68 7.52
CA ALA A 67 1.44 -7.41 8.00
C ALA A 67 0.74 -6.64 6.89
N SER A 68 0.13 -5.51 7.25
CA SER A 68 -0.57 -4.68 6.28
C SER A 68 -0.87 -3.30 6.85
N SER A 69 -0.64 -2.27 6.04
CA SER A 69 -0.87 -0.90 6.47
C SER A 69 -1.97 -0.25 5.63
N TYR A 70 -2.82 0.54 6.28
CA TYR A 70 -3.91 1.21 5.61
C TYR A 70 -3.95 2.69 5.97
N LEU A 71 -3.85 3.55 4.96
CA LEU A 71 -3.86 5.00 5.16
C LEU A 71 -5.22 5.59 4.78
N SER A 72 -5.88 6.20 5.75
CA SER A 72 -7.19 6.80 5.51
C SER A 72 -7.06 8.30 5.28
N LEU A 73 -7.34 8.73 4.06
CA LEU A 73 -7.26 10.14 3.70
C LEU A 73 -8.27 10.49 2.62
N THR A 74 -8.35 11.78 2.27
CA THR A 74 -9.28 12.24 1.25
C THR A 74 -9.01 11.54 -0.08
N PRO A 75 -10.08 11.38 -0.88
CA PRO A 75 -10.00 10.73 -2.19
C PRO A 75 -9.24 11.57 -3.20
N GLU A 76 -9.46 12.88 -3.16
CA GLU A 76 -8.80 13.80 -4.08
C GLU A 76 -7.29 13.61 -4.05
N GLN A 77 -6.76 13.20 -2.89
CA GLN A 77 -5.34 12.98 -2.73
C GLN A 77 -4.85 11.87 -3.66
N TRP A 78 -5.73 10.93 -3.97
CA TRP A 78 -5.39 9.81 -4.84
C TRP A 78 -4.97 10.32 -6.22
N LYS A 79 -5.87 11.04 -6.89
CA LYS A 79 -5.58 11.58 -8.21
C LYS A 79 -4.67 12.80 -8.11
N SER A 80 -4.66 13.43 -6.95
CA SER A 80 -3.83 14.61 -6.73
C SER A 80 -2.36 14.26 -6.78
N HIS A 81 -1.99 13.16 -6.11
CA HIS A 81 -0.60 12.71 -6.08
C HIS A 81 -0.22 12.05 -7.41
N ARG A 82 1.08 11.78 -7.57
CA ARG A 82 1.58 11.16 -8.79
C ARG A 82 1.60 9.64 -8.64
N SER A 83 1.96 9.17 -7.46
CA SER A 83 2.03 7.74 -7.20
C SER A 83 2.12 7.47 -5.70
N TYR A 84 1.92 6.21 -5.32
CA TYR A 84 1.98 5.81 -3.92
C TYR A 84 3.18 4.90 -3.65
N SER A 85 3.60 4.84 -2.40
CA SER A 85 4.74 4.01 -2.00
C SER A 85 4.58 3.51 -0.57
N CYS A 86 4.80 2.21 -0.38
CA CYS A 86 4.68 1.61 0.94
C CYS A 86 6.06 1.25 1.50
N GLN A 87 6.46 1.93 2.56
CA GLN A 87 7.75 1.69 3.19
C GLN A 87 7.64 0.61 4.26
N VAL A 88 8.55 -0.37 4.21
CA VAL A 88 8.55 -1.46 5.17
C VAL A 88 9.96 -1.77 5.65
N THR A 89 10.09 -2.05 6.95
CA THR A 89 11.39 -2.34 7.54
C THR A 89 11.75 -3.82 7.34
N HIS A 90 12.64 -4.08 6.39
CA HIS A 90 13.06 -5.45 6.11
C HIS A 90 14.52 -5.48 5.67
N GLU A 91 15.38 -6.06 6.50
CA GLU A 91 16.81 -6.15 6.20
C GLU A 91 17.42 -4.76 6.02
N GLY A 92 16.87 -3.79 6.74
CA GLY A 92 17.37 -2.43 6.65
C GLY A 92 17.23 -1.85 5.26
N SER A 93 16.26 -2.36 4.50
CA SER A 93 16.04 -1.89 3.14
C SER A 93 14.59 -1.47 2.94
N THR A 94 14.37 -0.52 2.04
CA THR A 94 13.03 -0.04 1.75
C THR A 94 12.68 -0.20 0.28
N VAL A 95 11.41 -0.49 0.00
CA VAL A 95 10.95 -0.67 -1.37
C VAL A 95 10.10 0.51 -1.83
N GLU A 96 10.10 0.76 -3.14
CA GLU A 96 9.34 1.85 -3.71
C GLU A 96 8.71 1.46 -5.04
N LYS A 97 7.49 1.92 -5.28
CA LYS A 97 6.79 1.60 -6.52
C LYS A 97 5.92 2.78 -6.96
N THR A 98 5.55 2.79 -8.23
CA THR A 98 4.72 3.86 -8.77
C THR A 98 3.32 3.35 -9.11
N VAL A 99 2.31 3.96 -8.49
CA VAL A 99 0.92 3.56 -8.73
C VAL A 99 0.11 4.72 -9.29
N ALA A 100 -1.08 4.42 -9.79
CA ALA A 100 -1.95 5.43 -10.36
C ALA A 100 -3.40 4.96 -10.40
N PRO A 101 -4.34 5.91 -10.39
CA PRO A 101 -5.78 5.61 -10.43
C PRO A 101 -6.21 5.05 -11.78
N THR A 102 -5.64 5.59 -12.85
CA THR A 102 -5.97 5.15 -14.20
C THR A 102 -4.86 5.51 -15.19
N GLU A 103 -4.72 4.70 -16.23
CA GLU A 103 -3.70 4.92 -17.24
C GLU A 103 -4.31 5.53 -18.51
N SER A 104 -3.49 5.68 -19.54
CA SER A 104 -3.95 6.25 -20.80
C SER A 104 -5.20 5.53 -21.30
N SER A 105 -6.31 6.25 -21.36
CA SER A 105 -7.57 5.67 -21.82
C SER A 105 -8.37 6.70 -22.62
N GLU A 106 -7.80 7.15 -23.73
CA GLU A 106 -8.47 8.14 -24.58
C GLU A 106 -9.87 7.68 -24.95
N ASN A 107 -9.96 6.66 -25.80
CA ASN A 107 -11.24 6.13 -26.23
C ASN A 107 -11.29 4.61 -26.06
N LEU A 108 -12.41 4.11 -25.54
CA LEU A 108 -12.58 2.68 -25.33
C LEU A 108 -13.90 2.20 -25.91
N TYR A 109 -14.19 0.91 -25.72
CA TYR A 109 -15.42 0.33 -26.24
C TYR A 109 -16.57 0.54 -25.26
N PHE A 110 -16.80 1.80 -24.88
CA PHE A 110 -17.87 2.13 -23.94
C PHE A 110 -18.85 3.12 -24.56
N GLN A 111 -20.12 2.76 -24.57
CA GLN A 111 -21.16 3.62 -25.15
C GLN A 111 -21.89 4.39 -24.05
N GLN A 1 11.64 -21.34 10.84
CA GLN A 1 12.15 -21.02 9.51
C GLN A 1 13.09 -19.82 9.58
N PRO A 2 13.93 -19.66 8.54
CA PRO A 2 14.88 -18.55 8.46
C PRO A 2 14.20 -17.21 8.23
N LYS A 3 15.00 -16.18 7.95
CA LYS A 3 14.47 -14.85 7.71
C LYS A 3 14.09 -14.67 6.25
N ALA A 4 12.98 -13.99 6.01
CA ALA A 4 12.51 -13.74 4.65
C ALA A 4 12.22 -12.26 4.43
N ALA A 5 12.41 -11.80 3.19
CA ALA A 5 12.16 -10.41 2.84
C ALA A 5 10.72 -10.21 2.39
N PRO A 6 10.14 -9.05 2.75
CA PRO A 6 8.76 -8.71 2.39
C PRO A 6 8.61 -8.43 0.90
N SER A 7 7.42 -8.70 0.37
CA SER A 7 7.14 -8.48 -1.05
C SER A 7 6.31 -7.22 -1.25
N VAL A 8 6.33 -6.70 -2.47
CA VAL A 8 5.58 -5.49 -2.80
C VAL A 8 4.26 -5.84 -3.49
N THR A 9 3.15 -5.53 -2.83
CA THR A 9 1.84 -5.81 -3.39
C THR A 9 0.86 -4.66 -3.12
N LEU A 10 0.41 -4.00 -4.18
CA LEU A 10 -0.52 -2.89 -4.05
C LEU A 10 -1.79 -3.14 -4.87
N PHE A 11 -2.91 -3.28 -4.16
CA PHE A 11 -4.19 -3.52 -4.81
C PHE A 11 -5.21 -2.46 -4.43
N PRO A 12 -5.24 -1.36 -5.21
CA PRO A 12 -6.17 -0.24 -4.96
C PRO A 12 -7.61 -0.63 -5.26
N PRO A 13 -8.55 0.24 -4.82
CA PRO A 13 -9.98 0.02 -5.02
C PRO A 13 -10.39 0.17 -6.47
N SER A 14 -11.70 0.10 -6.74
CA SER A 14 -12.21 0.23 -8.09
C SER A 14 -12.87 1.59 -8.30
N SER A 15 -13.35 1.82 -9.52
CA SER A 15 -13.99 3.10 -9.85
C SER A 15 -15.17 3.36 -8.93
N GLU A 16 -15.84 2.28 -8.50
CA GLU A 16 -16.99 2.40 -7.62
C GLU A 16 -16.63 3.18 -6.36
N GLU A 17 -15.40 3.01 -5.89
CA GLU A 17 -14.93 3.70 -4.69
C GLU A 17 -14.75 5.19 -4.96
N LEU A 18 -13.99 5.51 -6.00
CA LEU A 18 -13.74 6.90 -6.35
C LEU A 18 -15.05 7.66 -6.55
N GLN A 19 -16.03 7.00 -7.17
CA GLN A 19 -17.33 7.62 -7.42
C GLN A 19 -18.07 7.85 -6.11
N ALA A 20 -17.71 7.09 -5.09
CA ALA A 20 -18.35 7.23 -3.77
C ALA A 20 -17.59 8.23 -2.90
N ASN A 21 -16.71 9.00 -3.52
CA ASN A 21 -15.91 9.99 -2.79
C ASN A 21 -15.04 9.32 -1.75
N LYS A 22 -14.69 8.06 -1.98
CA LYS A 22 -13.86 7.30 -1.06
C LYS A 22 -12.84 6.46 -1.82
N ALA A 23 -11.73 6.14 -1.15
CA ALA A 23 -10.68 5.33 -1.76
C ALA A 23 -9.51 5.13 -0.80
N THR A 24 -9.35 3.90 -0.32
CA THR A 24 -8.28 3.58 0.61
C THR A 24 -7.40 2.46 0.06
N LEU A 25 -6.12 2.77 -0.17
CA LEU A 25 -5.18 1.78 -0.69
C LEU A 25 -4.49 1.04 0.44
N VAL A 26 -4.27 -0.25 0.27
CA VAL A 26 -3.61 -1.07 1.27
C VAL A 26 -2.54 -1.97 0.64
N CYS A 27 -1.40 -2.07 1.31
CA CYS A 27 -0.30 -2.89 0.82
C CYS A 27 -0.22 -4.21 1.59
N LEU A 28 -0.14 -5.31 0.85
CA LEU A 28 -0.06 -6.63 1.46
C LEU A 28 1.39 -7.03 1.72
N ILE A 29 1.65 -7.58 2.89
CA ILE A 29 3.00 -8.00 3.26
C ILE A 29 3.02 -9.46 3.71
N SER A 30 3.72 -10.30 2.96
CA SER A 30 3.82 -11.72 3.29
C SER A 30 5.27 -12.17 3.27
N ASP A 31 5.56 -13.24 4.02
CA ASP A 31 6.91 -13.79 4.10
C ASP A 31 7.93 -12.68 4.34
N PHE A 32 7.90 -12.11 5.54
CA PHE A 32 8.82 -11.03 5.90
C PHE A 32 9.40 -11.26 7.29
N TYR A 33 10.07 -10.24 7.83
CA TYR A 33 10.68 -10.33 9.14
C TYR A 33 9.76 -11.07 10.12
N PRO A 34 10.34 -11.56 11.22
CA PRO A 34 9.59 -12.29 12.25
C PRO A 34 8.66 -11.37 13.04
N GLY A 35 7.60 -10.91 12.39
CA GLY A 35 6.65 -10.04 13.03
C GLY A 35 7.23 -8.68 13.35
N ALA A 36 8.37 -8.37 12.75
CA ALA A 36 9.04 -7.08 12.97
C ALA A 36 9.04 -6.24 11.71
N VAL A 37 8.20 -5.22 11.68
CA VAL A 37 8.11 -4.33 10.53
C VAL A 37 7.56 -2.97 10.92
N THR A 38 7.53 -2.05 9.96
CA THR A 38 7.02 -0.70 10.20
C THR A 38 6.00 -0.29 9.16
N VAL A 39 5.03 0.52 9.57
CA VAL A 39 3.98 0.98 8.66
C VAL A 39 4.23 2.42 8.23
N ALA A 40 4.54 2.59 6.95
CA ALA A 40 4.80 3.93 6.41
C ALA A 40 4.32 4.03 4.96
N TRP A 41 3.77 5.18 4.61
CA TRP A 41 3.27 5.41 3.26
C TRP A 41 3.76 6.75 2.71
N LYS A 42 3.96 6.81 1.40
CA LYS A 42 4.42 8.04 0.76
C LYS A 42 4.11 8.02 -0.73
N ALA A 43 3.89 9.21 -1.30
CA ALA A 43 3.58 9.33 -2.72
C ALA A 43 4.85 9.47 -3.55
N ASP A 44 5.02 8.58 -4.51
CA ASP A 44 6.20 8.60 -5.37
C ASP A 44 7.46 8.86 -4.56
N SER A 45 7.91 10.12 -4.56
CA SER A 45 9.11 10.49 -3.82
C SER A 45 8.75 11.31 -2.59
N SER A 46 7.69 12.11 -2.70
CA SER A 46 7.26 12.96 -1.60
C SER A 46 6.43 12.16 -0.59
N PRO A 47 6.50 12.55 0.69
CA PRO A 47 5.78 11.87 1.77
C PRO A 47 4.27 12.12 1.68
N VAL A 48 3.49 11.18 2.21
CA VAL A 48 2.05 11.29 2.19
C VAL A 48 1.50 11.58 3.59
N LYS A 49 0.24 12.02 3.65
CA LYS A 49 -0.39 12.33 4.92
C LYS A 49 0.01 11.33 6.00
N ALA A 50 0.08 10.06 5.62
CA ALA A 50 0.46 9.00 6.55
C ALA A 50 -0.63 8.76 7.58
N GLY A 51 -1.88 8.69 7.11
CA GLY A 51 -2.99 8.47 8.01
C GLY A 51 -3.28 7.00 8.22
N VAL A 52 -2.24 6.24 8.58
CA VAL A 52 -2.39 4.81 8.81
C VAL A 52 -2.33 4.48 10.29
N GLU A 53 -3.09 3.48 10.71
CA GLU A 53 -3.12 3.07 12.11
C GLU A 53 -3.27 1.56 12.24
N THR A 54 -2.23 0.83 11.85
CA THR A 54 -2.25 -0.63 11.91
C THR A 54 -1.59 -1.13 13.18
N THR A 55 -1.75 -2.42 13.46
CA THR A 55 -1.17 -3.03 14.65
C THR A 55 -0.16 -4.11 14.28
N THR A 56 0.57 -4.60 15.27
CA THR A 56 1.57 -5.65 15.04
C THR A 56 0.99 -6.80 14.24
N PRO A 57 1.84 -7.44 13.42
CA PRO A 57 1.43 -8.57 12.59
C PRO A 57 1.11 -9.82 13.41
N SER A 58 0.80 -10.91 12.72
CA SER A 58 0.49 -12.17 13.38
C SER A 58 1.06 -13.36 12.61
N LYS A 59 1.21 -14.48 13.30
CA LYS A 59 1.74 -15.70 12.69
C LYS A 59 0.65 -16.45 11.94
N GLN A 60 1.01 -17.04 10.80
CA GLN A 60 0.07 -17.80 10.00
C GLN A 60 0.51 -19.26 9.87
N SER A 61 -0.27 -20.04 9.12
CA SER A 61 0.04 -21.45 8.92
C SER A 61 1.34 -21.62 8.14
N ASN A 62 1.82 -20.52 7.57
CA ASN A 62 3.05 -20.54 6.79
C ASN A 62 4.27 -20.59 7.71
N ASN A 63 4.02 -20.68 9.00
CA ASN A 63 5.10 -20.73 9.99
C ASN A 63 5.78 -19.38 10.13
N LYS A 64 5.25 -18.38 9.43
CA LYS A 64 5.81 -17.04 9.48
C LYS A 64 4.72 -16.01 9.80
N TYR A 65 5.10 -14.75 9.84
CA TYR A 65 4.17 -13.67 10.14
C TYR A 65 3.87 -12.84 8.89
N ALA A 66 2.87 -11.97 9.00
CA ALA A 66 2.47 -11.12 7.88
C ALA A 66 1.81 -9.84 8.38
N ALA A 67 2.05 -8.74 7.68
CA ALA A 67 1.47 -7.45 8.04
C ALA A 67 0.84 -6.78 6.83
N SER A 68 0.16 -5.65 7.08
CA SER A 68 -0.51 -4.92 6.01
C SER A 68 -0.89 -3.52 6.48
N SER A 69 -0.59 -2.51 5.66
CA SER A 69 -0.91 -1.14 6.00
C SER A 69 -1.93 -0.55 5.02
N TYR A 70 -2.89 0.19 5.55
CA TYR A 70 -3.94 0.79 4.72
C TYR A 70 -4.05 2.29 5.00
N LEU A 71 -3.93 3.09 3.95
CA LEU A 71 -4.01 4.55 4.08
C LEU A 71 -5.37 5.05 3.59
N SER A 72 -6.20 5.50 4.53
CA SER A 72 -7.53 6.01 4.19
C SER A 72 -7.48 7.52 3.94
N LEU A 73 -7.70 7.91 2.69
CA LEU A 73 -7.68 9.32 2.32
C LEU A 73 -8.63 9.59 1.16
N THR A 74 -8.75 10.85 0.78
CA THR A 74 -9.63 11.25 -0.32
C THR A 74 -9.26 10.51 -1.60
N PRO A 75 -10.28 10.26 -2.45
CA PRO A 75 -10.09 9.56 -3.72
C PRO A 75 -9.32 10.40 -4.74
N GLU A 76 -9.60 11.71 -4.75
CA GLU A 76 -8.94 12.62 -5.67
C GLU A 76 -7.42 12.50 -5.55
N GLN A 77 -6.95 12.18 -4.35
CA GLN A 77 -5.51 12.04 -4.11
C GLN A 77 -4.92 10.93 -4.98
N TRP A 78 -5.74 9.93 -5.30
CA TRP A 78 -5.29 8.82 -6.12
C TRP A 78 -4.81 9.30 -7.48
N LYS A 79 -5.70 9.94 -8.23
CA LYS A 79 -5.37 10.45 -9.55
C LYS A 79 -4.54 11.74 -9.44
N SER A 80 -4.61 12.39 -8.28
CA SER A 80 -3.88 13.62 -8.06
C SER A 80 -2.39 13.35 -7.89
N HIS A 81 -2.06 12.30 -7.12
CA HIS A 81 -0.68 11.94 -6.89
C HIS A 81 -0.06 11.32 -8.14
N ARG A 82 1.26 11.13 -8.11
CA ARG A 82 1.96 10.54 -9.25
C ARG A 82 2.09 9.03 -9.09
N SER A 83 2.29 8.58 -7.86
CA SER A 83 2.42 7.16 -7.57
C SER A 83 2.39 6.90 -6.07
N TYR A 84 2.23 5.64 -5.69
CA TYR A 84 2.19 5.25 -4.28
C TYR A 84 3.41 4.42 -3.92
N SER A 85 3.75 4.42 -2.63
CA SER A 85 4.90 3.66 -2.15
C SER A 85 4.67 3.20 -0.71
N CYS A 86 4.99 1.93 -0.45
CA CYS A 86 4.82 1.36 0.89
C CYS A 86 6.18 1.10 1.54
N GLN A 87 6.49 1.86 2.58
CA GLN A 87 7.75 1.70 3.30
C GLN A 87 7.62 0.70 4.43
N VAL A 88 8.52 -0.28 4.46
CA VAL A 88 8.50 -1.31 5.49
C VAL A 88 9.90 -1.56 6.04
N THR A 89 9.99 -1.80 7.34
CA THR A 89 11.27 -2.05 7.99
C THR A 89 11.68 -3.51 7.86
N HIS A 90 12.61 -3.78 6.94
CA HIS A 90 13.08 -5.14 6.72
C HIS A 90 14.56 -5.14 6.33
N GLU A 91 15.36 -5.86 7.11
CA GLU A 91 16.80 -5.94 6.85
C GLU A 91 17.41 -4.55 6.75
N GLY A 92 16.83 -3.60 7.48
CA GLY A 92 17.33 -2.24 7.47
C GLY A 92 17.28 -1.61 6.09
N SER A 93 16.37 -2.10 5.26
CA SER A 93 16.24 -1.58 3.89
C SER A 93 14.78 -1.23 3.59
N THR A 94 14.58 -0.31 2.65
CA THR A 94 13.24 0.12 2.26
C THR A 94 13.00 -0.09 0.78
N VAL A 95 11.77 -0.44 0.43
CA VAL A 95 11.40 -0.66 -0.97
C VAL A 95 10.53 0.47 -1.50
N GLU A 96 10.60 0.69 -2.80
CA GLU A 96 9.82 1.75 -3.44
C GLU A 96 9.32 1.31 -4.81
N LYS A 97 8.10 1.72 -5.14
CA LYS A 97 7.49 1.36 -6.43
C LYS A 97 6.57 2.47 -6.91
N THR A 98 6.27 2.46 -8.21
CA THR A 98 5.40 3.46 -8.81
C THR A 98 4.08 2.84 -9.26
N VAL A 99 2.98 3.37 -8.73
CA VAL A 99 1.65 2.87 -9.08
C VAL A 99 0.81 3.96 -9.73
N ALA A 100 -0.30 3.56 -10.33
CA ALA A 100 -1.20 4.51 -10.99
C ALA A 100 -2.60 3.92 -11.14
N PRO A 101 -3.61 4.80 -11.27
CA PRO A 101 -5.00 4.39 -11.44
C PRO A 101 -5.27 3.73 -12.78
N THR A 102 -4.58 4.23 -13.81
CA THR A 102 -4.74 3.69 -15.16
C THR A 102 -3.63 4.17 -16.08
N GLU A 103 -3.38 3.41 -17.14
CA GLU A 103 -2.34 3.76 -18.10
C GLU A 103 -2.94 4.11 -19.46
N SER A 104 -4.11 4.76 -19.44
CA SER A 104 -4.79 5.15 -20.65
C SER A 104 -6.07 5.92 -20.35
N SER A 105 -6.31 6.99 -21.10
CA SER A 105 -7.49 7.82 -20.90
C SER A 105 -8.08 8.24 -22.23
N GLU A 106 -8.21 7.29 -23.15
CA GLU A 106 -8.76 7.58 -24.47
C GLU A 106 -10.16 8.20 -24.36
N ASN A 107 -11.11 7.41 -23.89
CA ASN A 107 -12.48 7.88 -23.74
C ASN A 107 -13.07 7.41 -22.41
N LEU A 108 -13.95 8.23 -21.84
CA LEU A 108 -14.59 7.90 -20.56
C LEU A 108 -16.09 8.17 -20.63
N TYR A 109 -16.77 7.91 -19.52
CA TYR A 109 -18.21 8.12 -19.44
C TYR A 109 -18.58 9.54 -19.86
N PHE A 110 -19.75 9.68 -20.47
CA PHE A 110 -20.22 11.00 -20.91
C PHE A 110 -21.38 11.48 -20.07
N GLN A 111 -21.94 12.63 -20.43
CA GLN A 111 -23.07 13.20 -19.70
C GLN A 111 -23.71 14.33 -20.50
N GLN A 1 11.82 -21.97 8.98
CA GLN A 1 12.34 -21.48 7.71
C GLN A 1 13.17 -20.22 7.91
N PRO A 2 14.02 -19.91 6.93
CA PRO A 2 14.89 -18.73 6.97
C PRO A 2 14.11 -17.43 6.83
N LYS A 3 14.83 -16.33 6.68
CA LYS A 3 14.20 -15.01 6.54
C LYS A 3 13.71 -14.79 5.12
N ALA A 4 12.59 -14.08 4.98
CA ALA A 4 12.03 -13.80 3.66
C ALA A 4 11.75 -12.32 3.50
N ALA A 5 11.83 -11.84 2.26
CA ALA A 5 11.60 -10.42 1.96
C ALA A 5 10.13 -10.18 1.64
N PRO A 6 9.61 -9.03 2.09
CA PRO A 6 8.22 -8.63 1.88
C PRO A 6 7.94 -8.30 0.42
N SER A 7 6.69 -8.49 0.00
CA SER A 7 6.29 -8.21 -1.38
C SER A 7 5.57 -6.87 -1.47
N VAL A 8 5.55 -6.31 -2.68
CA VAL A 8 4.90 -5.02 -2.91
C VAL A 8 3.60 -5.19 -3.68
N THR A 9 2.48 -4.90 -3.02
CA THR A 9 1.17 -5.02 -3.64
C THR A 9 0.26 -3.88 -3.23
N LEU A 10 -0.09 -3.03 -4.20
CA LEU A 10 -0.96 -1.89 -3.93
C LEU A 10 -2.28 -2.02 -4.70
N PHE A 11 -3.37 -2.14 -3.96
CA PHE A 11 -4.70 -2.27 -4.57
C PHE A 11 -5.62 -1.16 -4.10
N PRO A 12 -5.54 0.00 -4.78
CA PRO A 12 -6.36 1.17 -4.45
C PRO A 12 -7.84 0.96 -4.79
N PRO A 13 -8.71 1.82 -4.25
CA PRO A 13 -10.15 1.75 -4.49
C PRO A 13 -10.52 2.13 -5.91
N SER A 14 -11.82 2.15 -6.20
CA SER A 14 -12.31 2.50 -7.52
C SER A 14 -12.91 3.90 -7.54
N SER A 15 -13.36 4.33 -8.70
CA SER A 15 -13.96 5.65 -8.85
C SER A 15 -15.16 5.82 -7.91
N GLU A 16 -15.86 4.72 -7.66
CA GLU A 16 -17.03 4.74 -6.78
C GLU A 16 -16.66 5.29 -5.41
N GLU A 17 -15.45 4.99 -4.96
CA GLU A 17 -14.97 5.46 -3.66
C GLU A 17 -14.71 6.96 -3.69
N LEU A 18 -13.89 7.39 -4.64
CA LEU A 18 -13.55 8.81 -4.77
C LEU A 18 -14.81 9.66 -4.89
N GLN A 19 -15.82 9.11 -5.56
CA GLN A 19 -17.08 9.83 -5.75
C GLN A 19 -17.81 10.01 -4.41
N ALA A 20 -17.48 9.16 -3.44
CA ALA A 20 -18.09 9.23 -2.12
C ALA A 20 -17.23 10.04 -1.16
N ASN A 21 -16.29 10.81 -1.71
CA ASN A 21 -15.40 11.63 -0.89
C ASN A 21 -14.57 10.77 0.04
N LYS A 22 -14.33 9.53 -0.36
CA LYS A 22 -13.55 8.59 0.45
C LYS A 22 -12.66 7.72 -0.44
N ALA A 23 -11.46 7.42 0.04
CA ALA A 23 -10.53 6.59 -0.70
C ALA A 23 -9.25 6.34 0.11
N THR A 24 -9.02 5.08 0.47
CA THR A 24 -7.84 4.71 1.24
C THR A 24 -7.10 3.56 0.57
N LEU A 25 -5.79 3.72 0.43
CA LEU A 25 -4.96 2.69 -0.18
C LEU A 25 -4.38 1.76 0.87
N VAL A 26 -4.20 0.49 0.50
CA VAL A 26 -3.64 -0.51 1.41
C VAL A 26 -2.60 -1.37 0.72
N CYS A 27 -1.51 -1.67 1.43
CA CYS A 27 -0.44 -2.49 0.88
C CYS A 27 -0.41 -3.86 1.55
N LEU A 28 -0.52 -4.90 0.73
CA LEU A 28 -0.51 -6.27 1.24
C LEU A 28 0.92 -6.78 1.40
N ILE A 29 1.18 -7.44 2.52
CA ILE A 29 2.50 -7.97 2.80
C ILE A 29 2.44 -9.46 3.15
N SER A 30 3.43 -10.22 2.70
CA SER A 30 3.48 -11.65 2.97
C SER A 30 4.90 -12.19 2.77
N ASP A 31 5.17 -13.35 3.36
CA ASP A 31 6.48 -13.98 3.25
C ASP A 31 7.58 -12.98 3.56
N PHE A 32 7.44 -12.27 4.67
CA PHE A 32 8.43 -11.27 5.08
C PHE A 32 8.99 -11.59 6.46
N TYR A 33 9.70 -10.63 7.05
CA TYR A 33 10.28 -10.81 8.37
C TYR A 33 9.35 -11.59 9.29
N PRO A 34 9.90 -12.16 10.36
CA PRO A 34 9.13 -12.95 11.34
C PRO A 34 8.21 -12.06 12.17
N GLY A 35 7.17 -11.51 11.53
CA GLY A 35 6.23 -10.66 12.24
C GLY A 35 6.86 -9.35 12.69
N ALA A 36 8.08 -9.09 12.22
CA ALA A 36 8.79 -7.87 12.58
C ALA A 36 8.91 -6.92 11.38
N VAL A 37 8.12 -5.86 11.40
CA VAL A 37 8.14 -4.88 10.32
C VAL A 37 7.66 -3.51 10.81
N THR A 38 7.74 -2.52 9.94
CA THR A 38 7.32 -1.16 10.27
C THR A 38 6.29 -0.64 9.28
N VAL A 39 5.31 0.12 9.78
CA VAL A 39 4.27 0.67 8.93
C VAL A 39 4.56 2.13 8.60
N ALA A 40 4.84 2.40 7.31
CA ALA A 40 5.13 3.75 6.86
C ALA A 40 4.59 3.99 5.45
N TRP A 41 4.07 5.18 5.23
CA TRP A 41 3.52 5.53 3.91
C TRP A 41 4.05 6.89 3.45
N LYS A 42 4.18 7.05 2.13
CA LYS A 42 4.68 8.29 1.56
C LYS A 42 4.28 8.41 0.10
N ALA A 43 4.06 9.63 -0.36
CA ALA A 43 3.68 9.88 -1.75
C ALA A 43 4.92 9.98 -2.64
N ASP A 44 4.98 9.12 -3.66
CA ASP A 44 6.10 9.12 -4.58
C ASP A 44 7.43 9.27 -3.84
N SER A 45 7.94 10.50 -3.81
CA SER A 45 9.20 10.79 -3.14
C SER A 45 8.97 11.56 -1.84
N SER A 46 7.94 12.41 -1.84
CA SER A 46 7.60 13.21 -0.68
C SER A 46 6.80 12.39 0.34
N PRO A 47 6.97 12.72 1.62
CA PRO A 47 6.28 12.02 2.72
C PRO A 47 4.79 12.34 2.73
N VAL A 48 4.00 11.38 3.20
CA VAL A 48 2.55 11.54 3.28
C VAL A 48 2.10 11.76 4.71
N LYS A 49 0.87 12.23 4.88
CA LYS A 49 0.30 12.48 6.20
C LYS A 49 0.72 11.38 7.18
N ALA A 50 0.75 10.15 6.69
CA ALA A 50 1.12 9.01 7.53
C ALA A 50 0.05 8.71 8.57
N GLY A 51 -1.21 8.78 8.15
CA GLY A 51 -2.30 8.51 9.05
C GLY A 51 -2.62 7.04 9.16
N VAL A 52 -1.61 6.22 9.43
CA VAL A 52 -1.78 4.79 9.55
C VAL A 52 -1.69 4.34 11.00
N GLU A 53 -2.49 3.33 11.36
CA GLU A 53 -2.49 2.81 12.72
C GLU A 53 -2.76 1.31 12.73
N THR A 54 -1.78 0.53 12.28
CA THR A 54 -1.92 -0.91 12.23
C THR A 54 -1.28 -1.57 13.45
N THR A 55 -1.56 -2.85 13.64
CA THR A 55 -1.01 -3.59 14.77
C THR A 55 -0.10 -4.72 14.31
N THR A 56 0.59 -5.34 15.26
CA THR A 56 1.50 -6.44 14.94
C THR A 56 0.84 -7.47 14.04
N PRO A 57 1.61 -8.01 13.09
CA PRO A 57 1.11 -9.02 12.14
C PRO A 57 0.82 -10.36 12.81
N SER A 58 0.51 -11.36 12.01
CA SER A 58 0.21 -12.69 12.52
C SER A 58 0.76 -13.77 11.59
N LYS A 59 0.92 -14.98 12.12
CA LYS A 59 1.44 -16.09 11.35
C LYS A 59 0.33 -16.72 10.49
N GLN A 60 0.71 -17.23 9.32
CA GLN A 60 -0.25 -17.85 8.42
C GLN A 60 0.12 -19.30 8.16
N SER A 61 -0.58 -19.93 7.22
CA SER A 61 -0.34 -21.33 6.88
C SER A 61 0.96 -21.47 6.08
N ASN A 62 1.54 -20.33 5.70
CA ASN A 62 2.78 -20.33 4.95
C ASN A 62 4.00 -20.43 5.87
N ASN A 63 3.73 -20.68 7.15
CA ASN A 63 4.80 -20.80 8.13
C ASN A 63 5.46 -19.44 8.38
N LYS A 64 4.90 -18.40 7.78
CA LYS A 64 5.44 -17.05 7.93
C LYS A 64 4.36 -16.07 8.39
N TYR A 65 4.76 -14.85 8.69
CA TYR A 65 3.83 -13.83 9.14
C TYR A 65 3.47 -12.88 7.99
N ALA A 66 2.38 -12.14 8.17
CA ALA A 66 1.92 -11.19 7.15
C ALA A 66 1.39 -9.91 7.79
N ALA A 67 1.69 -8.78 7.17
CA ALA A 67 1.24 -7.50 7.67
C ALA A 67 0.63 -6.65 6.57
N SER A 68 0.08 -5.49 6.95
CA SER A 68 -0.55 -4.61 5.97
C SER A 68 -0.78 -3.22 6.58
N SER A 69 -0.77 -2.20 5.74
CA SER A 69 -0.98 -0.82 6.18
C SER A 69 -1.96 -0.10 5.28
N TYR A 70 -2.79 0.76 5.88
CA TYR A 70 -3.78 1.52 5.12
C TYR A 70 -3.69 3.00 5.46
N LEU A 71 -3.50 3.83 4.44
CA LEU A 71 -3.41 5.27 4.63
C LEU A 71 -4.77 5.94 4.46
N SER A 72 -5.41 6.24 5.58
CA SER A 72 -6.73 6.87 5.55
C SER A 72 -6.61 8.36 5.30
N LEU A 73 -6.99 8.79 4.09
CA LEU A 73 -6.91 10.19 3.71
C LEU A 73 -7.96 10.52 2.66
N THR A 74 -8.05 11.80 2.29
CA THR A 74 -9.00 12.24 1.29
C THR A 74 -8.72 11.61 -0.07
N PRO A 75 -9.78 11.44 -0.87
CA PRO A 75 -9.67 10.83 -2.21
C PRO A 75 -8.94 11.74 -3.19
N GLU A 76 -9.23 13.04 -3.12
CA GLU A 76 -8.60 14.01 -4.01
C GLU A 76 -7.08 13.90 -3.95
N GLN A 77 -6.57 13.47 -2.79
CA GLN A 77 -5.13 13.33 -2.60
C GLN A 77 -4.56 12.26 -3.54
N TRP A 78 -5.37 11.25 -3.83
CA TRP A 78 -4.95 10.17 -4.71
C TRP A 78 -4.55 10.71 -6.08
N LYS A 79 -5.49 11.38 -6.74
CA LYS A 79 -5.24 11.95 -8.06
C LYS A 79 -4.34 13.18 -7.96
N SER A 80 -4.47 13.92 -6.86
CA SER A 80 -3.67 15.11 -6.65
C SER A 80 -2.18 14.76 -6.51
N HIS A 81 -1.91 13.67 -5.81
CA HIS A 81 -0.54 13.22 -5.60
C HIS A 81 0.05 12.66 -6.89
N ARG A 82 1.36 12.43 -6.89
CA ARG A 82 2.05 11.89 -8.06
C ARG A 82 2.05 10.37 -8.03
N SER A 83 2.19 9.80 -6.84
CA SER A 83 2.22 8.35 -6.68
C SER A 83 2.23 7.97 -5.20
N TYR A 84 2.12 6.68 -4.94
CA TYR A 84 2.11 6.18 -3.56
C TYR A 84 3.27 5.22 -3.33
N SER A 85 3.67 5.07 -2.07
CA SER A 85 4.77 4.17 -1.71
C SER A 85 4.55 3.59 -0.32
N CYS A 86 4.90 2.31 -0.16
CA CYS A 86 4.76 1.63 1.11
C CYS A 86 6.12 1.28 1.70
N GLN A 87 6.48 1.95 2.80
CA GLN A 87 7.76 1.71 3.45
C GLN A 87 7.63 0.61 4.50
N VAL A 88 8.49 -0.40 4.40
CA VAL A 88 8.47 -1.51 5.34
C VAL A 88 9.88 -1.88 5.79
N THR A 89 10.02 -2.23 7.06
CA THR A 89 11.31 -2.61 7.62
C THR A 89 11.65 -4.06 7.32
N HIS A 90 12.52 -4.27 6.35
CA HIS A 90 12.94 -5.62 5.97
C HIS A 90 14.38 -5.65 5.51
N GLU A 91 15.18 -6.52 6.11
CA GLU A 91 16.59 -6.64 5.77
C GLU A 91 17.28 -5.28 5.81
N GLY A 92 16.78 -4.40 6.68
CA GLY A 92 17.36 -3.07 6.80
C GLY A 92 17.29 -2.28 5.51
N SER A 93 16.31 -2.61 4.67
CA SER A 93 16.14 -1.93 3.39
C SER A 93 14.68 -1.54 3.17
N THR A 94 14.47 -0.47 2.41
CA THR A 94 13.12 0.00 2.13
C THR A 94 12.83 -0.07 0.64
N VAL A 95 11.58 -0.38 0.30
CA VAL A 95 11.16 -0.49 -1.10
C VAL A 95 10.32 0.71 -1.51
N GLU A 96 10.35 1.04 -2.79
CA GLU A 96 9.59 2.18 -3.31
C GLU A 96 9.02 1.85 -4.69
N LYS A 97 7.81 2.33 -4.94
CA LYS A 97 7.15 2.09 -6.23
C LYS A 97 6.25 3.27 -6.60
N THR A 98 5.94 3.38 -7.88
CA THR A 98 5.08 4.46 -8.37
C THR A 98 3.70 3.94 -8.76
N VAL A 99 2.66 4.53 -8.17
CA VAL A 99 1.29 4.12 -8.47
C VAL A 99 0.48 5.29 -9.02
N ALA A 100 -0.59 4.97 -9.74
CA ALA A 100 -1.45 5.99 -10.31
C ALA A 100 -2.87 5.47 -10.49
N PRO A 101 -3.85 6.40 -10.44
CA PRO A 101 -5.27 6.06 -10.59
C PRO A 101 -5.61 5.62 -12.01
N THR A 102 -4.97 6.26 -12.99
CA THR A 102 -5.21 5.93 -14.39
C THR A 102 -4.14 5.01 -14.94
N GLU A 103 -4.46 3.74 -15.09
CA GLU A 103 -3.52 2.75 -15.60
C GLU A 103 -4.15 1.92 -16.72
N SER A 104 -4.99 2.56 -17.52
CA SER A 104 -5.67 1.87 -18.62
C SER A 104 -6.56 2.84 -19.40
N SER A 105 -6.48 2.79 -20.72
CA SER A 105 -7.26 3.65 -21.58
C SER A 105 -7.67 2.94 -22.85
N GLU A 106 -8.45 1.86 -22.70
CA GLU A 106 -8.90 1.08 -23.84
C GLU A 106 -10.27 0.44 -23.56
N ASN A 107 -10.87 -0.14 -24.58
CA ASN A 107 -12.17 -0.78 -24.44
C ASN A 107 -13.18 0.17 -23.80
N LEU A 108 -13.08 1.44 -24.15
CA LEU A 108 -13.99 2.46 -23.62
C LEU A 108 -15.37 2.34 -24.24
N TYR A 109 -16.32 3.10 -23.72
CA TYR A 109 -17.69 3.07 -24.23
C TYR A 109 -17.83 4.00 -25.43
N PHE A 110 -18.73 3.63 -26.34
CA PHE A 110 -18.97 4.42 -27.54
C PHE A 110 -20.36 5.07 -27.50
N GLN A 111 -21.25 4.48 -26.72
CA GLN A 111 -22.61 4.99 -26.58
C GLN A 111 -22.88 5.46 -25.16
N GLN A 1 12.05 -21.31 10.10
CA GLN A 1 12.47 -20.99 8.74
C GLN A 1 13.36 -19.75 8.72
N PRO A 2 14.12 -19.58 7.63
CA PRO A 2 15.03 -18.44 7.46
C PRO A 2 14.28 -17.13 7.26
N LYS A 3 15.03 -16.07 6.99
CA LYS A 3 14.44 -14.76 6.77
C LYS A 3 13.97 -14.61 5.33
N ALA A 4 12.91 -13.82 5.14
CA ALA A 4 12.36 -13.60 3.81
C ALA A 4 12.04 -12.12 3.59
N ALA A 5 11.97 -11.71 2.32
CA ALA A 5 11.67 -10.33 1.99
C ALA A 5 10.17 -10.11 1.81
N PRO A 6 9.67 -8.99 2.33
CA PRO A 6 8.25 -8.64 2.25
C PRO A 6 7.83 -8.28 0.83
N SER A 7 6.95 -9.11 0.27
CA SER A 7 6.47 -8.88 -1.10
C SER A 7 5.69 -7.57 -1.18
N VAL A 8 5.76 -6.93 -2.35
CA VAL A 8 5.07 -5.66 -2.56
C VAL A 8 3.80 -5.87 -3.39
N THR A 9 2.65 -5.60 -2.77
CA THR A 9 1.37 -5.76 -3.45
C THR A 9 0.42 -4.61 -3.10
N LEU A 10 0.08 -3.81 -4.10
CA LEU A 10 -0.82 -2.68 -3.90
C LEU A 10 -2.12 -2.88 -4.67
N PHE A 11 -3.22 -3.03 -3.94
CA PHE A 11 -4.53 -3.22 -4.54
C PHE A 11 -5.49 -2.11 -4.13
N PRO A 12 -5.49 -1.01 -4.89
CA PRO A 12 -6.36 0.14 -4.63
C PRO A 12 -7.84 -0.17 -4.90
N PRO A 13 -8.72 0.71 -4.41
CA PRO A 13 -10.16 0.55 -4.59
C PRO A 13 -10.60 0.77 -6.04
N SER A 14 -11.90 0.71 -6.28
CA SER A 14 -12.44 0.90 -7.62
C SER A 14 -13.12 2.27 -7.75
N SER A 15 -13.62 2.56 -8.94
CA SER A 15 -14.29 3.83 -9.19
C SER A 15 -15.45 4.04 -8.23
N GLU A 16 -16.07 2.94 -7.81
CA GLU A 16 -17.20 3.00 -6.88
C GLU A 16 -16.80 3.73 -5.60
N GLU A 17 -15.55 3.58 -5.20
CA GLU A 17 -15.04 4.22 -3.99
C GLU A 17 -14.85 5.72 -4.21
N LEU A 18 -14.11 6.07 -5.26
CA LEU A 18 -13.84 7.46 -5.58
C LEU A 18 -15.15 8.24 -5.71
N GLN A 19 -16.16 7.60 -6.29
CA GLN A 19 -17.46 8.24 -6.49
C GLN A 19 -18.14 8.48 -5.15
N ALA A 20 -17.78 7.68 -4.15
CA ALA A 20 -18.37 7.82 -2.82
C ALA A 20 -17.56 8.77 -1.96
N ASN A 21 -16.67 9.54 -2.60
CA ASN A 21 -15.83 10.50 -1.89
C ASN A 21 -14.93 9.79 -0.88
N LYS A 22 -14.62 8.52 -1.15
CA LYS A 22 -13.78 7.73 -0.27
C LYS A 22 -12.82 6.86 -1.08
N ALA A 23 -11.67 6.55 -0.49
CA ALA A 23 -10.67 5.72 -1.16
C ALA A 23 -9.45 5.52 -0.26
N THR A 24 -9.21 4.28 0.14
CA THR A 24 -8.08 3.95 1.00
C THR A 24 -7.27 2.81 0.41
N LEU A 25 -6.00 3.08 0.11
CA LEU A 25 -5.11 2.07 -0.46
C LEU A 25 -4.47 1.23 0.64
N VAL A 26 -4.29 -0.06 0.37
CA VAL A 26 -3.68 -0.97 1.32
C VAL A 26 -2.58 -1.80 0.68
N CYS A 27 -1.48 -1.98 1.40
CA CYS A 27 -0.36 -2.76 0.90
C CYS A 27 -0.25 -4.10 1.63
N LEU A 28 -0.26 -5.18 0.85
CA LEU A 28 -0.17 -6.52 1.43
C LEU A 28 1.29 -6.91 1.70
N ILE A 29 1.54 -7.48 2.87
CA ILE A 29 2.88 -7.89 3.25
C ILE A 29 2.91 -9.35 3.67
N SER A 30 3.72 -10.15 2.99
CA SER A 30 3.84 -11.57 3.30
C SER A 30 5.30 -12.01 3.28
N ASP A 31 5.58 -13.17 3.88
CA ASP A 31 6.93 -13.70 3.94
C ASP A 31 7.94 -12.58 4.20
N PHE A 32 8.00 -12.12 5.44
CA PHE A 32 8.93 -11.07 5.82
C PHE A 32 9.52 -11.32 7.20
N TYR A 33 10.20 -10.32 7.74
CA TYR A 33 10.82 -10.45 9.05
C TYR A 33 9.92 -11.19 10.03
N PRO A 34 10.51 -11.72 11.10
CA PRO A 34 9.77 -12.46 12.13
C PRO A 34 8.86 -11.56 12.95
N GLY A 35 7.79 -11.08 12.32
CA GLY A 35 6.85 -10.22 13.01
C GLY A 35 7.45 -8.86 13.34
N ALA A 36 8.59 -8.55 12.74
CA ALA A 36 9.26 -7.28 12.96
C ALA A 36 9.27 -6.42 11.70
N VAL A 37 8.43 -5.40 11.69
CA VAL A 37 8.34 -4.49 10.54
C VAL A 37 7.80 -3.14 10.95
N THR A 38 7.77 -2.20 10.01
CA THR A 38 7.28 -0.85 10.26
C THR A 38 6.27 -0.43 9.21
N VAL A 39 5.26 0.32 9.64
CA VAL A 39 4.23 0.80 8.73
C VAL A 39 4.49 2.24 8.29
N ALA A 40 4.78 2.43 7.01
CA ALA A 40 5.05 3.75 6.47
C ALA A 40 4.51 3.89 5.05
N TRP A 41 3.94 5.04 4.76
CA TRP A 41 3.37 5.31 3.44
C TRP A 41 3.85 6.66 2.90
N LYS A 42 3.99 6.74 1.59
CA LYS A 42 4.43 7.98 0.95
C LYS A 42 4.06 7.99 -0.53
N ALA A 43 3.80 9.19 -1.07
CA ALA A 43 3.44 9.33 -2.47
C ALA A 43 4.68 9.45 -3.35
N ASP A 44 4.82 8.52 -4.30
CA ASP A 44 5.96 8.52 -5.20
C ASP A 44 7.26 8.78 -4.44
N SER A 45 7.71 10.03 -4.46
CA SER A 45 8.93 10.42 -3.78
C SER A 45 8.63 11.25 -2.54
N SER A 46 7.57 12.03 -2.61
CA SER A 46 7.17 12.88 -1.48
C SER A 46 6.39 12.08 -0.45
N PRO A 47 6.52 12.49 0.83
CA PRO A 47 5.84 11.82 1.94
C PRO A 47 4.32 12.05 1.92
N VAL A 48 3.58 11.10 2.46
CA VAL A 48 2.12 11.20 2.51
C VAL A 48 1.64 11.49 3.92
N LYS A 49 0.39 11.92 4.02
CA LYS A 49 -0.20 12.23 5.33
C LYS A 49 0.25 11.23 6.38
N ALA A 50 0.31 9.96 5.99
CA ALA A 50 0.73 8.90 6.91
C ALA A 50 -0.34 8.63 7.96
N GLY A 51 -1.60 8.61 7.52
CA GLY A 51 -2.70 8.37 8.44
C GLY A 51 -2.98 6.89 8.60
N VAL A 52 -1.96 6.12 8.95
CA VAL A 52 -2.10 4.68 9.14
C VAL A 52 -1.95 4.31 10.61
N GLU A 53 -2.79 3.39 11.07
CA GLU A 53 -2.73 2.94 12.46
C GLU A 53 -2.94 1.42 12.55
N THR A 54 -1.92 0.68 12.13
CA THR A 54 -1.98 -0.77 12.16
C THR A 54 -1.32 -1.32 13.42
N THR A 55 -1.54 -2.62 13.68
CA THR A 55 -0.97 -3.26 14.85
C THR A 55 0.03 -4.33 14.45
N THR A 56 0.76 -4.85 15.43
CA THR A 56 1.76 -5.89 15.18
C THR A 56 1.18 -7.02 14.33
N PRO A 57 2.04 -7.63 13.49
CA PRO A 57 1.64 -8.72 12.61
C PRO A 57 1.31 -9.99 13.38
N SER A 58 0.90 -11.03 12.65
CA SER A 58 0.56 -12.31 13.26
C SER A 58 1.11 -13.47 12.44
N LYS A 59 1.25 -14.63 13.08
CA LYS A 59 1.76 -15.82 12.41
C LYS A 59 0.64 -16.52 11.63
N GLN A 60 1.01 -17.08 10.48
CA GLN A 60 0.03 -17.78 9.63
C GLN A 60 0.43 -19.25 9.45
N SER A 61 -0.31 -19.95 8.61
CA SER A 61 -0.03 -21.36 8.35
C SER A 61 1.27 -21.53 7.58
N ASN A 62 1.82 -20.41 7.11
CA ASN A 62 3.06 -20.43 6.35
C ASN A 62 4.27 -20.54 7.29
N ASN A 63 3.99 -20.70 8.58
CA ASN A 63 5.05 -20.81 9.58
C ASN A 63 5.75 -19.46 9.78
N LYS A 64 5.24 -18.44 9.12
CA LYS A 64 5.81 -17.10 9.23
C LYS A 64 4.74 -16.08 9.60
N TYR A 65 5.14 -14.81 9.69
CA TYR A 65 4.21 -13.74 10.04
C TYR A 65 3.93 -12.86 8.82
N ALA A 66 2.94 -11.98 8.96
CA ALA A 66 2.57 -11.08 7.87
C ALA A 66 1.90 -9.82 8.41
N ALA A 67 2.08 -8.71 7.71
CA ALA A 67 1.48 -7.44 8.12
C ALA A 67 0.78 -6.77 6.95
N SER A 68 0.13 -5.64 7.23
CA SER A 68 -0.60 -4.90 6.20
C SER A 68 -0.93 -3.49 6.69
N SER A 69 -0.79 -2.51 5.80
CA SER A 69 -1.08 -1.13 6.13
C SER A 69 -2.05 -0.51 5.13
N TYR A 70 -2.93 0.34 5.61
CA TYR A 70 -3.93 1.00 4.76
C TYR A 70 -3.95 2.51 5.00
N LEU A 71 -3.69 3.27 3.95
CA LEU A 71 -3.68 4.73 4.05
C LEU A 71 -5.08 5.30 3.81
N SER A 72 -5.77 5.65 4.89
CA SER A 72 -7.11 6.20 4.80
C SER A 72 -7.06 7.71 4.55
N LEU A 73 -7.40 8.12 3.34
CA LEU A 73 -7.40 9.53 2.98
C LEU A 73 -8.41 9.81 1.88
N THR A 74 -8.54 11.08 1.50
CA THR A 74 -9.47 11.49 0.46
C THR A 74 -9.16 10.79 -0.86
N PRO A 75 -10.20 10.61 -1.69
CA PRO A 75 -10.05 9.96 -3.00
C PRO A 75 -9.27 10.80 -3.99
N GLU A 76 -9.55 12.12 -3.99
CA GLU A 76 -8.88 13.03 -4.89
C GLU A 76 -7.36 12.89 -4.78
N GLN A 77 -6.89 12.52 -3.59
CA GLN A 77 -5.46 12.35 -3.36
C GLN A 77 -4.89 11.25 -4.25
N TRP A 78 -5.73 10.28 -4.59
CA TRP A 78 -5.30 9.16 -5.43
C TRP A 78 -4.83 9.67 -6.79
N LYS A 79 -5.72 10.33 -7.53
CA LYS A 79 -5.41 10.86 -8.84
C LYS A 79 -4.54 12.12 -8.73
N SER A 80 -4.61 12.76 -7.56
CA SER A 80 -3.84 13.98 -7.33
C SER A 80 -2.35 13.68 -7.30
N HIS A 81 -1.97 12.61 -6.61
CA HIS A 81 -0.57 12.22 -6.50
C HIS A 81 -0.10 11.55 -7.79
N ARG A 82 1.21 11.32 -7.90
CA ARG A 82 1.79 10.70 -9.08
C ARG A 82 1.84 9.18 -8.92
N SER A 83 2.11 8.73 -7.69
CA SER A 83 2.20 7.30 -7.41
C SER A 83 2.21 7.05 -5.91
N TYR A 84 2.14 5.78 -5.52
CA TYR A 84 2.15 5.40 -4.11
C TYR A 84 3.37 4.54 -3.78
N SER A 85 3.72 4.50 -2.50
CA SER A 85 4.87 3.72 -2.06
C SER A 85 4.66 3.22 -0.63
N CYS A 86 5.00 1.96 -0.39
CA CYS A 86 4.84 1.36 0.93
C CYS A 86 6.21 1.09 1.56
N GLN A 87 6.53 1.83 2.61
CA GLN A 87 7.81 1.67 3.30
C GLN A 87 7.69 0.64 4.42
N VAL A 88 8.61 -0.32 4.43
CA VAL A 88 8.61 -1.36 5.45
C VAL A 88 10.02 -1.61 5.98
N THR A 89 10.12 -1.85 7.27
CA THR A 89 11.41 -2.11 7.91
C THR A 89 11.83 -3.56 7.74
N HIS A 90 12.76 -3.81 6.82
CA HIS A 90 13.24 -5.16 6.57
C HIS A 90 14.72 -5.14 6.19
N GLU A 91 15.56 -5.75 7.02
CA GLU A 91 16.99 -5.80 6.77
C GLU A 91 17.56 -4.40 6.61
N GLY A 92 16.97 -3.44 7.32
CA GLY A 92 17.44 -2.07 7.25
C GLY A 92 17.34 -1.49 5.85
N SER A 93 16.41 -2.03 5.06
CA SER A 93 16.22 -1.56 3.68
C SER A 93 14.76 -1.21 3.44
N THR A 94 14.52 -0.33 2.46
CA THR A 94 13.18 0.10 2.13
C THR A 94 12.89 -0.11 0.64
N VAL A 95 11.65 -0.47 0.32
CA VAL A 95 11.26 -0.69 -1.06
C VAL A 95 10.39 0.45 -1.58
N GLU A 96 10.43 0.67 -2.89
CA GLU A 96 9.64 1.74 -3.50
C GLU A 96 9.11 1.30 -4.87
N LYS A 97 7.89 1.71 -5.18
CA LYS A 97 7.26 1.35 -6.44
C LYS A 97 6.36 2.48 -6.94
N THR A 98 6.06 2.47 -8.24
CA THR A 98 5.21 3.49 -8.83
C THR A 98 3.85 2.93 -9.21
N VAL A 99 2.79 3.50 -8.66
CA VAL A 99 1.43 3.06 -8.95
C VAL A 99 0.60 4.18 -9.55
N ALA A 100 -0.55 3.82 -10.09
CA ALA A 100 -1.45 4.81 -10.70
C ALA A 100 -2.87 4.26 -10.81
N PRO A 101 -3.85 5.17 -10.84
CA PRO A 101 -5.27 4.81 -10.95
C PRO A 101 -5.62 4.24 -12.31
N THR A 102 -4.94 4.72 -13.35
CA THR A 102 -5.19 4.26 -14.71
C THR A 102 -4.07 4.71 -15.64
N GLU A 103 -3.70 3.82 -16.58
CA GLU A 103 -2.65 4.13 -17.53
C GLU A 103 -3.17 4.04 -18.96
N SER A 104 -4.33 4.65 -19.20
CA SER A 104 -4.94 4.63 -20.53
C SER A 104 -6.26 5.41 -20.52
N SER A 105 -6.37 6.36 -21.44
CA SER A 105 -7.57 7.18 -21.55
C SER A 105 -8.09 7.20 -22.99
N GLU A 106 -8.00 6.05 -23.65
CA GLU A 106 -8.47 5.93 -25.03
C GLU A 106 -9.77 5.13 -25.10
N ASN A 107 -10.62 5.32 -24.09
CA ASN A 107 -11.89 4.62 -24.04
C ASN A 107 -12.72 5.06 -22.83
N LEU A 108 -13.75 5.84 -23.08
CA LEU A 108 -14.61 6.34 -22.02
C LEU A 108 -16.06 6.43 -22.49
N TYR A 109 -16.98 6.57 -21.54
CA TYR A 109 -18.40 6.66 -21.85
C TYR A 109 -18.69 7.86 -22.75
N PHE A 110 -19.83 7.82 -23.43
CA PHE A 110 -20.21 8.90 -24.32
C PHE A 110 -21.42 9.66 -23.77
N GLN A 111 -21.90 10.64 -24.52
CA GLN A 111 -23.04 11.44 -24.10
C GLN A 111 -24.35 10.70 -24.38
N GLN A 1 9.63 -21.48 9.27
CA GLN A 1 10.40 -21.17 8.06
C GLN A 1 11.45 -20.12 8.34
N PRO A 2 12.46 -20.03 7.46
CA PRO A 2 13.55 -19.07 7.58
C PRO A 2 13.09 -17.63 7.35
N LYS A 3 14.04 -16.72 7.27
CA LYS A 3 13.74 -15.31 7.03
C LYS A 3 13.42 -15.06 5.56
N ALA A 4 12.57 -14.06 5.31
CA ALA A 4 12.18 -13.72 3.95
C ALA A 4 11.94 -12.23 3.80
N ALA A 5 12.03 -11.73 2.56
CA ALA A 5 11.82 -10.32 2.29
C ALA A 5 10.36 -10.02 2.01
N PRO A 6 9.87 -8.87 2.50
CA PRO A 6 8.48 -8.44 2.30
C PRO A 6 8.19 -8.06 0.86
N SER A 7 7.30 -8.80 0.22
CA SER A 7 6.93 -8.53 -1.17
C SER A 7 6.13 -7.24 -1.29
N VAL A 8 6.10 -6.68 -2.49
CA VAL A 8 5.37 -5.44 -2.73
C VAL A 8 4.05 -5.71 -3.46
N THR A 9 2.94 -5.45 -2.78
CA THR A 9 1.63 -5.66 -3.37
C THR A 9 0.68 -4.52 -3.01
N LEU A 10 0.25 -3.77 -4.02
CA LEU A 10 -0.66 -2.65 -3.82
C LEU A 10 -1.97 -2.87 -4.57
N PHE A 11 -3.05 -3.03 -3.82
CA PHE A 11 -4.38 -3.25 -4.41
C PHE A 11 -5.35 -2.15 -3.99
N PRO A 12 -5.37 -1.05 -4.76
CA PRO A 12 -6.25 0.09 -4.48
C PRO A 12 -7.72 -0.24 -4.74
N PRO A 13 -8.61 0.65 -4.28
CA PRO A 13 -10.05 0.48 -4.46
C PRO A 13 -10.49 0.64 -5.91
N SER A 14 -11.80 0.59 -6.14
CA SER A 14 -12.35 0.73 -7.48
C SER A 14 -12.98 2.10 -7.68
N SER A 15 -13.43 2.36 -8.90
CA SER A 15 -14.06 3.64 -9.22
C SER A 15 -15.23 3.92 -8.29
N GLU A 16 -15.92 2.86 -7.89
CA GLU A 16 -17.07 2.99 -7.00
C GLU A 16 -16.69 3.73 -5.72
N GLU A 17 -15.45 3.53 -5.26
CA GLU A 17 -14.97 4.18 -4.06
C GLU A 17 -14.77 5.67 -4.29
N LEU A 18 -14.00 6.01 -5.32
CA LEU A 18 -13.73 7.40 -5.64
C LEU A 18 -15.02 8.19 -5.82
N GLN A 19 -16.04 7.53 -6.37
CA GLN A 19 -17.34 8.16 -6.59
C GLN A 19 -18.06 8.40 -5.26
N ALA A 20 -17.68 7.64 -4.25
CA ALA A 20 -18.29 7.77 -2.93
C ALA A 20 -17.51 8.75 -2.06
N ASN A 21 -16.64 9.54 -2.69
CA ASN A 21 -15.83 10.52 -1.98
C ASN A 21 -14.92 9.83 -0.96
N LYS A 22 -14.57 8.57 -1.24
CA LYS A 22 -13.70 7.80 -0.36
C LYS A 22 -12.75 6.93 -1.17
N ALA A 23 -11.59 6.63 -0.58
CA ALA A 23 -10.59 5.79 -1.25
C ALA A 23 -9.40 5.53 -0.33
N THR A 24 -9.32 4.32 0.20
CA THR A 24 -8.24 3.95 1.09
C THR A 24 -7.40 2.82 0.50
N LEU A 25 -6.12 3.10 0.27
CA LEU A 25 -5.20 2.11 -0.30
C LEU A 25 -4.54 1.29 0.80
N VAL A 26 -4.34 0.00 0.53
CA VAL A 26 -3.70 -0.88 1.49
C VAL A 26 -2.61 -1.73 0.82
N CYS A 27 -1.49 -1.88 1.52
CA CYS A 27 -0.38 -2.66 1.00
C CYS A 27 -0.26 -4.00 1.72
N LEU A 28 -0.29 -5.09 0.96
CA LEU A 28 -0.18 -6.42 1.54
C LEU A 28 1.27 -6.80 1.78
N ILE A 29 1.55 -7.38 2.95
CA ILE A 29 2.91 -7.80 3.28
C ILE A 29 2.94 -9.26 3.71
N SER A 30 3.58 -10.10 2.90
CA SER A 30 3.69 -11.52 3.19
C SER A 30 5.15 -11.97 3.15
N ASP A 31 5.41 -13.13 3.76
CA ASP A 31 6.76 -13.67 3.80
C ASP A 31 7.79 -12.57 4.05
N PHE A 32 7.81 -12.07 5.28
CA PHE A 32 8.74 -11.01 5.64
C PHE A 32 9.36 -11.26 7.01
N TYR A 33 10.04 -10.26 7.55
CA TYR A 33 10.69 -10.39 8.85
C TYR A 33 9.80 -11.15 9.83
N PRO A 34 10.41 -11.68 10.90
CA PRO A 34 9.69 -12.43 11.93
C PRO A 34 8.78 -11.55 12.77
N GLY A 35 7.70 -11.07 12.16
CA GLY A 35 6.76 -10.21 12.87
C GLY A 35 7.36 -8.86 13.21
N ALA A 36 8.50 -8.54 12.58
CA ALA A 36 9.17 -7.27 12.82
C ALA A 36 9.14 -6.39 11.57
N VAL A 37 8.31 -5.36 11.59
CA VAL A 37 8.19 -4.44 10.47
C VAL A 37 7.66 -3.09 10.91
N THR A 38 7.60 -2.14 9.97
CA THR A 38 7.12 -0.81 10.27
C THR A 38 6.07 -0.37 9.25
N VAL A 39 5.10 0.42 9.71
CA VAL A 39 4.04 0.92 8.83
C VAL A 39 4.30 2.36 8.42
N ALA A 40 4.58 2.56 7.14
CA ALA A 40 4.84 3.89 6.60
C ALA A 40 4.33 4.02 5.18
N TRP A 41 3.78 5.19 4.86
CA TRP A 41 3.24 5.45 3.52
C TRP A 41 3.75 6.79 2.98
N LYS A 42 3.94 6.85 1.67
CA LYS A 42 4.42 8.07 1.04
C LYS A 42 4.10 8.06 -0.46
N ALA A 43 3.91 9.25 -1.02
CA ALA A 43 3.60 9.38 -2.44
C ALA A 43 4.87 9.40 -3.28
N ASP A 44 5.00 8.42 -4.17
CA ASP A 44 6.17 8.33 -5.04
C ASP A 44 7.45 8.57 -4.25
N SER A 45 7.93 9.81 -4.28
CA SER A 45 9.15 10.19 -3.57
C SER A 45 8.83 11.07 -2.37
N SER A 46 7.78 11.87 -2.48
CA SER A 46 7.38 12.75 -1.41
C SER A 46 6.55 12.00 -0.36
N PRO A 47 6.64 12.46 0.90
CA PRO A 47 5.91 11.85 2.01
C PRO A 47 4.41 12.10 1.92
N VAL A 48 3.63 11.21 2.53
CA VAL A 48 2.18 11.33 2.51
C VAL A 48 1.64 11.58 3.92
N LYS A 49 0.39 12.02 4.00
CA LYS A 49 -0.25 12.31 5.28
C LYS A 49 0.21 11.30 6.34
N ALA A 50 0.25 10.03 5.96
CA ALA A 50 0.67 8.98 6.89
C ALA A 50 -0.37 8.76 7.97
N GLY A 51 -1.63 8.79 7.58
CA GLY A 51 -2.71 8.59 8.54
C GLY A 51 -3.04 7.12 8.74
N VAL A 52 -2.03 6.32 9.05
CA VAL A 52 -2.21 4.89 9.27
C VAL A 52 -2.04 4.54 10.75
N GLU A 53 -2.79 3.52 11.20
CA GLU A 53 -2.72 3.09 12.58
C GLU A 53 -2.93 1.58 12.69
N THR A 54 -1.95 0.81 12.23
CA THR A 54 -2.04 -0.64 12.27
C THR A 54 -1.32 -1.20 13.49
N THR A 55 -1.53 -2.49 13.75
CA THR A 55 -0.92 -3.14 14.90
C THR A 55 0.07 -4.22 14.45
N THR A 56 0.83 -4.76 15.39
CA THR A 56 1.81 -5.80 15.10
C THR A 56 1.18 -6.90 14.24
N PRO A 57 2.01 -7.53 13.39
CA PRO A 57 1.56 -8.61 12.51
C PRO A 57 1.23 -9.89 13.27
N SER A 58 0.91 -10.95 12.55
CA SER A 58 0.57 -12.23 13.16
C SER A 58 1.11 -13.39 12.33
N LYS A 59 1.19 -14.56 12.96
CA LYS A 59 1.69 -15.76 12.28
C LYS A 59 0.58 -16.44 11.50
N GLN A 60 0.94 -17.03 10.36
CA GLN A 60 -0.03 -17.73 9.53
C GLN A 60 0.34 -19.20 9.37
N SER A 61 -0.40 -19.90 8.52
CA SER A 61 -0.15 -21.32 8.28
C SER A 61 1.14 -21.52 7.50
N ASN A 62 1.73 -20.42 7.05
CA ASN A 62 2.97 -20.47 6.28
C ASN A 62 4.19 -20.56 7.21
N ASN A 63 3.92 -20.73 8.50
CA ASN A 63 4.98 -20.84 9.50
C ASN A 63 5.70 -19.50 9.66
N LYS A 64 5.16 -18.46 9.01
CA LYS A 64 5.74 -17.12 9.09
C LYS A 64 4.69 -16.10 9.49
N TYR A 65 5.10 -14.83 9.54
CA TYR A 65 4.19 -13.75 9.91
C TYR A 65 3.88 -12.87 8.70
N ALA A 66 2.88 -12.00 8.86
CA ALA A 66 2.49 -11.10 7.78
C ALA A 66 1.85 -9.84 8.34
N ALA A 67 2.05 -8.72 7.65
CA ALA A 67 1.50 -7.44 8.07
C ALA A 67 0.81 -6.72 6.92
N SER A 68 0.14 -5.62 7.22
CA SER A 68 -0.55 -4.84 6.20
C SER A 68 -0.93 -3.47 6.73
N SER A 69 -0.68 -2.44 5.92
CA SER A 69 -0.99 -1.07 6.31
C SER A 69 -2.06 -0.48 5.40
N TYR A 70 -2.99 0.27 6.00
CA TYR A 70 -4.08 0.88 5.25
C TYR A 70 -4.22 2.36 5.61
N LEU A 71 -4.05 3.22 4.61
CA LEU A 71 -4.16 4.67 4.82
C LEU A 71 -5.51 5.19 4.32
N SER A 72 -6.26 5.83 5.21
CA SER A 72 -7.56 6.38 4.86
C SER A 72 -7.46 7.88 4.60
N LEU A 73 -7.65 8.26 3.34
CA LEU A 73 -7.60 9.66 2.95
C LEU A 73 -8.56 9.95 1.79
N THR A 74 -8.64 11.22 1.40
CA THR A 74 -9.52 11.62 0.32
C THR A 74 -9.18 10.90 -0.97
N PRO A 75 -10.21 10.65 -1.80
CA PRO A 75 -10.04 9.96 -3.09
C PRO A 75 -9.27 10.79 -4.11
N GLU A 76 -9.53 12.10 -4.11
CA GLU A 76 -8.86 13.01 -5.03
C GLU A 76 -7.35 12.87 -4.93
N GLN A 77 -6.86 12.55 -3.73
CA GLN A 77 -5.43 12.39 -3.51
C GLN A 77 -4.86 11.28 -4.38
N TRP A 78 -5.69 10.29 -4.70
CA TRP A 78 -5.27 9.17 -5.54
C TRP A 78 -4.81 9.66 -6.90
N LYS A 79 -5.69 10.32 -7.63
CA LYS A 79 -5.37 10.84 -8.95
C LYS A 79 -4.54 12.12 -8.85
N SER A 80 -4.59 12.75 -7.69
CA SER A 80 -3.84 13.99 -7.46
C SER A 80 -2.34 13.71 -7.39
N HIS A 81 -1.98 12.66 -6.66
CA HIS A 81 -0.58 12.28 -6.50
C HIS A 81 -0.05 11.64 -7.79
N ARG A 82 1.26 11.44 -7.83
CA ARG A 82 1.90 10.83 -9.00
C ARG A 82 1.99 9.32 -8.85
N SER A 83 2.20 8.86 -7.63
CA SER A 83 2.31 7.44 -7.35
C SER A 83 2.31 7.17 -5.85
N TYR A 84 2.15 5.90 -5.48
CA TYR A 84 2.14 5.52 -4.07
C TYR A 84 3.33 4.65 -3.73
N SER A 85 3.70 4.62 -2.45
CA SER A 85 4.84 3.83 -2.00
C SER A 85 4.63 3.36 -0.56
N CYS A 86 4.96 2.10 -0.30
CA CYS A 86 4.80 1.53 1.03
C CYS A 86 6.17 1.25 1.66
N GLN A 87 6.50 2.00 2.70
CA GLN A 87 7.77 1.83 3.40
C GLN A 87 7.65 0.81 4.52
N VAL A 88 8.54 -0.17 4.52
CA VAL A 88 8.53 -1.22 5.54
C VAL A 88 9.94 -1.50 6.05
N THR A 89 10.06 -1.77 7.35
CA THR A 89 11.36 -2.05 7.96
C THR A 89 11.73 -3.52 7.76
N HIS A 90 12.64 -3.77 6.82
CA HIS A 90 13.09 -5.13 6.54
C HIS A 90 14.56 -5.13 6.12
N GLU A 91 15.36 -5.94 6.79
CA GLU A 91 16.79 -6.04 6.49
C GLU A 91 17.43 -4.66 6.46
N GLY A 92 16.88 -3.75 7.26
CA GLY A 92 17.42 -2.40 7.32
C GLY A 92 17.35 -1.68 5.99
N SER A 93 16.41 -2.09 5.14
CA SER A 93 16.24 -1.48 3.83
C SER A 93 14.77 -1.23 3.52
N THR A 94 14.51 -0.23 2.68
CA THR A 94 13.15 0.12 2.30
C THR A 94 12.95 -0.01 0.80
N VAL A 95 11.74 -0.44 0.40
CA VAL A 95 11.41 -0.60 -1.01
C VAL A 95 10.50 0.52 -1.50
N GLU A 96 10.57 0.82 -2.79
CA GLU A 96 9.76 1.87 -3.38
C GLU A 96 9.22 1.44 -4.74
N LYS A 97 7.98 1.82 -5.02
CA LYS A 97 7.34 1.47 -6.28
C LYS A 97 6.42 2.59 -6.76
N THR A 98 6.10 2.58 -8.05
CA THR A 98 5.23 3.60 -8.63
C THR A 98 3.88 3.00 -9.03
N VAL A 99 2.80 3.60 -8.54
CA VAL A 99 1.46 3.13 -8.85
C VAL A 99 0.63 4.23 -9.47
N ALA A 100 -0.51 3.84 -10.08
CA ALA A 100 -1.39 4.80 -10.72
C ALA A 100 -2.82 4.27 -10.80
N PRO A 101 -3.80 5.17 -10.87
CA PRO A 101 -5.21 4.81 -10.96
C PRO A 101 -5.57 4.18 -12.30
N THR A 102 -5.02 4.73 -13.37
CA THR A 102 -5.28 4.23 -14.71
C THR A 102 -4.16 4.60 -15.68
N GLU A 103 -3.82 3.67 -16.57
CA GLU A 103 -2.76 3.89 -17.54
C GLU A 103 -3.29 3.79 -18.96
N SER A 104 -4.48 4.34 -19.18
CA SER A 104 -5.11 4.30 -20.50
C SER A 104 -6.45 5.01 -20.49
N SER A 105 -6.53 6.12 -21.22
CA SER A 105 -7.77 6.91 -21.29
C SER A 105 -8.01 7.41 -22.70
N GLU A 106 -8.08 6.48 -23.65
CA GLU A 106 -8.32 6.83 -25.05
C GLU A 106 -9.60 7.65 -25.20
N ASN A 107 -10.74 6.98 -25.03
CA ASN A 107 -12.03 7.64 -25.14
C ASN A 107 -13.14 6.78 -24.55
N LEU A 108 -13.60 7.15 -23.35
CA LEU A 108 -14.66 6.40 -22.68
C LEU A 108 -16.03 6.89 -23.14
N TYR A 109 -17.02 6.00 -23.05
CA TYR A 109 -18.38 6.34 -23.45
C TYR A 109 -19.28 6.49 -22.23
N PHE A 110 -18.71 7.00 -21.14
CA PHE A 110 -19.47 7.20 -19.91
C PHE A 110 -20.33 8.46 -19.99
N GLN A 111 -21.59 8.29 -20.37
CA GLN A 111 -22.51 9.41 -20.49
C GLN A 111 -23.03 9.84 -19.13
N GLN A 1 11.16 -22.50 8.14
CA GLN A 1 11.63 -22.00 6.85
C GLN A 1 12.53 -20.79 7.04
N PRO A 2 13.33 -20.48 6.01
CA PRO A 2 14.26 -19.35 6.03
C PRO A 2 13.53 -18.01 6.00
N LYS A 3 14.29 -16.93 5.82
CA LYS A 3 13.73 -15.58 5.78
C LYS A 3 13.21 -15.27 4.38
N ALA A 4 12.28 -14.32 4.30
CA ALA A 4 11.71 -13.93 3.01
C ALA A 4 11.49 -12.42 2.96
N ALA A 5 11.57 -11.86 1.76
CA ALA A 5 11.38 -10.43 1.57
C ALA A 5 9.91 -10.10 1.28
N PRO A 6 9.45 -8.96 1.80
CA PRO A 6 8.06 -8.51 1.61
C PRO A 6 7.79 -8.09 0.17
N SER A 7 6.62 -8.48 -0.35
CA SER A 7 6.24 -8.13 -1.71
C SER A 7 5.48 -6.81 -1.75
N VAL A 8 5.48 -6.17 -2.91
CA VAL A 8 4.79 -4.90 -3.08
C VAL A 8 3.45 -5.08 -3.78
N THR A 9 2.37 -4.80 -3.07
CA THR A 9 1.03 -4.94 -3.62
C THR A 9 0.13 -3.78 -3.20
N LEU A 10 -0.28 -2.98 -4.17
CA LEU A 10 -1.14 -1.82 -3.90
C LEU A 10 -2.46 -1.95 -4.64
N PHE A 11 -3.54 -2.07 -3.88
CA PHE A 11 -4.88 -2.19 -4.47
C PHE A 11 -5.81 -1.10 -3.95
N PRO A 12 -5.81 0.05 -4.64
CA PRO A 12 -6.64 1.20 -4.27
C PRO A 12 -8.12 0.94 -4.51
N PRO A 13 -8.98 1.82 -3.96
CA PRO A 13 -10.43 1.70 -4.11
C PRO A 13 -10.89 1.99 -5.53
N SER A 14 -12.21 2.04 -5.73
CA SER A 14 -12.78 2.30 -7.05
C SER A 14 -13.34 3.72 -7.11
N SER A 15 -13.80 4.10 -8.31
CA SER A 15 -14.36 5.43 -8.52
C SER A 15 -15.50 5.70 -7.54
N GLU A 16 -16.23 4.64 -7.19
CA GLU A 16 -17.35 4.75 -6.26
C GLU A 16 -16.90 5.37 -4.94
N GLU A 17 -15.67 5.08 -4.54
CA GLU A 17 -15.13 5.61 -3.30
C GLU A 17 -14.86 7.10 -3.41
N LEU A 18 -14.12 7.49 -4.44
CA LEU A 18 -13.79 8.90 -4.66
C LEU A 18 -15.06 9.75 -4.72
N GLN A 19 -16.10 9.21 -5.35
CA GLN A 19 -17.37 9.91 -5.48
C GLN A 19 -18.04 10.08 -4.12
N ALA A 20 -17.70 9.19 -3.19
CA ALA A 20 -18.26 9.24 -1.84
C ALA A 20 -17.40 10.09 -0.91
N ASN A 21 -16.48 10.85 -1.50
CA ASN A 21 -15.58 11.71 -0.72
C ASN A 21 -14.72 10.87 0.23
N LYS A 22 -14.47 9.62 -0.15
CA LYS A 22 -13.66 8.72 0.66
C LYS A 22 -12.76 7.87 -0.22
N ALA A 23 -11.58 7.53 0.30
CA ALA A 23 -10.62 6.72 -0.43
C ALA A 23 -9.40 6.41 0.42
N THR A 24 -9.21 5.14 0.76
CA THR A 24 -8.09 4.71 1.57
C THR A 24 -7.33 3.57 0.90
N LEU A 25 -6.05 3.81 0.61
CA LEU A 25 -5.21 2.80 -0.04
C LEU A 25 -4.59 1.87 1.00
N VAL A 26 -4.39 0.61 0.62
CA VAL A 26 -3.80 -0.37 1.52
C VAL A 26 -2.76 -1.20 0.80
N CYS A 27 -1.64 -1.47 1.49
CA CYS A 27 -0.56 -2.25 0.91
C CYS A 27 -0.46 -3.62 1.58
N LEU A 28 -0.50 -4.67 0.76
CA LEU A 28 -0.44 -6.04 1.27
C LEU A 28 1.02 -6.46 1.49
N ILE A 29 1.28 -7.09 2.63
CA ILE A 29 2.62 -7.55 2.96
C ILE A 29 2.62 -9.02 3.34
N SER A 30 3.09 -9.86 2.41
CA SER A 30 3.14 -11.30 2.64
C SER A 30 4.57 -11.82 2.52
N ASP A 31 4.85 -12.93 3.18
CA ASP A 31 6.17 -13.54 3.14
C ASP A 31 7.25 -12.49 3.40
N PHE A 32 7.38 -12.08 4.66
CA PHE A 32 8.37 -11.08 5.04
C PHE A 32 9.03 -11.44 6.37
N TYR A 33 9.78 -10.50 6.93
CA TYR A 33 10.46 -10.72 8.20
C TYR A 33 9.56 -11.48 9.17
N PRO A 34 10.19 -12.08 10.20
CA PRO A 34 9.47 -12.85 11.22
C PRO A 34 8.62 -11.96 12.13
N GLY A 35 7.55 -11.40 11.57
CA GLY A 35 6.68 -10.54 12.34
C GLY A 35 7.34 -9.23 12.72
N ALA A 36 8.48 -8.95 12.09
CA ALA A 36 9.22 -7.71 12.36
C ALA A 36 9.22 -6.79 11.15
N VAL A 37 8.43 -5.73 11.21
CA VAL A 37 8.34 -4.77 10.12
C VAL A 37 7.88 -3.41 10.62
N THR A 38 7.87 -2.43 9.72
CA THR A 38 7.45 -1.08 10.07
C THR A 38 6.40 -0.55 9.09
N VAL A 39 5.47 0.24 9.61
CA VAL A 39 4.41 0.81 8.78
C VAL A 39 4.70 2.27 8.44
N ALA A 40 4.96 2.53 7.16
CA ALA A 40 5.25 3.88 6.70
C ALA A 40 4.70 4.12 5.30
N TRP A 41 4.15 5.32 5.08
CA TRP A 41 3.58 5.67 3.78
C TRP A 41 4.09 7.02 3.31
N LYS A 42 4.21 7.20 2.00
CA LYS A 42 4.68 8.44 1.43
C LYS A 42 4.26 8.57 -0.04
N ALA A 43 4.01 9.79 -0.47
CA ALA A 43 3.60 10.04 -1.86
C ALA A 43 4.82 10.19 -2.77
N ASP A 44 4.98 9.25 -3.69
CA ASP A 44 6.09 9.27 -4.62
C ASP A 44 7.41 9.42 -3.88
N SER A 45 7.93 10.65 -3.83
CA SER A 45 9.19 10.93 -3.16
C SER A 45 8.95 11.67 -1.84
N SER A 46 7.93 12.51 -1.82
CA SER A 46 7.60 13.29 -0.64
C SER A 46 6.79 12.45 0.35
N PRO A 47 6.96 12.74 1.65
CA PRO A 47 6.26 12.03 2.72
C PRO A 47 4.77 12.35 2.74
N VAL A 48 3.98 11.42 3.28
CA VAL A 48 2.53 11.59 3.36
C VAL A 48 2.09 11.81 4.80
N LYS A 49 0.87 12.28 4.98
CA LYS A 49 0.32 12.54 6.30
C LYS A 49 0.73 11.44 7.28
N ALA A 50 0.73 10.20 6.80
CA ALA A 50 1.11 9.06 7.63
C ALA A 50 0.03 8.77 8.68
N GLY A 51 -1.22 8.82 8.26
CA GLY A 51 -2.32 8.56 9.18
C GLY A 51 -2.66 7.08 9.26
N VAL A 52 -1.66 6.26 9.53
CA VAL A 52 -1.86 4.81 9.63
C VAL A 52 -1.71 4.35 11.07
N GLU A 53 -2.56 3.40 11.47
CA GLU A 53 -2.52 2.86 12.83
C GLU A 53 -2.72 1.35 12.82
N THR A 54 -1.71 0.62 12.34
CA THR A 54 -1.78 -0.83 12.28
C THR A 54 -1.12 -1.46 13.50
N THR A 55 -1.38 -2.75 13.72
CA THR A 55 -0.81 -3.47 14.84
C THR A 55 0.15 -4.55 14.38
N THR A 56 0.87 -5.14 15.32
CA THR A 56 1.83 -6.20 15.00
C THR A 56 1.20 -7.27 14.13
N PRO A 57 2.00 -7.86 13.23
CA PRO A 57 1.54 -8.91 12.32
C PRO A 57 1.24 -10.22 13.04
N SER A 58 0.74 -11.20 12.30
CA SER A 58 0.41 -12.50 12.88
C SER A 58 0.89 -13.62 11.96
N LYS A 59 0.96 -14.83 12.52
CA LYS A 59 1.39 -16.00 11.76
C LYS A 59 0.23 -16.63 11.00
N GLN A 60 0.50 -17.13 9.81
CA GLN A 60 -0.52 -17.75 8.99
C GLN A 60 -0.18 -19.22 8.70
N SER A 61 -1.05 -19.88 7.95
CA SER A 61 -0.84 -21.29 7.61
C SER A 61 0.42 -21.46 6.77
N ASN A 62 0.94 -20.34 6.24
CA ASN A 62 2.14 -20.38 5.43
C ASN A 62 3.38 -20.58 6.29
N ASN A 63 3.17 -20.74 7.59
CA ASN A 63 4.27 -20.95 8.52
C ASN A 63 5.06 -19.65 8.73
N LYS A 64 4.56 -18.57 8.14
CA LYS A 64 5.21 -17.27 8.26
C LYS A 64 4.22 -16.21 8.72
N TYR A 65 4.69 -14.97 8.85
CA TYR A 65 3.85 -13.87 9.28
C TYR A 65 3.57 -12.92 8.13
N ALA A 66 2.63 -12.00 8.32
CA ALA A 66 2.26 -11.03 7.30
C ALA A 66 1.65 -9.78 7.92
N ALA A 67 1.86 -8.64 7.27
CA ALA A 67 1.33 -7.37 7.77
C ALA A 67 0.61 -6.61 6.66
N SER A 68 0.01 -5.48 7.02
CA SER A 68 -0.72 -4.67 6.06
C SER A 68 -1.01 -3.28 6.63
N SER A 69 -0.79 -2.25 5.81
CA SER A 69 -1.02 -0.88 6.24
C SER A 69 -2.00 -0.17 5.29
N TYR A 70 -2.84 0.68 5.85
CA TYR A 70 -3.82 1.41 5.07
C TYR A 70 -3.79 2.90 5.40
N LEU A 71 -3.55 3.72 4.39
CA LEU A 71 -3.48 5.17 4.57
C LEU A 71 -4.87 5.79 4.41
N SER A 72 -5.51 6.10 5.53
CA SER A 72 -6.84 6.71 5.51
C SER A 72 -6.74 8.22 5.37
N LEU A 73 -7.10 8.72 4.19
CA LEU A 73 -7.07 10.15 3.92
C LEU A 73 -8.09 10.54 2.85
N THR A 74 -8.19 11.83 2.57
CA THR A 74 -9.11 12.33 1.58
C THR A 74 -8.86 11.70 0.22
N PRO A 75 -9.92 11.57 -0.59
CA PRO A 75 -9.83 10.98 -1.93
C PRO A 75 -9.07 11.88 -2.91
N GLU A 76 -9.26 13.19 -2.77
CA GLU A 76 -8.59 14.15 -3.64
C GLU A 76 -7.10 13.92 -3.66
N GLN A 77 -6.53 13.59 -2.49
CA GLN A 77 -5.10 13.35 -2.37
C GLN A 77 -4.65 12.29 -3.37
N TRP A 78 -5.55 11.38 -3.73
CA TRP A 78 -5.24 10.32 -4.67
C TRP A 78 -4.80 10.90 -6.01
N LYS A 79 -5.69 11.68 -6.63
CA LYS A 79 -5.40 12.29 -7.92
C LYS A 79 -4.47 13.50 -7.76
N SER A 80 -4.48 14.07 -6.55
CA SER A 80 -3.65 15.24 -6.26
C SER A 80 -2.16 14.85 -6.25
N HIS A 81 -1.86 13.73 -5.61
CA HIS A 81 -0.49 13.24 -5.52
C HIS A 81 -0.01 12.69 -6.87
N ARG A 82 1.28 12.42 -6.97
CA ARG A 82 1.86 11.89 -8.19
C ARG A 82 1.87 10.36 -8.17
N SER A 83 2.11 9.80 -6.99
CA SER A 83 2.15 8.35 -6.83
C SER A 83 2.19 7.96 -5.35
N TYR A 84 1.98 6.68 -5.07
CA TYR A 84 1.99 6.19 -3.71
C TYR A 84 3.17 5.26 -3.47
N SER A 85 3.59 5.14 -2.21
CA SER A 85 4.71 4.28 -1.85
C SER A 85 4.54 3.70 -0.45
N CYS A 86 4.86 2.43 -0.29
CA CYS A 86 4.74 1.76 1.00
C CYS A 86 6.11 1.41 1.57
N GLN A 87 6.50 2.08 2.65
CA GLN A 87 7.78 1.83 3.28
C GLN A 87 7.67 0.74 4.34
N VAL A 88 8.52 -0.28 4.22
CA VAL A 88 8.52 -1.39 5.16
C VAL A 88 9.94 -1.77 5.57
N THR A 89 10.10 -2.13 6.84
CA THR A 89 11.41 -2.51 7.37
C THR A 89 11.71 -3.96 7.06
N HIS A 90 12.55 -4.19 6.06
CA HIS A 90 12.94 -5.55 5.67
C HIS A 90 14.38 -5.58 5.16
N GLU A 91 15.17 -6.49 5.71
CA GLU A 91 16.56 -6.62 5.32
C GLU A 91 17.29 -5.27 5.38
N GLY A 92 16.81 -4.40 6.27
CA GLY A 92 17.42 -3.09 6.42
C GLY A 92 17.34 -2.28 5.14
N SER A 93 16.33 -2.56 4.31
CA SER A 93 16.15 -1.85 3.06
C SER A 93 14.68 -1.47 2.86
N THR A 94 14.45 -0.39 2.12
CA THR A 94 13.10 0.08 1.86
C THR A 94 12.77 0.00 0.36
N VAL A 95 11.52 -0.30 0.05
CA VAL A 95 11.07 -0.40 -1.33
C VAL A 95 10.23 0.80 -1.72
N GLU A 96 10.23 1.14 -3.01
CA GLU A 96 9.46 2.27 -3.51
C GLU A 96 8.88 1.95 -4.89
N LYS A 97 7.64 2.38 -5.11
CA LYS A 97 6.96 2.14 -6.38
C LYS A 97 6.08 3.33 -6.74
N THR A 98 5.73 3.43 -8.03
CA THR A 98 4.88 4.51 -8.51
C THR A 98 3.51 4.00 -8.92
N VAL A 99 2.47 4.59 -8.32
CA VAL A 99 1.10 4.19 -8.63
C VAL A 99 0.28 5.37 -9.13
N ALA A 100 -0.90 5.10 -9.68
CA ALA A 100 -1.77 6.14 -10.19
C ALA A 100 -3.22 5.66 -10.25
N PRO A 101 -4.16 6.61 -10.18
CA PRO A 101 -5.59 6.30 -10.23
C PRO A 101 -6.05 5.82 -11.60
N THR A 102 -5.51 6.44 -12.64
CA THR A 102 -5.86 6.06 -14.01
C THR A 102 -4.70 5.36 -14.70
N GLU A 103 -5.01 4.49 -15.65
CA GLU A 103 -4.00 3.75 -16.39
C GLU A 103 -4.37 3.63 -17.86
N SER A 104 -3.52 2.95 -18.62
CA SER A 104 -3.77 2.76 -20.05
C SER A 104 -5.15 2.19 -20.30
N SER A 105 -6.06 3.04 -20.78
CA SER A 105 -7.43 2.62 -21.05
C SER A 105 -7.93 3.21 -22.37
N GLU A 106 -7.34 2.77 -23.47
CA GLU A 106 -7.72 3.26 -24.79
C GLU A 106 -8.61 2.25 -25.50
N ASN A 107 -9.44 2.75 -26.42
CA ASN A 107 -10.35 1.89 -27.17
C ASN A 107 -11.17 1.02 -26.24
N LEU A 108 -11.83 1.64 -25.28
CA LEU A 108 -12.67 0.93 -24.32
C LEU A 108 -13.95 0.44 -24.97
N TYR A 109 -14.74 -0.33 -24.23
CA TYR A 109 -16.00 -0.86 -24.73
C TYR A 109 -17.14 0.12 -24.49
N PHE A 110 -18.19 0.00 -25.29
CA PHE A 110 -19.35 0.88 -25.18
C PHE A 110 -20.59 0.09 -24.79
N GLN A 111 -21.73 0.78 -24.73
CA GLN A 111 -22.99 0.14 -24.39
C GLN A 111 -24.14 0.69 -25.23
N GLN A 1 11.36 -21.51 8.68
CA GLN A 1 11.70 -21.16 7.30
C GLN A 1 12.67 -20.00 7.25
N PRO A 2 13.35 -19.84 6.10
CA PRO A 2 14.33 -18.77 5.90
C PRO A 2 13.68 -17.40 5.80
N LYS A 3 14.47 -16.39 5.49
CA LYS A 3 13.97 -15.02 5.35
C LYS A 3 13.46 -14.76 3.95
N ALA A 4 12.26 -14.20 3.84
CA ALA A 4 11.66 -13.90 2.55
C ALA A 4 11.44 -12.39 2.39
N ALA A 5 11.48 -11.91 1.15
CA ALA A 5 11.27 -10.50 0.87
C ALA A 5 9.80 -10.20 0.61
N PRO A 6 9.33 -9.05 1.13
CA PRO A 6 7.94 -8.62 0.97
C PRO A 6 7.62 -8.23 -0.48
N SER A 7 6.35 -8.36 -0.84
CA SER A 7 5.91 -8.02 -2.19
C SER A 7 5.12 -6.71 -2.19
N VAL A 8 5.00 -6.10 -3.37
CA VAL A 8 4.26 -4.85 -3.51
C VAL A 8 2.86 -5.09 -4.04
N THR A 9 1.86 -4.82 -3.21
CA THR A 9 0.46 -5.01 -3.60
C THR A 9 -0.41 -3.87 -3.09
N LEU A 10 -0.94 -3.08 -4.01
CA LEU A 10 -1.81 -1.96 -3.64
C LEU A 10 -3.22 -2.14 -4.21
N PHE A 11 -4.18 -2.31 -3.32
CA PHE A 11 -5.57 -2.50 -3.72
C PHE A 11 -6.46 -1.38 -3.17
N PRO A 12 -6.53 -0.27 -3.92
CA PRO A 12 -7.34 0.89 -3.53
C PRO A 12 -8.83 0.61 -3.62
N PRO A 13 -9.64 1.53 -3.06
CA PRO A 13 -11.10 1.40 -3.06
C PRO A 13 -11.70 1.58 -4.45
N SER A 14 -13.02 1.56 -4.53
CA SER A 14 -13.72 1.72 -5.81
C SER A 14 -14.35 3.11 -5.91
N SER A 15 -14.94 3.40 -7.07
CA SER A 15 -15.58 4.68 -7.30
C SER A 15 -16.63 4.97 -6.23
N GLU A 16 -17.26 3.91 -5.74
CA GLU A 16 -18.29 4.04 -4.72
C GLU A 16 -17.75 4.78 -3.49
N GLU A 17 -16.47 4.57 -3.21
CA GLU A 17 -15.82 5.22 -2.07
C GLU A 17 -15.59 6.71 -2.35
N LEU A 18 -14.94 6.99 -3.47
CA LEU A 18 -14.64 8.37 -3.85
C LEU A 18 -15.92 9.21 -3.88
N GLN A 19 -17.01 8.60 -4.30
CA GLN A 19 -18.30 9.30 -4.36
C GLN A 19 -18.86 9.55 -2.97
N ALA A 20 -18.41 8.75 -2.00
CA ALA A 20 -18.86 8.89 -0.62
C ALA A 20 -17.93 9.80 0.17
N ASN A 21 -17.11 10.56 -0.55
CA ASN A 21 -16.18 11.49 0.09
C ASN A 21 -15.19 10.73 0.97
N LYS A 22 -14.95 9.47 0.64
CA LYS A 22 -14.03 8.63 1.41
C LYS A 22 -13.18 7.78 0.49
N ALA A 23 -12.03 7.33 0.98
CA ALA A 23 -11.13 6.49 0.20
C ALA A 23 -9.88 6.14 0.99
N THR A 24 -9.78 4.90 1.44
CA THR A 24 -8.63 4.43 2.21
C THR A 24 -7.87 3.34 1.46
N LEU A 25 -6.60 3.61 1.17
CA LEU A 25 -5.77 2.65 0.47
C LEU A 25 -5.01 1.76 1.45
N VAL A 26 -4.82 0.50 1.06
CA VAL A 26 -4.12 -0.46 1.91
C VAL A 26 -3.16 -1.32 1.09
N CYS A 27 -1.98 -1.55 1.63
CA CYS A 27 -0.97 -2.36 0.95
C CYS A 27 -0.82 -3.73 1.63
N LEU A 28 -0.87 -4.79 0.82
CA LEU A 28 -0.75 -6.14 1.34
C LEU A 28 0.72 -6.57 1.39
N ILE A 29 1.12 -7.18 2.49
CA ILE A 29 2.49 -7.65 2.65
C ILE A 29 2.54 -9.13 3.03
N SER A 30 2.85 -9.97 2.07
CA SER A 30 2.92 -11.41 2.30
C SER A 30 4.34 -11.93 2.07
N ASP A 31 4.68 -13.04 2.72
CA ASP A 31 5.99 -13.64 2.57
C ASP A 31 7.09 -12.59 2.75
N PHE A 32 7.31 -12.18 3.99
CA PHE A 32 8.32 -11.17 4.29
C PHE A 32 9.06 -11.51 5.58
N TYR A 33 9.84 -10.56 6.08
CA TYR A 33 10.60 -10.76 7.30
C TYR A 33 9.77 -11.50 8.34
N PRO A 34 10.47 -12.09 9.33
CA PRO A 34 9.82 -12.84 10.41
C PRO A 34 9.02 -11.94 11.36
N GLY A 35 7.92 -11.39 10.86
CA GLY A 35 7.10 -10.52 11.67
C GLY A 35 7.79 -9.20 12.01
N ALA A 36 8.86 -8.91 11.28
CA ALA A 36 9.62 -7.68 11.48
C ALA A 36 9.50 -6.75 10.28
N VAL A 37 8.71 -5.69 10.43
CA VAL A 37 8.51 -4.72 9.37
C VAL A 37 8.09 -3.36 9.92
N THR A 38 7.98 -2.38 9.03
CA THR A 38 7.57 -1.03 9.43
C THR A 38 6.46 -0.50 8.54
N VAL A 39 5.58 0.30 9.12
CA VAL A 39 4.46 0.88 8.38
C VAL A 39 4.74 2.33 8.01
N ALA A 40 4.91 2.59 6.72
CA ALA A 40 5.18 3.93 6.23
C ALA A 40 4.55 4.16 4.86
N TRP A 41 4.03 5.36 4.65
CA TRP A 41 3.40 5.71 3.38
C TRP A 41 3.90 7.06 2.87
N LYS A 42 3.97 7.19 1.55
CA LYS A 42 4.44 8.42 0.93
C LYS A 42 3.97 8.51 -0.52
N ALA A 43 3.82 9.74 -1.01
CA ALA A 43 3.38 9.96 -2.38
C ALA A 43 4.56 10.11 -3.32
N ASP A 44 4.60 9.28 -4.37
CA ASP A 44 5.68 9.32 -5.34
C ASP A 44 7.03 9.47 -4.64
N SER A 45 7.55 10.69 -4.62
CA SER A 45 8.83 10.97 -3.98
C SER A 45 8.64 11.73 -2.68
N SER A 46 7.62 12.58 -2.63
CA SER A 46 7.34 13.38 -1.45
C SER A 46 6.56 12.56 -0.42
N PRO A 47 6.77 12.88 0.87
CA PRO A 47 6.10 12.19 1.97
C PRO A 47 4.61 12.49 2.03
N VAL A 48 3.84 11.54 2.52
CA VAL A 48 2.39 11.70 2.63
C VAL A 48 1.98 11.92 4.08
N LYS A 49 0.74 12.38 4.28
CA LYS A 49 0.22 12.62 5.62
C LYS A 49 0.68 11.55 6.59
N ALA A 50 0.69 10.30 6.13
CA ALA A 50 1.11 9.18 6.95
C ALA A 50 0.13 8.92 8.08
N GLY A 51 -1.17 8.97 7.75
CA GLY A 51 -2.19 8.75 8.76
C GLY A 51 -2.50 7.28 8.95
N VAL A 52 -1.45 6.49 9.18
CA VAL A 52 -1.61 5.05 9.38
C VAL A 52 -1.41 4.68 10.86
N GLU A 53 -1.90 3.50 11.23
CA GLU A 53 -1.78 3.02 12.60
C GLU A 53 -2.06 1.53 12.70
N THR A 54 -1.11 0.73 12.23
CA THR A 54 -1.25 -0.72 12.27
C THR A 54 -0.45 -1.34 13.41
N THR A 55 -0.71 -2.62 13.69
CA THR A 55 -0.01 -3.31 14.76
C THR A 55 0.87 -4.42 14.20
N THR A 56 1.68 -5.02 15.08
CA THR A 56 2.57 -6.10 14.67
C THR A 56 1.83 -7.15 13.86
N PRO A 57 2.54 -7.76 12.89
CA PRO A 57 1.97 -8.79 12.02
C PRO A 57 1.69 -10.09 12.76
N SER A 58 1.23 -11.10 12.03
CA SER A 58 0.91 -12.40 12.63
C SER A 58 1.30 -13.53 11.69
N LYS A 59 1.43 -14.73 12.24
CA LYS A 59 1.79 -15.90 11.45
C LYS A 59 0.57 -16.50 10.77
N GLN A 60 0.78 -17.07 9.58
CA GLN A 60 -0.31 -17.68 8.82
C GLN A 60 -0.04 -19.16 8.58
N SER A 61 -0.89 -19.78 7.77
CA SER A 61 -0.76 -21.20 7.46
C SER A 61 0.46 -21.45 6.57
N ASN A 62 1.06 -20.36 6.10
CA ASN A 62 2.23 -20.46 5.23
C ASN A 62 3.51 -20.61 6.06
N ASN A 63 3.35 -20.78 7.37
CA ASN A 63 4.48 -20.94 8.26
C ASN A 63 5.28 -19.64 8.37
N LYS A 64 4.73 -18.58 7.81
CA LYS A 64 5.38 -17.27 7.84
C LYS A 64 4.43 -16.20 8.36
N TYR A 65 4.92 -14.96 8.41
CA TYR A 65 4.11 -13.85 8.89
C TYR A 65 3.72 -12.91 7.75
N ALA A 66 2.80 -12.00 8.03
CA ALA A 66 2.34 -11.05 7.02
C ALA A 66 1.81 -9.78 7.67
N ALA A 67 2.01 -8.65 7.00
CA ALA A 67 1.56 -7.36 7.52
C ALA A 67 0.82 -6.57 6.44
N SER A 68 0.24 -5.44 6.83
CA SER A 68 -0.50 -4.60 5.90
C SER A 68 -0.77 -3.23 6.51
N SER A 69 -0.52 -2.18 5.73
CA SER A 69 -0.73 -0.82 6.20
C SER A 69 -1.86 -0.14 5.41
N TYR A 70 -2.69 0.62 6.12
CA TYR A 70 -3.81 1.32 5.50
C TYR A 70 -3.78 2.81 5.83
N LEU A 71 -3.73 3.63 4.79
CA LEU A 71 -3.69 5.08 4.97
C LEU A 71 -5.05 5.70 4.65
N SER A 72 -5.80 6.03 5.71
CA SER A 72 -7.12 6.63 5.54
C SER A 72 -7.01 8.12 5.30
N LEU A 73 -7.37 8.56 4.10
CA LEU A 73 -7.32 9.97 3.74
C LEU A 73 -8.44 10.33 2.77
N THR A 74 -8.58 11.62 2.50
CA THR A 74 -9.61 12.09 1.58
C THR A 74 -9.48 11.44 0.21
N PRO A 75 -10.61 11.29 -0.49
CA PRO A 75 -10.64 10.68 -1.83
C PRO A 75 -9.99 11.56 -2.88
N GLU A 76 -10.21 12.87 -2.76
CA GLU A 76 -9.65 13.83 -3.72
C GLU A 76 -8.13 13.65 -3.83
N GLN A 77 -7.51 13.22 -2.75
CA GLN A 77 -6.07 13.01 -2.72
C GLN A 77 -5.66 11.94 -3.73
N TRP A 78 -6.56 10.99 -3.97
CA TRP A 78 -6.29 9.92 -4.92
C TRP A 78 -6.01 10.46 -6.31
N LYS A 79 -6.97 11.22 -6.85
CA LYS A 79 -6.83 11.80 -8.18
C LYS A 79 -5.94 13.04 -8.13
N SER A 80 -5.79 13.61 -6.95
CA SER A 80 -4.96 14.81 -6.77
C SER A 80 -3.47 14.45 -6.77
N HIS A 81 -3.13 13.39 -6.03
CA HIS A 81 -1.74 12.94 -5.94
C HIS A 81 -1.33 12.21 -7.23
N ARG A 82 -0.03 12.08 -7.43
CA ARG A 82 0.49 11.40 -8.61
C ARG A 82 0.45 9.88 -8.43
N SER A 83 1.18 9.39 -7.45
CA SER A 83 1.23 7.96 -7.17
C SER A 83 1.54 7.70 -5.69
N TYR A 84 1.10 6.54 -5.20
CA TYR A 84 1.32 6.17 -3.81
C TYR A 84 2.50 5.21 -3.68
N SER A 85 3.02 5.09 -2.47
CA SER A 85 4.15 4.20 -2.21
C SER A 85 4.09 3.66 -0.77
N CYS A 86 4.33 2.35 -0.65
CA CYS A 86 4.31 1.70 0.66
C CYS A 86 5.72 1.34 1.11
N GLN A 87 6.20 2.02 2.15
CA GLN A 87 7.54 1.77 2.67
C GLN A 87 7.50 0.70 3.75
N VAL A 88 8.35 -0.31 3.60
CA VAL A 88 8.42 -1.41 4.56
C VAL A 88 9.87 -1.75 4.91
N THR A 89 10.11 -2.07 6.17
CA THR A 89 11.46 -2.42 6.63
C THR A 89 11.76 -3.88 6.35
N HIS A 90 12.55 -4.13 5.31
CA HIS A 90 12.93 -5.49 4.95
C HIS A 90 14.34 -5.54 4.38
N GLU A 91 15.20 -6.33 5.01
CA GLU A 91 16.58 -6.45 4.58
C GLU A 91 17.24 -5.08 4.44
N GLY A 92 16.79 -4.14 5.26
CA GLY A 92 17.35 -2.79 5.22
C GLY A 92 17.15 -2.13 3.89
N SER A 93 16.10 -2.53 3.17
CA SER A 93 15.81 -1.97 1.86
C SER A 93 14.33 -1.55 1.77
N THR A 94 14.07 -0.49 1.01
CA THR A 94 12.72 0.01 0.85
C THR A 94 12.26 -0.12 -0.60
N VAL A 95 10.98 -0.43 -0.78
CA VAL A 95 10.41 -0.57 -2.12
C VAL A 95 9.55 0.63 -2.49
N GLU A 96 9.44 0.89 -3.79
CA GLU A 96 8.64 2.01 -4.28
C GLU A 96 7.90 1.63 -5.56
N LYS A 97 6.66 2.11 -5.68
CA LYS A 97 5.85 1.83 -6.87
C LYS A 97 4.95 3.01 -7.20
N THR A 98 4.46 3.04 -8.43
CA THR A 98 3.59 4.12 -8.88
C THR A 98 2.15 3.63 -9.04
N VAL A 99 1.23 4.25 -8.30
CA VAL A 99 -0.18 3.88 -8.36
C VAL A 99 -1.01 5.01 -8.95
N ALA A 100 -2.23 4.67 -9.40
CA ALA A 100 -3.13 5.65 -9.98
C ALA A 100 -4.55 5.12 -10.03
N PRO A 101 -5.53 6.05 -10.04
CA PRO A 101 -6.95 5.69 -10.09
C PRO A 101 -7.36 5.12 -11.43
N THR A 102 -6.82 5.69 -12.51
CA THR A 102 -7.12 5.24 -13.86
C THR A 102 -6.04 5.64 -14.84
N GLU A 103 -4.81 5.76 -14.33
CA GLU A 103 -3.67 6.14 -15.16
C GLU A 103 -2.68 4.99 -15.29
N SER A 104 -3.01 4.02 -16.13
CA SER A 104 -2.15 2.86 -16.33
C SER A 104 -2.57 2.09 -17.59
N SER A 105 -1.68 1.22 -18.06
CA SER A 105 -1.96 0.42 -19.25
C SER A 105 -2.71 -0.85 -18.89
N GLU A 106 -3.91 -0.69 -18.37
CA GLU A 106 -4.74 -1.82 -17.98
C GLU A 106 -5.97 -1.94 -18.87
N ASN A 107 -6.65 -0.82 -19.07
CA ASN A 107 -7.85 -0.79 -19.91
C ASN A 107 -8.06 0.60 -20.50
N LEU A 108 -8.04 0.67 -21.84
CA LEU A 108 -8.23 1.94 -22.53
C LEU A 108 -9.44 1.88 -23.44
N TYR A 109 -10.02 3.04 -23.74
CA TYR A 109 -11.20 3.12 -24.60
C TYR A 109 -10.78 3.27 -26.07
N PHE A 110 -11.74 3.09 -26.97
CA PHE A 110 -11.48 3.21 -28.40
C PHE A 110 -12.21 4.41 -28.98
N GLN A 111 -13.28 4.83 -28.31
CA GLN A 111 -14.06 5.97 -28.77
C GLN A 111 -13.42 7.29 -28.34
N GLN A 1 11.75 -21.63 10.10
CA GLN A 1 12.19 -21.30 8.75
C GLN A 1 13.11 -20.09 8.75
N PRO A 2 13.89 -19.93 7.67
CA PRO A 2 14.82 -18.80 7.53
C PRO A 2 14.11 -17.48 7.33
N LYS A 3 14.88 -16.44 7.02
CA LYS A 3 14.32 -15.10 6.81
C LYS A 3 13.79 -14.96 5.40
N ALA A 4 12.65 -14.29 5.25
CA ALA A 4 12.04 -14.08 3.95
C ALA A 4 11.77 -12.60 3.70
N ALA A 5 11.77 -12.21 2.43
CA ALA A 5 11.53 -10.82 2.06
C ALA A 5 10.04 -10.57 1.84
N PRO A 6 9.56 -9.39 2.29
CA PRO A 6 8.16 -9.00 2.15
C PRO A 6 7.78 -8.71 0.71
N SER A 7 6.54 -9.05 0.33
CA SER A 7 6.07 -8.82 -1.02
C SER A 7 5.34 -7.48 -1.12
N VAL A 8 5.28 -6.93 -2.33
CA VAL A 8 4.61 -5.66 -2.56
C VAL A 8 3.32 -5.84 -3.34
N THR A 9 2.19 -5.56 -2.69
CA THR A 9 0.89 -5.71 -3.31
C THR A 9 -0.04 -4.56 -2.93
N LEU A 10 -0.39 -3.73 -3.91
CA LEU A 10 -1.27 -2.58 -3.66
C LEU A 10 -2.63 -2.81 -4.32
N PHE A 11 -3.66 -2.92 -3.50
CA PHE A 11 -5.02 -3.14 -4.00
C PHE A 11 -5.95 -2.01 -3.55
N PRO A 12 -5.95 -0.91 -4.31
CA PRO A 12 -6.78 0.26 -4.01
C PRO A 12 -8.27 -0.01 -4.23
N PRO A 13 -9.12 0.87 -3.70
CA PRO A 13 -10.58 0.74 -3.83
C PRO A 13 -11.05 1.00 -5.25
N SER A 14 -12.37 0.99 -5.44
CA SER A 14 -12.96 1.22 -6.76
C SER A 14 -13.58 2.61 -6.85
N SER A 15 -14.13 2.93 -8.02
CA SER A 15 -14.75 4.23 -8.23
C SER A 15 -15.88 4.47 -7.23
N GLU A 16 -16.55 3.40 -6.84
CA GLU A 16 -17.65 3.50 -5.88
C GLU A 16 -17.19 4.16 -4.59
N GLU A 17 -15.94 3.91 -4.21
CA GLU A 17 -15.38 4.49 -2.99
C GLU A 17 -15.15 5.98 -3.16
N LEU A 18 -14.42 6.34 -4.21
CA LEU A 18 -14.12 7.75 -4.49
C LEU A 18 -15.40 8.58 -4.54
N GLN A 19 -16.46 7.99 -5.10
CA GLN A 19 -17.74 8.68 -5.23
C GLN A 19 -18.36 8.89 -3.85
N ALA A 20 -17.97 8.06 -2.90
CA ALA A 20 -18.50 8.17 -1.53
C ALA A 20 -17.63 9.06 -0.67
N ASN A 21 -16.75 9.83 -1.32
CA ASN A 21 -15.85 10.73 -0.61
C ASN A 21 -14.93 9.96 0.33
N LYS A 22 -14.67 8.70 -0.02
CA LYS A 22 -13.80 7.85 0.78
C LYS A 22 -12.92 6.97 -0.10
N ALA A 23 -11.70 6.72 0.35
CA ALA A 23 -10.76 5.88 -0.41
C ALA A 23 -9.46 5.69 0.37
N THR A 24 -9.20 4.45 0.78
CA THR A 24 -8.00 4.12 1.52
C THR A 24 -7.27 2.94 0.90
N LEU A 25 -5.97 3.12 0.68
CA LEU A 25 -5.14 2.06 0.09
C LEU A 25 -4.47 1.22 1.17
N VAL A 26 -4.29 -0.06 0.89
CA VAL A 26 -3.65 -0.97 1.84
C VAL A 26 -2.69 -1.91 1.13
N CYS A 27 -1.52 -2.12 1.72
CA CYS A 27 -0.51 -2.99 1.16
C CYS A 27 -0.42 -4.31 1.93
N LEU A 28 -0.45 -5.42 1.22
CA LEU A 28 -0.37 -6.74 1.84
C LEU A 28 1.08 -7.11 2.13
N ILE A 29 1.32 -7.66 3.32
CA ILE A 29 2.65 -8.07 3.72
C ILE A 29 2.68 -9.53 4.15
N SER A 30 3.35 -10.37 3.38
CA SER A 30 3.43 -11.79 3.68
C SER A 30 4.87 -12.29 3.52
N ASP A 31 5.20 -13.35 4.24
CA ASP A 31 6.54 -13.93 4.18
C ASP A 31 7.61 -12.85 4.32
N PHE A 32 7.71 -12.28 5.51
CA PHE A 32 8.70 -11.23 5.76
C PHE A 32 9.44 -11.48 7.07
N TYR A 33 10.18 -10.48 7.53
CA TYR A 33 10.95 -10.60 8.76
C TYR A 33 10.13 -11.30 9.84
N PRO A 34 10.83 -11.82 10.87
CA PRO A 34 10.18 -12.52 11.99
C PRO A 34 9.37 -11.58 12.87
N GLY A 35 8.25 -11.10 12.34
CA GLY A 35 7.40 -10.20 13.09
C GLY A 35 8.04 -8.85 13.32
N ALA A 36 9.15 -8.60 12.64
CA ALA A 36 9.86 -7.33 12.77
C ALA A 36 9.81 -6.53 11.47
N VAL A 37 8.99 -5.49 11.46
CA VAL A 37 8.84 -4.66 10.28
C VAL A 37 8.36 -3.25 10.65
N THR A 38 8.32 -2.36 9.66
CA THR A 38 7.88 -0.99 9.89
C THR A 38 6.79 -0.59 8.91
N VAL A 39 5.93 0.33 9.32
CA VAL A 39 4.85 0.80 8.47
C VAL A 39 5.06 2.26 8.06
N ALA A 40 5.25 2.48 6.77
CA ALA A 40 5.47 3.82 6.25
C ALA A 40 4.84 3.98 4.87
N TRP A 41 4.26 5.15 4.61
CA TRP A 41 3.64 5.44 3.33
C TRP A 41 4.09 6.78 2.78
N LYS A 42 4.11 6.90 1.46
CA LYS A 42 4.52 8.14 0.81
C LYS A 42 4.03 8.19 -0.63
N ALA A 43 3.75 9.40 -1.12
CA ALA A 43 3.28 9.58 -2.48
C ALA A 43 4.44 9.72 -3.46
N ASP A 44 4.52 8.81 -4.43
CA ASP A 44 5.58 8.83 -5.42
C ASP A 44 6.93 9.09 -4.76
N SER A 45 7.36 10.35 -4.79
CA SER A 45 8.63 10.74 -4.20
C SER A 45 8.42 11.52 -2.90
N SER A 46 7.34 12.29 -2.86
CA SER A 46 7.02 13.09 -1.67
C SER A 46 6.35 12.23 -0.60
N PRO A 47 6.62 12.56 0.67
CA PRO A 47 6.05 11.84 1.82
C PRO A 47 4.55 12.06 1.96
N VAL A 48 3.88 11.13 2.61
CA VAL A 48 2.44 11.21 2.82
C VAL A 48 2.10 11.33 4.30
N LYS A 49 0.87 11.73 4.59
CA LYS A 49 0.42 11.89 5.96
C LYS A 49 1.02 10.81 6.86
N ALA A 50 1.01 9.57 6.38
CA ALA A 50 1.56 8.45 7.13
C ALA A 50 0.72 8.17 8.38
N GLY A 51 -0.59 8.34 8.26
CA GLY A 51 -1.48 8.10 9.38
C GLY A 51 -2.02 6.69 9.40
N VAL A 52 -1.13 5.70 9.37
CA VAL A 52 -1.52 4.30 9.37
C VAL A 52 -1.51 3.73 10.79
N GLU A 53 -2.69 3.40 11.30
CA GLU A 53 -2.81 2.85 12.65
C GLU A 53 -2.66 1.33 12.63
N THR A 54 -1.44 0.87 12.36
CA THR A 54 -1.15 -0.56 12.31
C THR A 54 -0.60 -1.06 13.65
N THR A 55 -0.53 -2.37 13.80
CA THR A 55 -0.03 -2.98 15.03
C THR A 55 0.91 -4.13 14.72
N THR A 56 1.59 -4.63 15.76
CA THR A 56 2.52 -5.74 15.61
C THR A 56 1.89 -6.90 14.85
N PRO A 57 2.67 -7.53 13.97
CA PRO A 57 2.21 -8.67 13.18
C PRO A 57 1.97 -9.92 14.02
N SER A 58 1.55 -10.99 13.37
CA SER A 58 1.27 -12.25 14.06
C SER A 58 1.70 -13.44 13.22
N LYS A 59 1.86 -14.60 13.87
CA LYS A 59 2.27 -15.81 13.17
C LYS A 59 1.08 -16.51 12.54
N GLN A 60 1.29 -17.09 11.37
CA GLN A 60 0.22 -17.80 10.66
C GLN A 60 0.58 -19.27 10.46
N SER A 61 -0.30 -20.00 9.79
CA SER A 61 -0.10 -21.42 9.54
C SER A 61 1.11 -21.63 8.62
N ASN A 62 1.58 -20.55 8.02
CA ASN A 62 2.72 -20.62 7.11
C ASN A 62 4.03 -20.73 7.90
N ASN A 63 3.92 -20.84 9.22
CA ASN A 63 5.08 -20.96 10.08
C ASN A 63 5.84 -19.64 10.15
N LYS A 64 5.28 -18.60 9.54
CA LYS A 64 5.90 -17.29 9.52
C LYS A 64 4.91 -16.22 10.00
N TYR A 65 5.36 -14.97 10.00
CA TYR A 65 4.51 -13.86 10.44
C TYR A 65 4.12 -12.98 9.25
N ALA A 66 3.12 -12.13 9.47
CA ALA A 66 2.65 -11.23 8.42
C ALA A 66 2.00 -9.98 9.01
N ALA A 67 2.11 -8.87 8.30
CA ALA A 67 1.53 -7.62 8.75
C ALA A 67 0.74 -6.93 7.63
N SER A 68 0.16 -5.78 7.94
CA SER A 68 -0.62 -5.03 6.96
C SER A 68 -0.63 -3.54 7.30
N SER A 69 -0.74 -2.71 6.27
CA SER A 69 -0.75 -1.26 6.45
C SER A 69 -1.72 -0.60 5.47
N TYR A 70 -2.55 0.29 5.99
CA TYR A 70 -3.53 0.99 5.17
C TYR A 70 -3.48 2.49 5.44
N LEU A 71 -3.34 3.27 4.36
CA LEU A 71 -3.28 4.72 4.48
C LEU A 71 -4.67 5.34 4.34
N SER A 72 -5.27 5.69 5.48
CA SER A 72 -6.60 6.29 5.49
C SER A 72 -6.52 7.79 5.22
N LEU A 73 -6.97 8.19 4.04
CA LEU A 73 -6.97 9.60 3.65
C LEU A 73 -8.07 9.90 2.65
N THR A 74 -8.20 11.17 2.29
CA THR A 74 -9.22 11.59 1.34
C THR A 74 -9.01 10.93 -0.03
N PRO A 75 -10.11 10.74 -0.77
CA PRO A 75 -10.08 10.12 -2.09
C PRO A 75 -9.42 11.02 -3.13
N GLU A 76 -9.70 12.32 -3.05
CA GLU A 76 -9.14 13.28 -3.99
C GLU A 76 -7.61 13.17 -4.04
N GLN A 77 -7.03 12.77 -2.91
CA GLN A 77 -5.57 12.62 -2.82
C GLN A 77 -5.08 11.52 -3.74
N TRP A 78 -5.91 10.50 -3.92
CA TRP A 78 -5.56 9.36 -4.78
C TRP A 78 -5.24 9.84 -6.20
N LYS A 79 -6.21 10.50 -6.82
CA LYS A 79 -6.03 11.01 -8.17
C LYS A 79 -5.13 12.23 -8.19
N SER A 80 -5.22 13.04 -7.15
CA SER A 80 -4.42 14.25 -7.03
C SER A 80 -2.93 13.91 -7.01
N HIS A 81 -2.58 12.87 -6.24
CA HIS A 81 -1.19 12.44 -6.13
C HIS A 81 -0.72 11.77 -7.42
N ARG A 82 0.60 11.65 -7.57
CA ARG A 82 1.17 11.03 -8.75
C ARG A 82 1.18 9.51 -8.63
N SER A 83 1.43 9.02 -7.42
CA SER A 83 1.46 7.59 -7.17
C SER A 83 1.62 7.29 -5.68
N TYR A 84 1.46 6.03 -5.31
CA TYR A 84 1.58 5.63 -3.92
C TYR A 84 2.77 4.70 -3.72
N SER A 85 3.25 4.61 -2.49
CA SER A 85 4.39 3.75 -2.16
C SER A 85 4.29 3.21 -0.74
N CYS A 86 4.63 1.94 -0.57
CA CYS A 86 4.57 1.31 0.74
C CYS A 86 5.97 0.97 1.25
N GLN A 87 6.42 1.70 2.26
CA GLN A 87 7.74 1.49 2.84
C GLN A 87 7.68 0.46 3.96
N VAL A 88 8.54 -0.55 3.89
CA VAL A 88 8.59 -1.59 4.89
C VAL A 88 10.03 -1.93 5.28
N THR A 89 10.25 -2.21 6.55
CA THR A 89 11.58 -2.54 7.05
C THR A 89 11.89 -4.01 6.83
N HIS A 90 12.80 -4.29 5.90
CA HIS A 90 13.19 -5.66 5.60
C HIS A 90 14.62 -5.72 5.05
N GLU A 91 15.49 -6.46 5.72
CA GLU A 91 16.88 -6.58 5.29
C GLU A 91 17.54 -5.21 5.20
N GLY A 92 17.07 -4.28 6.01
CA GLY A 92 17.64 -2.95 6.00
C GLY A 92 17.47 -2.26 4.67
N SER A 93 16.45 -2.65 3.93
CA SER A 93 16.19 -2.06 2.61
C SER A 93 14.71 -1.69 2.47
N THR A 94 14.45 -0.67 1.66
CA THR A 94 13.09 -0.20 1.44
C THR A 94 12.68 -0.36 -0.02
N VAL A 95 11.41 -0.68 -0.24
CA VAL A 95 10.90 -0.88 -1.60
C VAL A 95 10.02 0.31 -2.01
N GLU A 96 9.99 0.58 -3.32
CA GLU A 96 9.19 1.68 -3.84
C GLU A 96 8.54 1.30 -5.17
N LYS A 97 7.32 1.77 -5.38
CA LYS A 97 6.60 1.47 -6.61
C LYS A 97 5.66 2.62 -6.98
N THR A 98 5.25 2.67 -8.24
CA THR A 98 4.34 3.71 -8.71
C THR A 98 2.96 3.15 -9.00
N VAL A 99 1.94 3.72 -8.36
CA VAL A 99 0.57 3.27 -8.55
C VAL A 99 -0.30 4.38 -9.14
N ALA A 100 -1.43 4.00 -9.70
CA ALA A 100 -2.36 4.97 -10.29
C ALA A 100 -3.78 4.43 -10.31
N PRO A 101 -4.76 5.35 -10.28
CA PRO A 101 -6.18 4.98 -10.30
C PRO A 101 -6.63 4.41 -11.64
N THR A 102 -6.26 5.11 -12.72
CA THR A 102 -6.62 4.67 -14.05
C THR A 102 -5.57 5.10 -15.07
N GLU A 103 -5.55 4.41 -16.21
CA GLU A 103 -4.58 4.73 -17.27
C GLU A 103 -5.29 5.32 -18.48
N SER A 104 -4.52 5.57 -19.54
CA SER A 104 -5.07 6.15 -20.77
C SER A 104 -6.13 5.24 -21.36
N SER A 105 -6.54 5.55 -22.59
CA SER A 105 -7.56 4.76 -23.27
C SER A 105 -8.81 4.63 -22.42
N GLU A 106 -9.09 5.66 -21.63
CA GLU A 106 -10.26 5.67 -20.75
C GLU A 106 -11.54 5.51 -21.57
N ASN A 107 -11.93 6.57 -22.28
CA ASN A 107 -13.13 6.54 -23.10
C ASN A 107 -12.85 7.09 -24.50
N LEU A 108 -13.53 6.53 -25.49
CA LEU A 108 -13.35 6.95 -26.87
C LEU A 108 -14.69 7.33 -27.50
N TYR A 109 -14.66 7.67 -28.78
CA TYR A 109 -15.87 8.04 -29.50
C TYR A 109 -16.55 6.82 -30.09
N PHE A 110 -16.86 5.85 -29.24
CA PHE A 110 -17.52 4.63 -29.68
C PHE A 110 -18.82 4.41 -28.91
N GLN A 111 -19.71 5.40 -28.98
CA GLN A 111 -20.99 5.32 -28.30
C GLN A 111 -21.73 4.03 -28.67
N GLN A 1 11.28 -21.72 9.72
CA GLN A 1 11.74 -21.37 8.38
C GLN A 1 12.70 -20.18 8.42
N PRO A 2 13.48 -20.02 7.34
CA PRO A 2 14.45 -18.93 7.24
C PRO A 2 13.79 -17.57 7.08
N LYS A 3 14.60 -16.54 6.87
CA LYS A 3 14.10 -15.18 6.69
C LYS A 3 13.66 -14.94 5.25
N ALA A 4 12.48 -14.37 5.08
CA ALA A 4 11.96 -14.07 3.75
C ALA A 4 11.72 -12.58 3.57
N ALA A 5 11.86 -12.12 2.34
CA ALA A 5 11.65 -10.70 2.02
C ALA A 5 10.20 -10.43 1.66
N PRO A 6 9.69 -9.27 2.11
CA PRO A 6 8.31 -8.87 1.83
C PRO A 6 8.08 -8.50 0.37
N SER A 7 6.85 -8.66 -0.09
CA SER A 7 6.50 -8.35 -1.48
C SER A 7 5.75 -7.03 -1.57
N VAL A 8 5.72 -6.47 -2.77
CA VAL A 8 5.03 -5.20 -3.00
C VAL A 8 3.67 -5.42 -3.66
N THR A 9 2.61 -5.10 -2.92
CA THR A 9 1.25 -5.27 -3.43
C THR A 9 0.37 -4.10 -3.02
N LEU A 10 -0.17 -3.40 -4.02
CA LEU A 10 -1.03 -2.25 -3.76
C LEU A 10 -2.39 -2.43 -4.45
N PHE A 11 -3.45 -2.43 -3.66
CA PHE A 11 -4.81 -2.59 -4.18
C PHE A 11 -5.70 -1.43 -3.76
N PRO A 12 -5.67 -0.34 -4.54
CA PRO A 12 -6.46 0.86 -4.27
C PRO A 12 -7.96 0.63 -4.49
N PRO A 13 -8.78 1.57 -4.01
CA PRO A 13 -10.24 1.48 -4.14
C PRO A 13 -10.70 1.68 -5.57
N SER A 14 -12.02 1.67 -5.78
CA SER A 14 -12.59 1.84 -7.11
C SER A 14 -13.20 3.23 -7.26
N SER A 15 -13.75 3.50 -8.44
CA SER A 15 -14.36 4.79 -8.72
C SER A 15 -15.52 5.05 -7.75
N GLU A 16 -16.18 3.99 -7.32
CA GLU A 16 -17.30 4.10 -6.40
C GLU A 16 -16.88 4.83 -5.12
N GLU A 17 -15.66 4.57 -4.68
CA GLU A 17 -15.14 5.20 -3.47
C GLU A 17 -14.84 6.67 -3.70
N LEU A 18 -14.09 6.95 -4.77
CA LEU A 18 -13.72 8.33 -5.11
C LEU A 18 -14.96 9.20 -5.22
N GLN A 19 -16.00 8.68 -5.86
CA GLN A 19 -17.25 9.41 -6.04
C GLN A 19 -17.95 9.61 -4.70
N ALA A 20 -17.65 8.75 -3.74
CA ALA A 20 -18.25 8.84 -2.42
C ALA A 20 -17.39 9.69 -1.48
N ASN A 21 -16.47 10.44 -2.06
CA ASN A 21 -15.59 11.31 -1.27
C ASN A 21 -14.73 10.48 -0.32
N LYS A 22 -14.48 9.24 -0.69
CA LYS A 22 -13.66 8.34 0.13
C LYS A 22 -12.69 7.55 -0.74
N ALA A 23 -11.62 7.06 -0.11
CA ALA A 23 -10.62 6.28 -0.83
C ALA A 23 -9.40 6.00 0.06
N THR A 24 -9.16 4.73 0.35
CA THR A 24 -8.05 4.32 1.18
C THR A 24 -7.21 3.25 0.51
N LEU A 25 -5.91 3.51 0.38
CA LEU A 25 -5.00 2.56 -0.25
C LEU A 25 -4.31 1.69 0.79
N VAL A 26 -4.41 0.37 0.62
CA VAL A 26 -3.80 -0.57 1.54
C VAL A 26 -2.77 -1.46 0.83
N CYS A 27 -1.64 -1.69 1.49
CA CYS A 27 -0.59 -2.51 0.92
C CYS A 27 -0.53 -3.87 1.61
N LEU A 28 -0.55 -4.94 0.82
CA LEU A 28 -0.49 -6.29 1.34
C LEU A 28 0.94 -6.72 1.62
N ILE A 29 1.17 -7.33 2.77
CA ILE A 29 2.50 -7.79 3.16
C ILE A 29 2.47 -9.27 3.53
N SER A 30 3.15 -10.09 2.73
CA SER A 30 3.21 -11.52 3.00
C SER A 30 4.64 -12.05 2.84
N ASP A 31 4.93 -13.16 3.51
CA ASP A 31 6.26 -13.76 3.45
C ASP A 31 7.34 -12.71 3.68
N PHE A 32 7.47 -12.27 4.93
CA PHE A 32 8.47 -11.27 5.29
C PHE A 32 9.12 -11.60 6.63
N TYR A 33 9.86 -10.64 7.17
CA TYR A 33 10.54 -10.82 8.45
C TYR A 33 9.65 -11.57 9.44
N PRO A 34 10.27 -12.15 10.47
CA PRO A 34 9.55 -12.90 11.51
C PRO A 34 8.71 -11.99 12.39
N GLY A 35 7.63 -11.46 11.84
CA GLY A 35 6.76 -10.57 12.59
C GLY A 35 7.42 -9.25 12.93
N ALA A 36 8.54 -8.96 12.27
CA ALA A 36 9.26 -7.72 12.50
C ALA A 36 9.22 -6.82 11.27
N VAL A 37 8.43 -5.77 11.33
CA VAL A 37 8.29 -4.83 10.23
C VAL A 37 7.83 -3.47 10.71
N THR A 38 7.78 -2.50 9.80
CA THR A 38 7.35 -1.15 10.13
C THR A 38 6.31 -0.64 9.13
N VAL A 39 5.36 0.14 9.63
CA VAL A 39 4.30 0.69 8.79
C VAL A 39 4.60 2.13 8.40
N ALA A 40 4.85 2.35 7.12
CA ALA A 40 5.15 3.69 6.62
C ALA A 40 4.59 3.89 5.22
N TRP A 41 4.04 5.08 4.97
CA TRP A 41 3.46 5.41 3.68
C TRP A 41 3.96 6.75 3.17
N LYS A 42 4.09 6.88 1.86
CA LYS A 42 4.55 8.11 1.25
C LYS A 42 4.14 8.19 -0.22
N ALA A 43 3.91 9.40 -0.71
CA ALA A 43 3.51 9.61 -2.10
C ALA A 43 4.73 9.67 -3.00
N ASP A 44 4.79 8.76 -3.97
CA ASP A 44 5.91 8.72 -4.91
C ASP A 44 7.24 8.90 -4.18
N SER A 45 7.75 10.13 -4.23
CA SER A 45 9.03 10.44 -3.57
C SER A 45 8.80 11.27 -2.31
N SER A 46 7.77 12.11 -2.33
CA SER A 46 7.45 12.95 -1.19
C SER A 46 6.66 12.17 -0.14
N PRO A 47 6.84 12.54 1.14
CA PRO A 47 6.15 11.90 2.26
C PRO A 47 4.66 12.20 2.27
N VAL A 48 3.88 11.24 2.76
CA VAL A 48 2.43 11.41 2.85
C VAL A 48 1.98 11.67 4.27
N LYS A 49 0.76 12.15 4.42
CA LYS A 49 0.20 12.44 5.75
C LYS A 49 0.60 11.37 6.75
N ALA A 50 0.61 10.12 6.30
CA ALA A 50 0.97 9.01 7.16
C ALA A 50 -0.07 8.77 8.25
N GLY A 51 -1.34 8.79 7.85
CA GLY A 51 -2.42 8.59 8.80
C GLY A 51 -2.78 7.12 8.97
N VAL A 52 -1.77 6.29 9.22
CA VAL A 52 -1.99 4.86 9.40
C VAL A 52 -1.84 4.46 10.86
N GLU A 53 -2.61 3.46 11.29
CA GLU A 53 -2.55 2.98 12.66
C GLU A 53 -2.78 1.47 12.72
N THR A 54 -1.79 0.72 12.25
CA THR A 54 -1.87 -0.75 12.24
C THR A 54 -1.17 -1.33 13.46
N THR A 55 -1.40 -2.62 13.69
CA THR A 55 -0.79 -3.30 14.83
C THR A 55 0.17 -4.40 14.36
N THR A 56 0.92 -4.96 15.29
CA THR A 56 1.88 -6.01 14.99
C THR A 56 1.24 -7.09 14.12
N PRO A 57 2.07 -7.74 13.28
CA PRO A 57 1.61 -8.80 12.38
C PRO A 57 1.22 -10.07 13.14
N SER A 58 0.70 -11.04 12.41
CA SER A 58 0.28 -12.31 13.01
C SER A 58 0.77 -13.50 12.18
N LYS A 59 0.90 -14.65 12.82
CA LYS A 59 1.36 -15.86 12.15
C LYS A 59 0.22 -16.52 11.38
N GLN A 60 0.54 -17.06 10.21
CA GLN A 60 -0.46 -17.73 9.37
C GLN A 60 -0.10 -19.19 9.16
N SER A 61 -0.91 -19.89 8.37
CA SER A 61 -0.68 -21.30 8.09
C SER A 61 0.58 -21.49 7.27
N ASN A 62 1.13 -20.38 6.77
CA ASN A 62 2.35 -20.44 5.97
C ASN A 62 3.58 -20.58 6.87
N ASN A 63 3.35 -20.73 8.17
CA ASN A 63 4.43 -20.89 9.12
C ASN A 63 5.19 -19.58 9.31
N LYS A 64 4.67 -18.51 8.69
CA LYS A 64 5.29 -17.20 8.79
C LYS A 64 4.28 -16.14 9.23
N TYR A 65 4.73 -14.90 9.31
CA TYR A 65 3.86 -13.81 9.73
C TYR A 65 3.52 -12.90 8.55
N ALA A 66 2.58 -11.99 8.76
CA ALA A 66 2.16 -11.06 7.72
C ALA A 66 1.58 -9.79 8.32
N ALA A 67 1.79 -8.67 7.62
CA ALA A 67 1.28 -7.38 8.09
C ALA A 67 0.54 -6.66 6.98
N SER A 68 0.04 -5.46 7.29
CA SER A 68 -0.70 -4.66 6.31
C SER A 68 -0.87 -3.22 6.80
N SER A 69 -0.93 -2.30 5.85
CA SER A 69 -1.08 -0.88 6.19
C SER A 69 -1.98 -0.18 5.18
N TYR A 70 -2.91 0.63 5.69
CA TYR A 70 -3.84 1.35 4.84
C TYR A 70 -3.81 2.85 5.15
N LEU A 71 -3.54 3.65 4.13
CA LEU A 71 -3.47 5.09 4.28
C LEU A 71 -4.85 5.72 4.08
N SER A 72 -5.51 6.05 5.19
CA SER A 72 -6.84 6.65 5.15
C SER A 72 -6.74 8.16 4.90
N LEU A 73 -7.11 8.58 3.69
CA LEU A 73 -7.07 9.98 3.33
C LEU A 73 -8.11 10.31 2.27
N THR A 74 -8.21 11.58 1.91
CA THR A 74 -9.18 12.03 0.91
C THR A 74 -8.89 11.37 -0.45
N PRO A 75 -9.94 11.20 -1.25
CA PRO A 75 -9.84 10.59 -2.58
C PRO A 75 -9.12 11.49 -3.57
N GLU A 76 -9.38 12.79 -3.48
CA GLU A 76 -8.74 13.75 -4.38
C GLU A 76 -7.23 13.62 -4.35
N GLN A 77 -6.70 13.20 -3.19
CA GLN A 77 -5.27 13.04 -3.03
C GLN A 77 -4.74 11.93 -3.94
N TRP A 78 -5.56 10.93 -4.17
CA TRP A 78 -5.18 9.81 -5.03
C TRP A 78 -4.79 10.29 -6.42
N LYS A 79 -5.71 10.98 -7.09
CA LYS A 79 -5.45 11.50 -8.42
C LYS A 79 -4.53 12.72 -8.36
N SER A 80 -4.67 13.51 -7.30
CA SER A 80 -3.85 14.70 -7.13
C SER A 80 -2.37 14.34 -7.03
N HIS A 81 -2.08 13.29 -6.26
CA HIS A 81 -0.71 12.83 -6.07
C HIS A 81 -0.17 12.17 -7.34
N ARG A 82 1.13 11.99 -7.40
CA ARG A 82 1.77 11.38 -8.56
C ARG A 82 1.74 9.85 -8.45
N SER A 83 1.98 9.35 -7.25
CA SER A 83 1.99 7.91 -7.01
C SER A 83 2.05 7.60 -5.52
N TYR A 84 1.94 6.33 -5.17
CA TYR A 84 1.98 5.90 -3.79
C TYR A 84 3.15 4.95 -3.54
N SER A 85 3.55 4.82 -2.27
CA SER A 85 4.65 3.95 -1.91
C SER A 85 4.46 3.39 -0.50
N CYS A 86 4.85 2.14 -0.31
CA CYS A 86 4.72 1.49 0.99
C CYS A 86 6.09 1.16 1.57
N GLN A 87 6.46 1.86 2.63
CA GLN A 87 7.75 1.64 3.28
C GLN A 87 7.64 0.57 4.37
N VAL A 88 8.48 -0.44 4.30
CA VAL A 88 8.48 -1.52 5.27
C VAL A 88 9.90 -1.87 5.72
N THR A 89 10.05 -2.18 7.01
CA THR A 89 11.35 -2.53 7.55
C THR A 89 11.68 -4.00 7.30
N HIS A 90 12.55 -4.24 6.32
CA HIS A 90 12.94 -5.61 5.98
C HIS A 90 14.39 -5.64 5.49
N GLU A 91 15.19 -6.51 6.11
CA GLU A 91 16.59 -6.64 5.74
C GLU A 91 17.29 -5.28 5.74
N GLY A 92 16.81 -4.38 6.59
CA GLY A 92 17.39 -3.05 6.67
C GLY A 92 17.30 -2.29 5.36
N SER A 93 16.31 -2.64 4.55
CA SER A 93 16.12 -1.99 3.26
C SER A 93 14.66 -1.60 3.05
N THR A 94 14.43 -0.59 2.22
CA THR A 94 13.08 -0.13 1.93
C THR A 94 12.75 -0.24 0.45
N VAL A 95 11.51 -0.56 0.13
CA VAL A 95 11.07 -0.69 -1.25
C VAL A 95 10.22 0.50 -1.68
N GLU A 96 10.23 0.79 -2.97
CA GLU A 96 9.46 1.91 -3.51
C GLU A 96 8.87 1.56 -4.87
N LYS A 97 7.67 2.04 -5.13
CA LYS A 97 6.99 1.78 -6.40
C LYS A 97 6.09 2.95 -6.78
N THR A 98 5.74 3.02 -8.06
CA THR A 98 4.89 4.09 -8.56
C THR A 98 3.50 3.56 -8.93
N VAL A 99 2.47 4.11 -8.29
CA VAL A 99 1.11 3.68 -8.54
C VAL A 99 0.29 4.82 -9.16
N ALA A 100 -0.87 4.47 -9.73
CA ALA A 100 -1.73 5.46 -10.34
C ALA A 100 -3.16 4.94 -10.47
N PRO A 101 -4.13 5.86 -10.50
CA PRO A 101 -5.55 5.51 -10.62
C PRO A 101 -5.90 4.96 -12.00
N THR A 102 -5.44 5.66 -13.03
CA THR A 102 -5.70 5.23 -14.40
C THR A 102 -4.56 5.64 -15.33
N GLU A 103 -4.45 4.96 -16.47
CA GLU A 103 -3.41 5.25 -17.43
C GLU A 103 -3.99 5.86 -18.71
N SER A 104 -3.16 5.99 -19.73
CA SER A 104 -3.59 6.56 -21.01
C SER A 104 -4.83 5.84 -21.53
N SER A 105 -5.95 6.55 -21.52
CA SER A 105 -7.22 5.98 -21.99
C SER A 105 -8.01 7.00 -22.80
N GLU A 106 -7.54 7.26 -24.02
CA GLU A 106 -8.21 8.23 -24.90
C GLU A 106 -9.69 7.91 -25.03
N ASN A 107 -10.00 6.85 -25.77
CA ASN A 107 -11.38 6.45 -25.98
C ASN A 107 -11.54 4.94 -25.79
N LEU A 108 -12.51 4.55 -24.96
CA LEU A 108 -12.77 3.15 -24.68
C LEU A 108 -14.21 2.78 -25.02
N TYR A 109 -14.50 1.49 -25.03
CA TYR A 109 -15.84 1.00 -25.34
C TYR A 109 -16.87 1.62 -24.40
N PHE A 110 -18.12 1.23 -24.56
CA PHE A 110 -19.20 1.74 -23.72
C PHE A 110 -19.89 0.60 -22.97
N GLN A 111 -20.94 0.94 -22.22
CA GLN A 111 -21.69 -0.04 -21.46
C GLN A 111 -22.12 -1.20 -22.35
N GLN A 1 12.52 -21.75 9.51
CA GLN A 1 12.93 -21.30 8.19
C GLN A 1 13.72 -20.00 8.27
N PRO A 2 14.48 -19.71 7.20
CA PRO A 2 15.31 -18.51 7.12
C PRO A 2 14.48 -17.24 7.00
N LYS A 3 15.14 -16.12 6.78
CA LYS A 3 14.46 -14.83 6.64
C LYS A 3 13.99 -14.62 5.20
N ALA A 4 12.84 -13.98 5.04
CA ALA A 4 12.29 -13.70 3.72
C ALA A 4 11.97 -12.23 3.55
N ALA A 5 11.89 -11.78 2.30
CA ALA A 5 11.59 -10.39 2.00
C ALA A 5 10.09 -10.17 1.84
N PRO A 6 9.59 -9.03 2.35
CA PRO A 6 8.17 -8.68 2.27
C PRO A 6 7.73 -8.36 0.85
N SER A 7 6.64 -8.98 0.42
CA SER A 7 6.12 -8.76 -0.92
C SER A 7 5.44 -7.40 -1.02
N VAL A 8 5.27 -6.92 -2.24
CA VAL A 8 4.63 -5.62 -2.47
C VAL A 8 3.34 -5.79 -3.27
N THR A 9 2.22 -5.48 -2.64
CA THR A 9 0.92 -5.59 -3.29
C THR A 9 0.02 -4.41 -2.93
N LEU A 10 -0.29 -3.58 -3.92
CA LEU A 10 -1.14 -2.41 -3.70
C LEU A 10 -2.48 -2.58 -4.41
N PHE A 11 -3.56 -2.66 -3.64
CA PHE A 11 -4.89 -2.83 -4.19
C PHE A 11 -5.79 -1.66 -3.78
N PRO A 12 -5.73 -0.56 -4.54
CA PRO A 12 -6.52 0.64 -4.28
C PRO A 12 -8.00 0.42 -4.56
N PRO A 13 -8.84 1.32 -4.04
CA PRO A 13 -10.31 1.25 -4.22
C PRO A 13 -10.72 1.54 -5.65
N SER A 14 -12.03 1.51 -5.91
CA SER A 14 -12.56 1.77 -7.24
C SER A 14 -13.21 3.15 -7.31
N SER A 15 -13.72 3.50 -8.48
CA SER A 15 -14.37 4.79 -8.68
C SER A 15 -15.54 4.96 -7.72
N GLU A 16 -16.19 3.85 -7.38
CA GLU A 16 -17.33 3.89 -6.46
C GLU A 16 -16.94 4.52 -5.14
N GLU A 17 -15.72 4.25 -4.69
CA GLU A 17 -15.22 4.80 -3.43
C GLU A 17 -14.94 6.29 -3.56
N LEU A 18 -14.16 6.66 -4.56
CA LEU A 18 -13.81 8.06 -4.80
C LEU A 18 -15.07 8.92 -4.93
N GLN A 19 -16.10 8.36 -5.56
CA GLN A 19 -17.36 9.07 -5.75
C GLN A 19 -18.04 9.33 -4.41
N ALA A 20 -17.72 8.50 -3.42
CA ALA A 20 -18.30 8.64 -2.09
C ALA A 20 -17.41 9.48 -1.19
N ASN A 21 -16.48 10.21 -1.80
CA ASN A 21 -15.56 11.06 -1.04
C ASN A 21 -14.71 10.24 -0.09
N LYS A 22 -14.50 8.97 -0.44
CA LYS A 22 -13.69 8.07 0.38
C LYS A 22 -12.78 7.22 -0.48
N ALA A 23 -11.61 6.87 0.06
CA ALA A 23 -10.65 6.05 -0.66
C ALA A 23 -9.37 5.87 0.15
N THR A 24 -9.10 4.62 0.54
CA THR A 24 -7.93 4.29 1.33
C THR A 24 -7.14 3.16 0.70
N LEU A 25 -5.86 3.41 0.42
CA LEU A 25 -5.00 2.39 -0.18
C LEU A 25 -4.33 1.54 0.89
N VAL A 26 -4.35 0.22 0.69
CA VAL A 26 -3.75 -0.71 1.63
C VAL A 26 -2.74 -1.62 0.94
N CYS A 27 -1.61 -1.85 1.60
CA CYS A 27 -0.57 -2.70 1.05
C CYS A 27 -0.52 -4.05 1.76
N LEU A 28 -0.58 -5.13 0.99
CA LEU A 28 -0.55 -6.48 1.55
C LEU A 28 0.89 -6.92 1.84
N ILE A 29 1.08 -7.55 2.99
CA ILE A 29 2.40 -8.02 3.39
C ILE A 29 2.37 -9.51 3.74
N SER A 30 3.44 -10.22 3.37
CA SER A 30 3.53 -11.65 3.64
C SER A 30 4.95 -12.16 3.43
N ASP A 31 5.28 -13.27 4.06
CA ASP A 31 6.61 -13.86 3.94
C ASP A 31 7.69 -12.81 4.14
N PHE A 32 7.80 -12.31 5.36
CA PHE A 32 8.80 -11.29 5.68
C PHE A 32 9.36 -11.50 7.08
N TYR A 33 10.08 -10.51 7.59
CA TYR A 33 10.67 -10.59 8.92
C TYR A 33 9.75 -11.30 9.89
N PRO A 34 10.33 -11.84 10.97
CA PRO A 34 9.57 -12.55 12.00
C PRO A 34 8.68 -11.63 12.82
N GLY A 35 7.62 -11.14 12.19
CA GLY A 35 6.69 -10.24 12.88
C GLY A 35 7.33 -8.91 13.22
N ALA A 36 8.49 -8.64 12.63
CA ALA A 36 9.20 -7.39 12.88
C ALA A 36 9.23 -6.52 11.63
N VAL A 37 8.42 -5.47 11.62
CA VAL A 37 8.35 -4.56 10.48
C VAL A 37 7.84 -3.19 10.91
N THR A 38 7.84 -2.25 9.97
CA THR A 38 7.38 -0.90 10.24
C THR A 38 6.32 -0.46 9.24
N VAL A 39 5.36 0.35 9.70
CA VAL A 39 4.30 0.83 8.83
C VAL A 39 4.55 2.27 8.41
N ALA A 40 4.82 2.48 7.13
CA ALA A 40 5.08 3.80 6.60
C ALA A 40 4.57 3.94 5.17
N TRP A 41 4.04 5.11 4.84
CA TRP A 41 3.51 5.37 3.50
C TRP A 41 4.03 6.69 2.95
N LYS A 42 4.13 6.79 1.64
CA LYS A 42 4.61 8.00 0.99
C LYS A 42 4.17 8.05 -0.47
N ALA A 43 3.97 9.25 -0.99
CA ALA A 43 3.54 9.44 -2.38
C ALA A 43 4.75 9.54 -3.30
N ASP A 44 4.89 8.57 -4.19
CA ASP A 44 6.00 8.55 -5.15
C ASP A 44 7.34 8.68 -4.42
N SER A 45 7.88 9.90 -4.40
CA SER A 45 9.15 10.14 -3.74
C SER A 45 8.95 10.93 -2.45
N SER A 46 7.96 11.82 -2.45
CA SER A 46 7.66 12.63 -1.28
C SER A 46 6.83 11.85 -0.27
N PRO A 47 6.98 12.20 1.02
CA PRO A 47 6.25 11.55 2.11
C PRO A 47 4.77 11.88 2.09
N VAL A 48 3.96 11.01 2.71
CA VAL A 48 2.52 11.21 2.77
C VAL A 48 2.06 11.49 4.19
N LYS A 49 0.84 11.99 4.33
CA LYS A 49 0.28 12.30 5.63
C LYS A 49 0.70 11.26 6.67
N ALA A 50 0.67 10.00 6.27
CA ALA A 50 1.06 8.91 7.17
C ALA A 50 0.02 8.71 8.27
N GLY A 51 -1.25 8.81 7.90
CA GLY A 51 -2.31 8.64 8.88
C GLY A 51 -2.71 7.18 9.05
N VAL A 52 -1.73 6.33 9.32
CA VAL A 52 -1.99 4.90 9.51
C VAL A 52 -1.83 4.51 10.98
N GLU A 53 -2.58 3.49 11.39
CA GLU A 53 -2.52 3.01 12.77
C GLU A 53 -2.76 1.51 12.82
N THR A 54 -1.76 0.73 12.40
CA THR A 54 -1.86 -0.72 12.40
C THR A 54 -1.23 -1.31 13.66
N THR A 55 -1.47 -2.60 13.89
CA THR A 55 -0.93 -3.28 15.06
C THR A 55 0.06 -4.37 14.65
N THR A 56 0.76 -4.93 15.62
CA THR A 56 1.73 -5.97 15.36
C THR A 56 1.13 -7.08 14.50
N PRO A 57 1.96 -7.66 13.62
CA PRO A 57 1.53 -8.74 12.71
C PRO A 57 1.25 -10.03 13.46
N SER A 58 0.95 -11.09 12.70
CA SER A 58 0.66 -12.39 13.29
C SER A 58 1.22 -13.52 12.43
N LYS A 59 1.47 -14.67 13.04
CA LYS A 59 2.01 -15.82 12.33
C LYS A 59 0.90 -16.54 11.57
N GLN A 60 1.25 -17.09 10.41
CA GLN A 60 0.29 -17.81 9.58
C GLN A 60 0.73 -19.25 9.36
N SER A 61 -0.08 -20.00 8.62
CA SER A 61 0.22 -21.40 8.34
C SER A 61 1.50 -21.53 7.52
N ASN A 62 1.94 -20.40 6.95
CA ASN A 62 3.15 -20.40 6.13
C ASN A 62 4.40 -20.40 7.00
N ASN A 63 4.21 -20.50 8.31
CA ASN A 63 5.31 -20.52 9.25
C ASN A 63 5.96 -19.14 9.36
N LYS A 64 5.35 -18.16 8.72
CA LYS A 64 5.86 -16.80 8.73
C LYS A 64 4.77 -15.81 9.18
N TYR A 65 5.19 -14.60 9.51
CA TYR A 65 4.26 -13.57 9.97
C TYR A 65 3.83 -12.69 8.80
N ALA A 66 2.74 -11.94 9.00
CA ALA A 66 2.22 -11.04 7.97
C ALA A 66 1.56 -9.83 8.59
N ALA A 67 1.71 -8.68 7.93
CA ALA A 67 1.13 -7.43 8.41
C ALA A 67 0.37 -6.72 7.30
N SER A 68 -0.20 -5.57 7.63
CA SER A 68 -0.96 -4.79 6.66
C SER A 68 -1.02 -3.32 7.07
N SER A 69 -1.11 -2.44 6.08
CA SER A 69 -1.18 -1.00 6.34
C SER A 69 -2.07 -0.31 5.32
N TYR A 70 -2.98 0.52 5.81
CA TYR A 70 -3.90 1.26 4.93
C TYR A 70 -3.85 2.76 5.23
N LEU A 71 -3.55 3.54 4.19
CA LEU A 71 -3.47 4.99 4.34
C LEU A 71 -4.84 5.62 4.19
N SER A 72 -5.47 5.96 5.31
CA SER A 72 -6.79 6.58 5.30
C SER A 72 -6.70 8.06 4.98
N LEU A 73 -7.11 8.42 3.76
CA LEU A 73 -7.08 9.82 3.33
C LEU A 73 -8.16 10.08 2.28
N THR A 74 -8.26 11.34 1.85
CA THR A 74 -9.25 11.73 0.86
C THR A 74 -8.96 11.06 -0.48
N PRO A 75 -10.02 10.86 -1.28
CA PRO A 75 -9.92 10.23 -2.60
C PRO A 75 -9.20 11.12 -3.61
N GLU A 76 -9.52 12.41 -3.58
CA GLU A 76 -8.91 13.38 -4.49
C GLU A 76 -7.39 13.29 -4.44
N GLN A 77 -6.86 12.90 -3.28
CA GLN A 77 -5.43 12.77 -3.09
C GLN A 77 -4.85 11.68 -3.98
N TRP A 78 -5.67 10.66 -4.25
CA TRP A 78 -5.24 9.54 -5.09
C TRP A 78 -4.91 10.02 -6.50
N LYS A 79 -5.90 10.59 -7.17
CA LYS A 79 -5.73 11.09 -8.53
C LYS A 79 -4.76 12.28 -8.55
N SER A 80 -4.86 13.13 -7.54
CA SER A 80 -4.00 14.31 -7.45
C SER A 80 -2.54 13.90 -7.28
N HIS A 81 -2.32 12.81 -6.53
CA HIS A 81 -0.96 12.32 -6.30
C HIS A 81 -0.38 11.72 -7.57
N ARG A 82 0.94 11.53 -7.57
CA ARG A 82 1.62 10.95 -8.73
C ARG A 82 1.72 9.44 -8.61
N SER A 83 1.90 8.96 -7.38
CA SER A 83 2.02 7.53 -7.13
C SER A 83 2.08 7.25 -5.63
N TYR A 84 1.95 5.97 -5.27
CA TYR A 84 1.99 5.57 -3.87
C TYR A 84 3.15 4.63 -3.61
N SER A 85 3.58 4.55 -2.35
CA SER A 85 4.68 3.69 -1.97
C SER A 85 4.51 3.18 -0.54
N CYS A 86 4.84 1.91 -0.32
CA CYS A 86 4.72 1.30 1.00
C CYS A 86 6.10 0.99 1.58
N GLN A 87 6.48 1.74 2.61
CA GLN A 87 7.78 1.55 3.25
C GLN A 87 7.68 0.52 4.37
N VAL A 88 8.60 -0.44 4.37
CA VAL A 88 8.61 -1.48 5.39
C VAL A 88 10.03 -1.74 5.89
N THR A 89 10.15 -1.96 7.20
CA THR A 89 11.45 -2.22 7.80
C THR A 89 11.85 -3.68 7.65
N HIS A 90 12.76 -3.95 6.73
CA HIS A 90 13.23 -5.31 6.49
C HIS A 90 14.71 -5.32 6.11
N GLU A 91 15.53 -5.93 6.96
CA GLU A 91 16.97 -6.00 6.73
C GLU A 91 17.54 -4.62 6.48
N GLY A 92 16.93 -3.61 7.10
CA GLY A 92 17.41 -2.25 6.94
C GLY A 92 17.27 -1.74 5.52
N SER A 93 16.31 -2.31 4.79
CA SER A 93 16.08 -1.93 3.40
C SER A 93 14.64 -1.49 3.19
N THR A 94 14.40 -0.68 2.17
CA THR A 94 13.07 -0.19 1.87
C THR A 94 12.75 -0.35 0.38
N VAL A 95 11.49 -0.66 0.09
CA VAL A 95 11.05 -0.84 -1.29
C VAL A 95 10.20 0.34 -1.76
N GLU A 96 10.21 0.58 -3.06
CA GLU A 96 9.43 1.67 -3.63
C GLU A 96 8.83 1.28 -4.98
N LYS A 97 7.62 1.75 -5.24
CA LYS A 97 6.93 1.45 -6.49
C LYS A 97 6.02 2.59 -6.90
N THR A 98 5.66 2.63 -8.18
CA THR A 98 4.78 3.68 -8.71
C THR A 98 3.40 3.13 -9.02
N VAL A 99 2.38 3.76 -8.46
CA VAL A 99 1.00 3.34 -8.68
C VAL A 99 0.17 4.48 -9.28
N ALA A 100 -0.99 4.13 -9.82
CA ALA A 100 -1.88 5.11 -10.42
C ALA A 100 -3.28 4.55 -10.61
N PRO A 101 -4.29 5.43 -10.60
CA PRO A 101 -5.69 5.04 -10.77
C PRO A 101 -6.00 4.58 -12.18
N THR A 102 -5.56 5.36 -13.16
CA THR A 102 -5.79 5.04 -14.57
C THR A 102 -4.60 5.48 -15.43
N GLU A 103 -4.14 4.59 -16.30
CA GLU A 103 -3.03 4.89 -17.19
C GLU A 103 -3.42 4.70 -18.65
N SER A 104 -4.66 5.04 -18.97
CA SER A 104 -5.16 4.90 -20.34
C SER A 104 -6.60 5.41 -20.44
N SER A 105 -6.83 6.33 -21.37
CA SER A 105 -8.15 6.91 -21.57
C SER A 105 -8.42 7.13 -23.06
N GLU A 106 -8.39 6.05 -23.83
CA GLU A 106 -8.64 6.12 -25.26
C GLU A 106 -10.03 6.68 -25.54
N ASN A 107 -10.43 6.66 -26.82
CA ASN A 107 -11.72 7.15 -27.22
C ASN A 107 -12.83 6.17 -26.84
N LEU A 108 -13.11 6.08 -25.56
CA LEU A 108 -14.15 5.18 -25.06
C LEU A 108 -15.54 5.70 -25.41
N TYR A 109 -16.49 4.79 -25.53
CA TYR A 109 -17.86 5.15 -25.86
C TYR A 109 -18.66 5.49 -24.60
N PHE A 110 -19.95 5.73 -24.77
CA PHE A 110 -20.82 6.06 -23.65
C PHE A 110 -21.94 5.04 -23.50
N GLN A 111 -21.61 3.77 -23.76
CA GLN A 111 -22.60 2.70 -23.66
C GLN A 111 -22.09 1.58 -22.75
#